data_1TT5
#
_entry.id   1TT5
#
_cell.length_a   92.410
_cell.length_b   122.770
_cell.length_c   195.910
_cell.angle_alpha   90.00
_cell.angle_beta   90.00
_cell.angle_gamma   90.00
#
_symmetry.space_group_name_H-M   'P 21 21 21'
#
loop_
_entity.id
_entity.type
_entity.pdbx_description
1 polymer 'amyloid protein-binding protein 1'
2 polymer 'ubiquitin-activating enzyme E1C isoform 1'
3 polymer 'Ubiquitin-conjugating enzyme E2 M'
4 non-polymer 'ZINC ION'
5 water water
#
loop_
_entity_poly.entity_id
_entity_poly.type
_entity_poly.pdbx_seq_one_letter_code
_entity_poly.pdbx_strand_id
1 'polypeptide(L)'
;GSMAQLGKLLKEQKYDRQLRLWGDHGQEALESAHVCLINATATGTEILKNLVLPGIGSFTIIDGNQVSGEDAGNNFFLQR
SSIGKNRAEAAMEFLQELNSDVSGSFVEESPENLLDNDPSFFCRFTVVVATQLPESTSLRLADVLWNSQIPLLICRTYGL
VGYMRIIIKEHPVIESHPDNALEDLRLDKPFPELREHFQSYDLDHMEKKDHSHTPWIVIIAKYLAQWYSETNGRIPKTYK
EKEDFRDLIRQGILKPEDEENFEEAIKNVNTALNTTQIPSSIEDIFNDDRCINITKQTPSFWILARALKEFVAKEGQGNL
PVRGTIPDMIADSGKYIKLQNVYREKAKKDAAAVGNHVAKLLQSIGQAPESISEKELKLLCSNSAFLRVVRCRSLAEEYG
LDTINKDEIISSMDNPDNEIVLYLMLRAVDRFHKQQGRYPGVSNYQVEEDIGKLKSCLTGFLQEYGLSVMVKDDYVHEFC
RYGAAEPHTIAAFLGGAAAQEVIKIITKQFVIFNNTYIYSGMSQTSATFQL
;
A,C
2 'polypeptide(L)'
;MKLDWEGRWNHVKKFLERSGPFTHPDFEPSTESLQFLLDTCKVLVIGAGGLGCELLKNLALSGFRQIHVIDMDTIDVSNL
NRQFLFRPKDIGRPKAEVAAEFLNDRVPNCNVVPHFNKIQDFNDTFYRQFHIIVCGLDSIIARRWINGMLISLLNYEDGV
LDPSSIVPLIDGGTEGFKGNARVILPGMTACIECTLELYPPQVNFPMCTIASMPRLPEHCIEYVRMLQWPKEQPFGEGVP
LDGDDPEHIQWIFQKSLERASQYNIRGVTYRLTQGVVKRIIPAVASTNAVIAAVCATEVFKIATSAYIPLNNYLVFNDVD
GLYTYTFEAERKENCPACSQLPQNIQFSPSAKLQEVLDYLTNSASLQMKSPAITATLEGKNRTLYLQSVTSIEERTRPNL
SKTLKELGLVDGQELAVADVTTPQTVLFKLHFTS
;
B,D
3 'polypeptide(L)' MIKLFSLKQQKKEEESAGGTKGSSKK E,F
#
# COMPACT_ATOMS: atom_id res chain seq x y z
N MET A 3 -12.77 -35.16 -7.18
CA MET A 3 -13.09 -33.78 -6.71
C MET A 3 -14.54 -33.70 -6.26
N ALA A 4 -15.23 -34.84 -6.27
CA ALA A 4 -16.64 -34.91 -5.88
C ALA A 4 -16.93 -34.30 -4.51
N GLN A 5 -16.24 -34.80 -3.47
CA GLN A 5 -16.44 -34.30 -2.11
C GLN A 5 -15.63 -33.04 -1.81
N LEU A 6 -14.57 -32.81 -2.59
CA LEU A 6 -13.73 -31.63 -2.41
C LEU A 6 -14.45 -30.44 -3.02
N GLY A 7 -15.63 -30.73 -3.57
CA GLY A 7 -16.49 -29.72 -4.18
C GLY A 7 -17.69 -29.54 -3.26
N LYS A 8 -17.99 -30.58 -2.50
CA LYS A 8 -19.10 -30.57 -1.56
C LYS A 8 -18.75 -29.59 -0.44
N LEU A 9 -17.55 -29.74 0.12
CA LEU A 9 -17.05 -28.86 1.19
C LEU A 9 -16.55 -27.55 0.59
N LEU A 10 -16.14 -27.59 -0.67
CA LEU A 10 -15.66 -26.41 -1.38
C LEU A 10 -16.82 -25.41 -1.42
N LYS A 11 -18.03 -25.93 -1.57
CA LYS A 11 -19.21 -25.09 -1.63
C LYS A 11 -19.57 -24.63 -0.22
N GLU A 12 -19.52 -25.55 0.74
CA GLU A 12 -19.85 -25.21 2.12
C GLU A 12 -19.10 -24.00 2.64
N GLN A 13 -17.83 -23.89 2.26
CA GLN A 13 -16.99 -22.79 2.74
C GLN A 13 -17.23 -21.56 1.86
N LYS A 14 -17.43 -21.81 0.57
CA LYS A 14 -17.69 -20.75 -0.40
C LYS A 14 -18.99 -20.00 -0.10
N TYR A 15 -20.06 -20.74 0.21
CA TYR A 15 -21.37 -20.16 0.49
C TYR A 15 -21.73 -20.06 1.97
N ASP A 16 -20.75 -20.14 2.85
CA ASP A 16 -21.02 -20.06 4.29
C ASP A 16 -21.83 -18.85 4.72
N ARG A 17 -21.40 -17.64 4.31
CA ARG A 17 -22.11 -16.42 4.70
C ARG A 17 -23.58 -16.41 4.30
N GLN A 18 -23.96 -17.14 3.26
CA GLN A 18 -25.36 -17.18 2.83
C GLN A 18 -26.09 -18.42 3.31
N LEU A 19 -25.35 -19.52 3.50
CA LEU A 19 -25.96 -20.74 4.01
C LEU A 19 -26.54 -20.42 5.37
N ARG A 20 -25.99 -19.39 6.01
CA ARG A 20 -26.45 -18.95 7.31
C ARG A 20 -27.73 -18.12 7.23
N LEU A 21 -28.24 -17.93 6.01
CA LEU A 21 -29.46 -17.15 5.80
C LEU A 21 -30.61 -18.02 5.31
N TRP A 22 -30.37 -18.85 4.31
CA TRP A 22 -31.44 -19.70 3.78
C TRP A 22 -31.19 -21.20 3.91
N GLY A 23 -30.10 -21.56 4.58
CA GLY A 23 -29.79 -22.96 4.80
C GLY A 23 -29.37 -23.83 3.61
N ASP A 24 -29.15 -25.11 3.91
CA ASP A 24 -28.75 -26.07 2.91
C ASP A 24 -29.92 -26.31 1.96
N HIS A 25 -31.14 -26.28 2.48
CA HIS A 25 -32.28 -26.49 1.63
C HIS A 25 -32.42 -25.34 0.64
N GLY A 26 -32.24 -24.11 1.13
CA GLY A 26 -32.33 -22.96 0.27
C GLY A 26 -31.27 -23.00 -0.81
N GLN A 27 -30.06 -23.37 -0.43
CA GLN A 27 -28.94 -23.46 -1.37
C GLN A 27 -29.29 -24.48 -2.45
N GLU A 28 -29.94 -25.56 -2.03
CA GLU A 28 -30.34 -26.64 -2.95
C GLU A 28 -31.33 -26.16 -3.98
N ALA A 29 -32.39 -25.50 -3.52
CA ALA A 29 -33.40 -24.98 -4.43
C ALA A 29 -32.72 -24.09 -5.43
N LEU A 30 -31.83 -23.23 -4.93
CA LEU A 30 -31.12 -22.30 -5.79
C LEU A 30 -30.29 -23.02 -6.86
N GLU A 31 -29.51 -24.01 -6.45
CA GLU A 31 -28.66 -24.75 -7.38
C GLU A 31 -29.41 -25.66 -8.38
N SER A 32 -30.72 -25.83 -8.20
CA SER A 32 -31.54 -26.66 -9.09
C SER A 32 -32.28 -25.79 -10.10
N ALA A 33 -32.26 -24.49 -9.87
CA ALA A 33 -32.98 -23.56 -10.72
C ALA A 33 -32.28 -23.17 -12.00
N HIS A 34 -33.08 -22.79 -12.99
CA HIS A 34 -32.52 -22.32 -14.24
C HIS A 34 -33.21 -20.99 -14.47
N VAL A 35 -32.45 -19.91 -14.49
CA VAL A 35 -33.04 -18.61 -14.68
C VAL A 35 -32.76 -18.09 -16.08
N CYS A 36 -33.73 -17.39 -16.62
CA CYS A 36 -33.60 -16.82 -17.94
C CYS A 36 -33.55 -15.32 -17.82
N LEU A 37 -32.66 -14.70 -18.57
CA LEU A 37 -32.52 -13.25 -18.59
C LEU A 37 -32.66 -12.75 -20.02
N ILE A 38 -33.57 -11.82 -20.23
CA ILE A 38 -33.77 -11.23 -21.54
C ILE A 38 -33.10 -9.82 -21.59
N ASN A 39 -32.10 -9.62 -22.47
CA ASN A 39 -31.41 -8.34 -22.75
C ASN A 39 -30.32 -8.01 -21.73
N ALA A 40 -29.17 -8.65 -21.94
CA ALA A 40 -27.98 -8.35 -21.07
C ALA A 40 -27.36 -6.93 -21.03
N THR A 41 -28.16 -5.87 -20.86
CA THR A 41 -27.55 -4.54 -20.62
C THR A 41 -27.22 -4.44 -19.11
N ALA A 42 -26.82 -3.26 -18.64
CA ALA A 42 -26.45 -3.07 -17.24
C ALA A 42 -27.42 -3.70 -16.22
N THR A 43 -28.70 -3.40 -16.34
CA THR A 43 -29.69 -3.95 -15.43
C THR A 43 -29.67 -5.48 -15.35
N GLY A 44 -29.66 -6.14 -16.50
CA GLY A 44 -29.64 -7.59 -16.57
C GLY A 44 -28.36 -8.25 -16.07
N THR A 45 -27.19 -7.73 -16.43
CA THR A 45 -25.96 -8.38 -15.94
C THR A 45 -25.81 -8.13 -14.45
N GLU A 46 -26.26 -6.98 -13.97
CA GLU A 46 -26.18 -6.69 -12.54
C GLU A 46 -27.06 -7.70 -11.80
N ILE A 47 -28.31 -7.85 -12.22
CA ILE A 47 -29.22 -8.81 -11.60
C ILE A 47 -28.60 -10.21 -11.67
N LEU A 48 -28.15 -10.58 -12.86
CA LEU A 48 -27.56 -11.88 -13.08
C LEU A 48 -26.33 -12.16 -12.21
N LYS A 49 -25.44 -11.18 -12.11
CA LYS A 49 -24.26 -11.36 -11.28
C LYS A 49 -24.66 -11.69 -9.84
N ASN A 50 -25.70 -11.03 -9.35
CA ASN A 50 -26.18 -11.24 -7.98
C ASN A 50 -26.81 -12.64 -7.83
N LEU A 51 -27.13 -13.27 -8.96
CA LEU A 51 -27.69 -14.60 -8.91
C LEU A 51 -26.58 -15.61 -9.15
N VAL A 52 -25.60 -15.23 -9.95
CA VAL A 52 -24.50 -16.15 -10.24
C VAL A 52 -23.53 -16.32 -9.06
N LEU A 53 -23.24 -15.24 -8.36
CA LEU A 53 -22.33 -15.31 -7.20
C LEU A 53 -22.83 -16.30 -6.14
N PRO A 54 -24.13 -16.27 -5.82
CA PRO A 54 -24.60 -17.20 -4.80
C PRO A 54 -24.76 -18.65 -5.28
N GLY A 55 -24.57 -18.90 -6.58
CA GLY A 55 -24.64 -20.25 -7.08
C GLY A 55 -25.92 -20.74 -7.71
N ILE A 56 -26.56 -19.90 -8.50
CA ILE A 56 -27.79 -20.31 -9.16
C ILE A 56 -27.38 -21.48 -10.06
N GLY A 57 -28.21 -22.52 -10.09
CA GLY A 57 -27.91 -23.69 -10.89
C GLY A 57 -27.45 -23.40 -12.31
N SER A 58 -28.21 -22.55 -13.00
CA SER A 58 -27.86 -22.24 -14.38
C SER A 58 -28.60 -21.02 -14.91
N PHE A 59 -28.20 -20.54 -16.08
CA PHE A 59 -28.86 -19.39 -16.68
C PHE A 59 -28.71 -19.37 -18.19
N THR A 60 -29.60 -18.65 -18.85
CA THR A 60 -29.57 -18.54 -20.29
C THR A 60 -29.98 -17.12 -20.63
N ILE A 61 -29.06 -16.39 -21.27
CA ILE A 61 -29.33 -15.00 -21.66
C ILE A 61 -29.99 -14.97 -23.05
N ILE A 62 -31.06 -14.20 -23.20
CA ILE A 62 -31.74 -14.05 -24.48
C ILE A 62 -31.53 -12.62 -24.94
N ASP A 63 -30.77 -12.43 -26.01
CA ASP A 63 -30.52 -11.07 -26.48
C ASP A 63 -30.20 -11.12 -27.98
N GLY A 64 -30.91 -10.32 -28.77
CA GLY A 64 -30.66 -10.30 -30.19
C GLY A 64 -29.91 -9.07 -30.66
N ASN A 65 -29.57 -8.17 -29.73
CA ASN A 65 -28.87 -6.93 -30.06
C ASN A 65 -27.34 -7.08 -30.11
N GLN A 66 -26.68 -6.07 -30.65
CA GLN A 66 -25.24 -6.05 -30.72
C GLN A 66 -24.77 -5.12 -29.59
N VAL A 67 -23.53 -5.27 -29.16
CA VAL A 67 -23.03 -4.40 -28.09
C VAL A 67 -22.70 -3.02 -28.63
N SER A 68 -23.29 -2.00 -28.02
CA SER A 68 -23.04 -0.62 -28.41
C SER A 68 -21.90 -0.05 -27.56
N GLY A 69 -21.47 1.17 -27.91
CA GLY A 69 -20.40 1.82 -27.19
C GLY A 69 -20.84 2.12 -25.77
N GLU A 70 -21.99 2.75 -25.64
CA GLU A 70 -22.51 3.08 -24.31
C GLU A 70 -22.85 1.79 -23.56
N ASP A 71 -23.00 0.69 -24.30
CA ASP A 71 -23.26 -0.59 -23.64
C ASP A 71 -22.02 -0.96 -22.86
N ALA A 72 -20.87 -0.93 -23.53
CA ALA A 72 -19.61 -1.29 -22.91
C ALA A 72 -19.20 -0.25 -21.87
N GLY A 73 -19.80 0.93 -21.96
CA GLY A 73 -19.48 2.00 -21.03
C GLY A 73 -20.19 1.93 -19.70
N ASN A 74 -21.30 1.21 -19.61
CA ASN A 74 -22.04 1.12 -18.35
C ASN A 74 -22.23 -0.30 -17.84
N ASN A 75 -21.56 -1.28 -18.44
CA ASN A 75 -21.73 -2.69 -18.05
C ASN A 75 -20.43 -3.32 -17.53
N PHE A 76 -20.43 -3.85 -16.32
CA PHE A 76 -19.21 -4.45 -15.80
C PHE A 76 -18.93 -5.77 -16.50
N PHE A 77 -19.93 -6.28 -17.21
CA PHE A 77 -19.75 -7.56 -17.87
C PHE A 77 -19.76 -7.52 -19.40
N LEU A 78 -19.20 -6.42 -19.90
CA LEU A 78 -19.02 -6.21 -21.32
C LEU A 78 -17.71 -5.43 -21.42
N GLN A 79 -17.18 -5.30 -22.61
CA GLN A 79 -15.92 -4.57 -22.80
C GLN A 79 -15.83 -3.94 -24.17
N ARG A 80 -14.86 -3.05 -24.30
CA ARG A 80 -14.62 -2.33 -25.55
C ARG A 80 -14.57 -3.33 -26.70
N SER A 81 -13.88 -4.45 -26.49
CA SER A 81 -13.74 -5.47 -27.52
C SER A 81 -15.07 -6.14 -27.87
N SER A 82 -16.06 -5.98 -27.00
CA SER A 82 -17.37 -6.59 -27.23
C SER A 82 -18.22 -5.77 -28.20
N ILE A 83 -17.84 -4.51 -28.42
CA ILE A 83 -18.60 -3.66 -29.32
C ILE A 83 -18.77 -4.26 -30.72
N GLY A 84 -20.03 -4.42 -31.14
CA GLY A 84 -20.31 -4.96 -32.44
C GLY A 84 -20.74 -6.41 -32.40
N LYS A 85 -20.37 -7.11 -31.33
CA LYS A 85 -20.72 -8.51 -31.21
C LYS A 85 -22.08 -8.69 -30.54
N ASN A 86 -22.55 -9.93 -30.49
CA ASN A 86 -23.82 -10.24 -29.85
C ASN A 86 -23.71 -10.03 -28.33
N ARG A 87 -24.60 -9.20 -27.80
CA ARG A 87 -24.58 -8.87 -26.39
C ARG A 87 -24.82 -10.08 -25.47
N ALA A 88 -25.76 -10.95 -25.84
CA ALA A 88 -26.04 -12.13 -25.01
C ALA A 88 -24.79 -12.98 -24.87
N GLU A 89 -24.09 -13.18 -25.97
CA GLU A 89 -22.87 -13.99 -25.97
C GLU A 89 -21.76 -13.33 -25.18
N ALA A 90 -21.52 -12.06 -25.46
CA ALA A 90 -20.47 -11.32 -24.77
C ALA A 90 -20.69 -11.27 -23.24
N ALA A 91 -21.92 -11.09 -22.80
CA ALA A 91 -22.22 -11.03 -21.38
C ALA A 91 -21.98 -12.35 -20.65
N MET A 92 -22.42 -13.45 -21.24
CA MET A 92 -22.25 -14.75 -20.61
C MET A 92 -20.78 -15.06 -20.31
N GLU A 93 -19.91 -14.84 -21.28
CA GLU A 93 -18.49 -15.12 -21.11
C GLU A 93 -17.95 -14.48 -19.85
N PHE A 94 -18.27 -13.21 -19.64
CA PHE A 94 -17.81 -12.50 -18.44
C PHE A 94 -18.55 -12.91 -17.17
N LEU A 95 -19.86 -13.11 -17.27
CA LEU A 95 -20.63 -13.51 -16.10
C LEU A 95 -20.21 -14.90 -15.66
N GLN A 96 -20.00 -15.78 -16.64
CA GLN A 96 -19.58 -17.14 -16.38
C GLN A 96 -18.30 -17.19 -15.55
N GLU A 97 -17.40 -16.24 -15.78
CA GLU A 97 -16.14 -16.21 -15.05
C GLU A 97 -16.34 -16.03 -13.54
N LEU A 98 -17.50 -15.52 -13.14
CA LEU A 98 -17.78 -15.26 -11.73
C LEU A 98 -17.97 -16.53 -10.87
N ASN A 99 -18.45 -17.60 -11.47
CA ASN A 99 -18.70 -18.81 -10.69
C ASN A 99 -18.72 -20.01 -11.61
N SER A 100 -17.78 -20.94 -11.43
CA SER A 100 -17.71 -22.12 -12.28
C SER A 100 -18.71 -23.22 -11.90
N ASP A 101 -19.40 -23.05 -10.79
CA ASP A 101 -20.38 -24.02 -10.35
C ASP A 101 -21.72 -23.72 -10.97
N VAL A 102 -21.72 -22.72 -11.84
CA VAL A 102 -22.94 -22.30 -12.52
C VAL A 102 -22.74 -22.53 -14.00
N SER A 103 -23.80 -22.93 -14.71
CA SER A 103 -23.66 -23.15 -16.14
C SER A 103 -24.36 -22.05 -16.95
N GLY A 104 -23.56 -21.27 -17.67
CA GLY A 104 -24.09 -20.20 -18.46
C GLY A 104 -24.52 -20.66 -19.84
N SER A 105 -25.33 -19.84 -20.49
CA SER A 105 -25.83 -20.16 -21.81
C SER A 105 -26.55 -18.95 -22.38
N PHE A 106 -26.74 -18.95 -23.70
CA PHE A 106 -27.41 -17.84 -24.33
C PHE A 106 -28.13 -18.26 -25.62
N VAL A 107 -28.82 -17.31 -26.22
CA VAL A 107 -29.54 -17.52 -27.46
C VAL A 107 -29.51 -16.16 -28.14
N GLU A 108 -28.87 -16.11 -29.30
CA GLU A 108 -28.74 -14.86 -30.04
C GLU A 108 -30.00 -14.39 -30.74
N GLU A 109 -31.14 -14.65 -30.13
CA GLU A 109 -32.42 -14.22 -30.68
C GLU A 109 -33.08 -13.15 -29.82
N SER A 110 -34.16 -12.58 -30.31
CA SER A 110 -34.86 -11.57 -29.55
C SER A 110 -36.03 -12.27 -28.90
N PRO A 111 -36.56 -11.72 -27.79
CA PRO A 111 -37.69 -12.39 -27.15
C PRO A 111 -38.89 -12.46 -28.08
N GLU A 112 -39.11 -11.40 -28.87
CA GLU A 112 -40.22 -11.36 -29.81
C GLU A 112 -40.14 -12.56 -30.77
N ASN A 113 -38.92 -12.81 -31.24
CA ASN A 113 -38.65 -13.89 -32.16
C ASN A 113 -38.95 -15.25 -31.55
N LEU A 114 -38.52 -15.45 -30.30
CA LEU A 114 -38.74 -16.72 -29.62
C LEU A 114 -40.22 -16.90 -29.29
N LEU A 115 -40.97 -15.81 -29.30
CA LEU A 115 -42.39 -15.87 -29.00
C LEU A 115 -43.17 -16.35 -30.22
N ASP A 116 -42.71 -15.95 -31.40
CA ASP A 116 -43.35 -16.33 -32.65
C ASP A 116 -43.08 -17.78 -33.03
N ASN A 117 -41.82 -18.20 -32.94
CA ASN A 117 -41.44 -19.56 -33.29
C ASN A 117 -41.55 -20.58 -32.16
N ASP A 118 -40.80 -20.38 -31.08
CA ASP A 118 -40.84 -21.33 -29.98
C ASP A 118 -41.36 -20.76 -28.67
N PRO A 119 -42.68 -20.51 -28.58
CA PRO A 119 -43.30 -19.98 -27.37
C PRO A 119 -43.03 -20.83 -26.14
N SER A 120 -43.04 -22.15 -26.32
CA SER A 120 -42.81 -23.07 -25.21
C SER A 120 -41.38 -23.02 -24.70
N PHE A 121 -40.51 -22.37 -25.47
CA PHE A 121 -39.10 -22.23 -25.10
C PHE A 121 -38.92 -21.77 -23.64
N PHE A 122 -39.74 -20.83 -23.19
CA PHE A 122 -39.62 -20.33 -21.84
C PHE A 122 -40.10 -21.30 -20.77
N CYS A 123 -40.65 -22.42 -21.19
CA CYS A 123 -41.15 -23.41 -20.23
C CYS A 123 -40.04 -24.08 -19.44
N ARG A 124 -38.82 -24.00 -19.95
CA ARG A 124 -37.68 -24.65 -19.30
C ARG A 124 -37.09 -23.94 -18.08
N PHE A 125 -37.53 -22.71 -17.82
CA PHE A 125 -36.96 -21.97 -16.70
C PHE A 125 -37.76 -21.92 -15.41
N THR A 126 -37.05 -21.86 -14.29
CA THR A 126 -37.65 -21.77 -12.98
C THR A 126 -38.28 -20.39 -12.88
N VAL A 127 -37.58 -19.41 -13.43
CA VAL A 127 -38.01 -18.02 -13.42
C VAL A 127 -37.45 -17.27 -14.62
N VAL A 128 -38.21 -16.30 -15.09
CA VAL A 128 -37.81 -15.48 -16.22
C VAL A 128 -37.71 -14.02 -15.75
N VAL A 129 -36.56 -13.41 -16.02
CA VAL A 129 -36.33 -12.02 -15.64
C VAL A 129 -36.17 -11.27 -16.94
N ALA A 130 -37.05 -10.31 -17.20
CA ALA A 130 -36.97 -9.52 -18.42
C ALA A 130 -36.56 -8.11 -18.06
N THR A 131 -35.71 -7.52 -18.88
CA THR A 131 -35.22 -6.18 -18.62
C THR A 131 -35.28 -5.30 -19.86
N GLN A 132 -35.35 -3.99 -19.66
CA GLN A 132 -35.39 -3.04 -20.76
C GLN A 132 -36.31 -3.47 -21.91
N LEU A 133 -37.48 -4.01 -21.59
CA LEU A 133 -38.41 -4.44 -22.64
C LEU A 133 -39.49 -3.43 -22.98
N PRO A 134 -39.85 -3.33 -24.27
CA PRO A 134 -40.89 -2.39 -24.70
C PRO A 134 -42.24 -2.93 -24.23
N GLU A 135 -43.23 -2.03 -24.14
CA GLU A 135 -44.56 -2.41 -23.68
C GLU A 135 -45.17 -3.63 -24.39
N SER A 136 -45.13 -3.64 -25.71
CA SER A 136 -45.70 -4.73 -26.49
C SER A 136 -45.05 -6.08 -26.22
N THR A 137 -43.72 -6.11 -26.15
CA THR A 137 -43.02 -7.35 -25.89
C THR A 137 -43.38 -7.86 -24.49
N SER A 138 -43.51 -6.94 -23.53
CA SER A 138 -43.85 -7.34 -22.16
C SER A 138 -45.21 -7.98 -22.04
N LEU A 139 -46.24 -7.29 -22.52
CA LEU A 139 -47.60 -7.83 -22.47
C LEU A 139 -47.66 -9.19 -23.15
N ARG A 140 -46.99 -9.29 -24.29
CA ARG A 140 -46.98 -10.55 -25.02
C ARG A 140 -46.22 -11.60 -24.24
N LEU A 141 -45.13 -11.20 -23.60
CA LEU A 141 -44.35 -12.16 -22.83
C LEU A 141 -45.13 -12.58 -21.57
N ALA A 142 -45.86 -11.64 -20.98
CA ALA A 142 -46.61 -11.91 -19.77
C ALA A 142 -47.67 -13.00 -19.98
N ASP A 143 -48.45 -12.85 -21.05
CA ASP A 143 -49.51 -13.79 -21.43
C ASP A 143 -49.02 -15.23 -21.47
N VAL A 144 -48.02 -15.49 -22.31
CA VAL A 144 -47.47 -16.83 -22.43
C VAL A 144 -47.11 -17.38 -21.06
N LEU A 145 -46.21 -16.67 -20.39
CA LEU A 145 -45.73 -17.06 -19.07
C LEU A 145 -46.84 -17.20 -18.05
N TRP A 146 -47.82 -16.29 -18.10
CA TRP A 146 -48.93 -16.38 -17.17
C TRP A 146 -49.72 -17.66 -17.43
N ASN A 147 -49.91 -18.00 -18.70
CA ASN A 147 -50.64 -19.21 -19.05
C ASN A 147 -49.82 -20.46 -18.83
N SER A 148 -48.51 -20.27 -18.68
CA SER A 148 -47.59 -21.39 -18.48
C SER A 148 -47.20 -21.60 -17.03
N GLN A 149 -47.75 -20.79 -16.13
CA GLN A 149 -47.45 -20.92 -14.72
C GLN A 149 -45.98 -20.58 -14.42
N ILE A 150 -45.34 -19.89 -15.36
CA ILE A 150 -43.93 -19.52 -15.19
C ILE A 150 -43.72 -18.13 -14.55
N PRO A 151 -43.09 -18.10 -13.37
CA PRO A 151 -42.80 -16.87 -12.62
C PRO A 151 -42.06 -15.87 -13.49
N LEU A 152 -42.54 -14.62 -13.47
CA LEU A 152 -41.96 -13.55 -14.26
C LEU A 152 -41.67 -12.26 -13.47
N LEU A 153 -40.47 -11.71 -13.70
CA LEU A 153 -40.10 -10.46 -13.04
C LEU A 153 -39.66 -9.48 -14.12
N ILE A 154 -40.41 -8.41 -14.31
CA ILE A 154 -40.06 -7.41 -15.31
C ILE A 154 -39.35 -6.26 -14.59
N CYS A 155 -38.12 -5.98 -15.03
CA CYS A 155 -37.31 -4.93 -14.43
C CYS A 155 -36.88 -3.88 -15.45
N ARG A 156 -37.00 -2.61 -15.11
CA ARG A 156 -36.57 -1.55 -16.03
C ARG A 156 -35.87 -0.39 -15.36
N THR A 157 -34.75 0.03 -15.97
CA THR A 157 -33.99 1.16 -15.47
C THR A 157 -34.17 2.25 -16.51
N TYR A 158 -34.74 3.38 -16.10
CA TYR A 158 -34.93 4.50 -17.03
C TYR A 158 -34.43 5.76 -16.32
N GLY A 159 -33.28 6.28 -16.74
CA GLY A 159 -32.78 7.47 -16.06
C GLY A 159 -32.47 7.11 -14.61
N LEU A 160 -32.96 7.92 -13.66
CA LEU A 160 -32.70 7.65 -12.25
C LEU A 160 -33.81 6.85 -11.61
N VAL A 161 -34.64 6.24 -12.44
CA VAL A 161 -35.76 5.45 -11.96
C VAL A 161 -35.59 3.96 -12.12
N GLY A 162 -35.88 3.23 -11.04
CA GLY A 162 -35.81 1.78 -11.05
C GLY A 162 -37.24 1.25 -10.96
N TYR A 163 -37.60 0.37 -11.88
CA TYR A 163 -38.94 -0.20 -11.92
C TYR A 163 -38.85 -1.73 -11.88
N MET A 164 -39.65 -2.35 -11.03
CA MET A 164 -39.64 -3.79 -10.87
C MET A 164 -41.10 -4.26 -10.74
N ARG A 165 -41.46 -5.29 -11.49
CA ARG A 165 -42.83 -5.83 -11.47
C ARG A 165 -42.77 -7.36 -11.44
N ILE A 166 -43.33 -7.96 -10.40
CA ILE A 166 -43.30 -9.42 -10.30
C ILE A 166 -44.67 -10.01 -10.66
N ILE A 167 -44.66 -11.16 -11.31
CA ILE A 167 -45.89 -11.80 -11.72
C ILE A 167 -45.89 -13.32 -11.44
N ILE A 168 -46.60 -13.70 -10.39
CA ILE A 168 -46.75 -15.09 -9.98
C ILE A 168 -48.22 -15.25 -9.56
N LYS A 169 -48.92 -16.22 -10.17
CA LYS A 169 -50.33 -16.44 -9.85
C LYS A 169 -50.51 -16.69 -8.36
N GLU A 170 -49.73 -17.62 -7.83
CA GLU A 170 -49.78 -17.91 -6.41
C GLU A 170 -48.41 -18.33 -5.88
N HIS A 171 -47.99 -17.71 -4.79
CA HIS A 171 -46.71 -18.03 -4.17
C HIS A 171 -46.93 -18.16 -2.66
N PRO A 172 -47.15 -19.40 -2.20
CA PRO A 172 -47.38 -19.73 -0.80
C PRO A 172 -46.04 -19.95 -0.11
N VAL A 173 -45.85 -19.33 1.06
CA VAL A 173 -44.58 -19.49 1.75
C VAL A 173 -44.81 -19.87 3.20
N ILE A 174 -43.99 -20.80 3.70
CA ILE A 174 -44.07 -21.28 5.06
C ILE A 174 -42.94 -20.58 5.85
N GLU A 175 -41.72 -20.68 5.34
CA GLU A 175 -40.55 -20.08 5.98
C GLU A 175 -40.39 -18.61 5.54
N SER A 176 -41.19 -17.72 6.14
CA SER A 176 -41.15 -16.31 5.80
C SER A 176 -40.12 -15.51 6.59
N HIS A 177 -39.45 -16.14 7.55
CA HIS A 177 -38.41 -15.47 8.34
C HIS A 177 -38.86 -14.15 8.95
N PRO A 178 -39.92 -14.16 9.76
CA PRO A 178 -40.39 -12.90 10.36
C PRO A 178 -39.35 -12.20 11.24
N ASP A 179 -39.23 -10.89 11.06
CA ASP A 179 -38.31 -10.08 11.85
C ASP A 179 -39.04 -9.69 13.13
N ASN A 180 -38.35 -9.75 14.26
CA ASN A 180 -38.97 -9.37 15.53
C ASN A 180 -40.43 -9.80 15.66
N ALA A 181 -40.65 -11.10 15.83
CA ALA A 181 -42.00 -11.64 16.00
C ALA A 181 -42.28 -11.76 17.49
N LEU A 182 -43.54 -11.71 17.89
CA LEU A 182 -43.85 -11.85 19.31
C LEU A 182 -43.63 -13.31 19.71
N GLU A 183 -43.05 -13.51 20.89
CA GLU A 183 -42.81 -14.86 21.37
C GLU A 183 -44.14 -15.57 21.65
N ASP A 184 -44.15 -16.89 21.53
CA ASP A 184 -45.33 -17.69 21.79
C ASP A 184 -45.19 -18.24 23.22
N LEU A 185 -45.16 -17.36 24.20
CA LEU A 185 -44.98 -17.74 25.61
C LEU A 185 -46.18 -18.36 26.35
N ARG A 186 -47.37 -18.24 25.78
CA ARG A 186 -48.59 -18.79 26.36
C ARG A 186 -48.91 -18.40 27.81
N LEU A 187 -48.47 -17.25 28.26
CA LEU A 187 -48.75 -16.82 29.64
C LEU A 187 -50.22 -16.58 29.87
N ASP A 188 -50.93 -16.20 28.82
CA ASP A 188 -52.36 -15.91 28.91
C ASP A 188 -53.24 -17.16 28.75
N LYS A 189 -52.72 -18.15 28.04
CA LYS A 189 -53.44 -19.40 27.83
C LYS A 189 -52.48 -20.56 28.07
N PRO A 190 -51.99 -20.68 29.31
CA PRO A 190 -51.05 -21.74 29.70
C PRO A 190 -51.57 -23.13 29.40
N PHE A 191 -50.64 -24.05 29.14
CA PHE A 191 -51.00 -25.43 28.90
C PHE A 191 -50.70 -26.14 30.23
N PRO A 192 -51.37 -27.28 30.49
CA PRO A 192 -51.15 -28.00 31.73
C PRO A 192 -49.68 -28.08 32.18
N GLU A 193 -48.83 -28.61 31.31
CA GLU A 193 -47.42 -28.75 31.63
C GLU A 193 -46.78 -27.43 32.04
N LEU A 194 -47.29 -26.33 31.49
CA LEU A 194 -46.77 -25.00 31.80
C LEU A 194 -47.23 -24.52 33.16
N ARG A 195 -48.48 -24.80 33.51
CA ARG A 195 -48.96 -24.42 34.83
C ARG A 195 -48.16 -25.25 35.81
N GLU A 196 -48.05 -26.54 35.50
CA GLU A 196 -47.29 -27.45 36.36
C GLU A 196 -45.91 -26.88 36.63
N HIS A 197 -45.17 -26.59 35.56
CA HIS A 197 -43.82 -26.05 35.72
C HIS A 197 -43.79 -24.79 36.59
N PHE A 198 -44.74 -23.89 36.37
CA PHE A 198 -44.79 -22.66 37.17
C PHE A 198 -45.13 -22.98 38.62
N GLN A 199 -46.17 -23.78 38.83
CA GLN A 199 -46.58 -24.16 40.18
C GLN A 199 -45.42 -24.73 40.97
N SER A 200 -44.49 -25.37 40.26
CA SER A 200 -43.31 -25.97 40.89
C SER A 200 -42.45 -24.93 41.61
N TYR A 201 -42.79 -23.65 41.47
CA TYR A 201 -42.04 -22.59 42.13
C TYR A 201 -42.81 -21.96 43.28
N ASP A 202 -42.14 -21.01 43.93
CA ASP A 202 -42.68 -20.24 45.06
C ASP A 202 -41.59 -19.29 45.54
N ASP A 210 -30.82 -18.85 44.36
CA ASP A 210 -31.74 -19.36 43.33
C ASP A 210 -32.68 -18.26 42.89
N HIS A 211 -33.39 -17.67 43.86
CA HIS A 211 -34.35 -16.63 43.58
C HIS A 211 -33.88 -15.53 42.64
N SER A 212 -32.60 -15.16 42.74
CA SER A 212 -32.04 -14.12 41.89
C SER A 212 -31.70 -14.66 40.51
N HIS A 213 -31.83 -15.98 40.34
CA HIS A 213 -31.52 -16.60 39.05
C HIS A 213 -32.65 -17.45 38.50
N THR A 214 -33.85 -16.87 38.47
CA THR A 214 -35.01 -17.55 37.93
C THR A 214 -35.42 -16.87 36.62
N PRO A 215 -35.85 -17.66 35.63
CA PRO A 215 -36.27 -17.11 34.35
C PRO A 215 -37.35 -16.07 34.56
N TRP A 216 -37.22 -14.91 33.93
CA TRP A 216 -38.21 -13.86 34.11
C TRP A 216 -39.61 -14.37 33.80
N ILE A 217 -39.72 -15.28 32.84
CA ILE A 217 -41.03 -15.83 32.50
C ILE A 217 -41.72 -16.38 33.75
N VAL A 218 -40.95 -16.92 34.69
CA VAL A 218 -41.51 -17.49 35.90
C VAL A 218 -41.89 -16.41 36.90
N ILE A 219 -41.09 -15.33 36.94
CA ILE A 219 -41.37 -14.23 37.85
C ILE A 219 -42.69 -13.58 37.39
N ILE A 220 -42.90 -13.47 36.09
CA ILE A 220 -44.13 -12.89 35.57
C ILE A 220 -45.32 -13.80 35.91
N ALA A 221 -45.26 -15.06 35.50
CA ALA A 221 -46.35 -16.01 35.80
C ALA A 221 -46.72 -15.97 37.28
N LYS A 222 -45.71 -15.79 38.13
CA LYS A 222 -45.95 -15.74 39.56
C LYS A 222 -46.95 -14.64 39.87
N TYR A 223 -46.63 -13.43 39.45
CA TYR A 223 -47.51 -12.28 39.68
C TYR A 223 -48.74 -12.27 38.80
N LEU A 224 -48.71 -13.00 37.69
CA LEU A 224 -49.85 -13.06 36.80
C LEU A 224 -50.97 -13.83 37.48
N ALA A 225 -50.60 -14.89 38.19
CA ALA A 225 -51.59 -15.70 38.90
C ALA A 225 -52.15 -14.90 40.06
N GLN A 226 -51.29 -14.06 40.64
CA GLN A 226 -51.68 -13.21 41.76
C GLN A 226 -52.62 -12.11 41.29
N TRP A 227 -52.17 -11.35 40.30
CA TRP A 227 -52.97 -10.27 39.75
C TRP A 227 -54.31 -10.81 39.27
N TYR A 228 -54.27 -11.84 38.43
CA TYR A 228 -55.48 -12.44 37.88
C TYR A 228 -56.43 -12.96 38.96
N SER A 229 -55.94 -13.09 40.19
CA SER A 229 -56.79 -13.59 41.27
C SER A 229 -57.52 -12.47 42.00
N GLU A 230 -57.18 -11.22 41.71
CA GLU A 230 -57.84 -10.09 42.35
C GLU A 230 -58.85 -9.41 41.43
N THR A 231 -58.38 -8.63 40.46
CA THR A 231 -59.28 -7.95 39.55
C THR A 231 -59.82 -8.91 38.49
N ASN A 232 -59.10 -10.02 38.33
CA ASN A 232 -59.46 -11.04 37.36
C ASN A 232 -59.32 -10.54 35.92
N GLY A 233 -58.63 -9.40 35.76
CA GLY A 233 -58.43 -8.85 34.43
C GLY A 233 -57.13 -9.43 33.91
N ARG A 234 -57.10 -9.78 32.62
CA ARG A 234 -55.88 -10.39 32.07
C ARG A 234 -54.86 -9.38 31.51
N ILE A 235 -55.02 -8.10 31.84
CA ILE A 235 -54.10 -6.98 31.50
C ILE A 235 -53.67 -6.32 30.16
N PRO A 236 -54.60 -5.98 29.25
CA PRO A 236 -54.19 -5.30 27.99
C PRO A 236 -53.73 -3.82 28.17
N LYS A 237 -54.11 -3.18 29.26
CA LYS A 237 -53.70 -1.80 29.46
C LYS A 237 -52.22 -1.76 29.70
N THR A 238 -51.48 -1.37 28.66
CA THR A 238 -50.04 -1.27 28.75
C THR A 238 -49.71 -0.54 30.03
N TYR A 239 -49.47 0.75 29.89
CA TYR A 239 -49.16 1.53 31.06
C TYR A 239 -50.10 1.34 32.17
N LYS A 240 -51.30 0.93 31.84
CA LYS A 240 -52.18 0.90 32.95
C LYS A 240 -52.40 -0.27 33.86
N GLU A 241 -52.50 -1.44 33.30
CA GLU A 241 -52.69 -2.57 34.14
C GLU A 241 -51.31 -3.11 33.93
N LYS A 242 -50.61 -2.68 32.87
CA LYS A 242 -49.25 -3.20 32.66
C LYS A 242 -48.21 -2.39 33.43
N GLU A 243 -48.45 -1.13 33.75
CA GLU A 243 -47.44 -0.38 34.53
C GLU A 243 -47.57 -0.70 36.02
N ASP A 244 -48.81 -0.91 36.48
CA ASP A 244 -49.03 -1.26 37.89
C ASP A 244 -48.46 -2.65 38.06
N PHE A 245 -48.62 -3.48 37.03
CA PHE A 245 -48.09 -4.82 37.06
C PHE A 245 -46.57 -4.73 37.20
N ARG A 246 -45.96 -3.81 36.47
CA ARG A 246 -44.51 -3.61 36.54
C ARG A 246 -44.12 -3.23 37.96
N ASP A 247 -44.90 -2.34 38.56
CA ASP A 247 -44.65 -1.88 39.92
C ASP A 247 -44.81 -3.02 40.91
N LEU A 248 -45.89 -3.78 40.76
CA LEU A 248 -46.17 -4.92 41.64
C LEU A 248 -45.00 -5.88 41.65
N ILE A 249 -44.47 -6.17 40.48
CA ILE A 249 -43.34 -7.08 40.33
C ILE A 249 -42.09 -6.51 41.00
N ARG A 250 -41.84 -5.22 40.82
CA ARG A 250 -40.66 -4.57 41.41
C ARG A 250 -40.69 -4.63 42.95
N GLN A 251 -41.89 -4.60 43.52
CA GLN A 251 -42.06 -4.64 44.97
C GLN A 251 -41.45 -5.88 45.61
N GLY A 252 -41.72 -7.05 45.01
CA GLY A 252 -41.22 -8.29 45.55
C GLY A 252 -39.73 -8.52 45.69
N ILE A 253 -38.91 -7.51 45.42
CA ILE A 253 -37.49 -7.69 45.53
C ILE A 253 -37.02 -7.63 46.98
N LEU A 254 -37.47 -6.68 47.81
CA LEU A 254 -36.98 -6.62 49.20
C LEU A 254 -35.50 -6.18 49.16
N LYS A 255 -34.68 -6.77 50.04
CA LYS A 255 -33.25 -6.43 50.07
C LYS A 255 -32.39 -7.08 49.00
N PRO A 256 -33.02 -7.76 48.05
CA PRO A 256 -32.39 -8.42 46.93
C PRO A 256 -31.48 -7.73 45.99
N GLU A 257 -30.23 -8.09 45.96
CA GLU A 257 -29.56 -7.45 44.89
C GLU A 257 -30.04 -8.45 43.81
N ASP A 258 -31.36 -8.32 43.51
CA ASP A 258 -32.16 -9.11 42.53
C ASP A 258 -32.55 -8.35 41.25
N GLU A 259 -32.69 -7.04 41.34
CA GLU A 259 -33.07 -6.24 40.17
C GLU A 259 -32.74 -6.90 38.85
N GLU A 260 -31.47 -7.20 38.61
CA GLU A 260 -31.09 -7.79 37.33
C GLU A 260 -32.04 -8.90 36.90
N ASN A 261 -32.49 -9.70 37.87
CA ASN A 261 -33.40 -10.80 37.61
C ASN A 261 -34.81 -10.25 37.43
N PHE A 262 -35.36 -9.70 38.51
CA PHE A 262 -36.70 -9.11 38.49
C PHE A 262 -36.83 -7.99 37.45
N GLU A 263 -35.80 -7.17 37.34
CA GLU A 263 -35.80 -6.07 36.38
C GLU A 263 -36.01 -6.60 34.96
N GLU A 264 -35.34 -7.69 34.64
CA GLU A 264 -35.50 -8.26 33.31
C GLU A 264 -36.93 -8.78 33.18
N ALA A 265 -37.55 -9.08 34.31
CA ALA A 265 -38.93 -9.52 34.29
C ALA A 265 -39.75 -8.28 34.02
N ILE A 266 -39.30 -7.16 34.56
CA ILE A 266 -39.99 -5.87 34.40
C ILE A 266 -40.01 -5.42 32.94
N LYS A 267 -38.89 -5.59 32.25
CA LYS A 267 -38.78 -5.19 30.85
C LYS A 267 -39.69 -5.94 29.88
N ASN A 268 -39.73 -7.26 30.01
CA ASN A 268 -40.53 -8.08 29.12
C ASN A 268 -42.02 -8.07 29.39
N VAL A 269 -42.43 -7.44 30.50
CA VAL A 269 -43.84 -7.39 30.85
C VAL A 269 -44.69 -6.76 29.74
N ASN A 270 -44.06 -5.91 28.94
CA ASN A 270 -44.76 -5.22 27.86
C ASN A 270 -44.86 -6.09 26.60
N THR A 271 -44.00 -7.10 26.52
CA THR A 271 -43.95 -8.01 25.37
C THR A 271 -44.41 -9.44 25.70
N ALA A 272 -44.69 -9.74 26.97
CA ALA A 272 -45.09 -11.10 27.29
C ALA A 272 -46.51 -11.31 27.80
N LEU A 273 -47.12 -10.28 28.38
CA LEU A 273 -48.49 -10.44 28.81
C LEU A 273 -49.20 -10.64 27.50
N ASN A 274 -48.54 -10.17 26.44
CA ASN A 274 -49.03 -10.31 25.08
C ASN A 274 -49.95 -11.50 25.05
N THR A 275 -51.03 -11.31 24.36
CA THR A 275 -52.05 -12.33 24.22
C THR A 275 -51.48 -13.45 23.38
N THR A 276 -52.25 -14.50 23.20
CA THR A 276 -51.91 -15.62 22.33
C THR A 276 -53.07 -15.33 21.40
N GLN A 277 -52.94 -15.62 20.12
CA GLN A 277 -54.04 -15.29 19.22
C GLN A 277 -53.68 -15.56 17.77
N ILE A 278 -54.62 -16.09 17.00
CA ILE A 278 -54.35 -16.37 15.60
C ILE A 278 -54.16 -15.11 14.79
N PRO A 279 -52.98 -14.97 14.15
CA PRO A 279 -52.69 -13.79 13.33
C PRO A 279 -53.71 -13.65 12.20
N SER A 280 -54.12 -12.41 11.95
CA SER A 280 -55.09 -12.10 10.92
C SER A 280 -54.73 -12.79 9.60
N SER A 281 -53.46 -12.69 9.23
CA SER A 281 -52.98 -13.29 7.99
C SER A 281 -53.29 -14.79 7.94
N ILE A 282 -53.25 -15.44 9.10
CA ILE A 282 -53.51 -16.86 9.19
C ILE A 282 -55.01 -17.15 9.04
N GLU A 283 -55.85 -16.28 9.57
CA GLU A 283 -57.30 -16.49 9.44
C GLU A 283 -57.63 -16.63 7.96
N ASP A 284 -57.20 -15.63 7.18
CA ASP A 284 -57.44 -15.61 5.74
C ASP A 284 -56.91 -16.83 5.02
N ILE A 285 -55.83 -17.41 5.52
CA ILE A 285 -55.30 -18.59 4.87
C ILE A 285 -56.31 -19.72 5.15
N PHE A 286 -56.78 -19.79 6.40
CA PHE A 286 -57.74 -20.80 6.85
C PHE A 286 -59.07 -20.66 6.11
N ASN A 287 -59.59 -19.43 6.09
CA ASN A 287 -60.87 -19.16 5.43
C ASN A 287 -60.73 -18.92 3.94
N ASP A 288 -59.74 -19.55 3.31
CA ASP A 288 -59.55 -19.37 1.89
C ASP A 288 -60.04 -20.56 1.10
N ASP A 289 -60.68 -20.28 -0.02
CA ASP A 289 -61.23 -21.32 -0.87
C ASP A 289 -60.34 -22.55 -1.08
N ARG A 290 -59.03 -22.34 -1.12
CA ARG A 290 -58.11 -23.45 -1.34
C ARG A 290 -57.83 -24.25 -0.08
N CYS A 291 -58.13 -23.67 1.07
CA CYS A 291 -57.94 -24.36 2.34
C CYS A 291 -59.19 -25.17 2.65
N ILE A 292 -60.33 -24.61 2.30
CA ILE A 292 -61.62 -25.25 2.54
C ILE A 292 -61.96 -26.36 1.56
N ASN A 293 -61.87 -26.07 0.26
CA ASN A 293 -62.19 -27.08 -0.74
C ASN A 293 -60.95 -27.79 -1.28
N ILE A 294 -60.70 -28.99 -0.76
CA ILE A 294 -59.55 -29.79 -1.20
C ILE A 294 -59.91 -30.58 -2.46
N THR A 295 -58.89 -31.19 -3.08
CA THR A 295 -59.05 -32.01 -4.27
C THR A 295 -57.75 -32.80 -4.39
N LYS A 296 -57.60 -33.57 -5.46
CA LYS A 296 -56.38 -34.34 -5.66
C LYS A 296 -55.27 -33.41 -6.09
N GLN A 297 -55.65 -32.25 -6.62
CA GLN A 297 -54.70 -31.26 -7.09
C GLN A 297 -54.18 -30.32 -6.01
N THR A 298 -54.87 -30.27 -4.87
CA THR A 298 -54.46 -29.39 -3.77
C THR A 298 -52.97 -29.57 -3.42
N PRO A 299 -52.15 -28.53 -3.66
CA PRO A 299 -50.72 -28.53 -3.38
C PRO A 299 -50.43 -28.80 -1.91
N SER A 300 -49.26 -29.35 -1.62
CA SER A 300 -48.88 -29.65 -0.24
C SER A 300 -49.15 -28.51 0.74
N PHE A 301 -48.90 -27.28 0.34
CA PHE A 301 -49.10 -26.12 1.21
C PHE A 301 -50.48 -26.02 1.85
N TRP A 302 -51.53 -26.08 1.03
CA TRP A 302 -52.87 -25.97 1.57
C TRP A 302 -53.30 -27.18 2.42
N ILE A 303 -52.79 -28.34 2.09
CA ILE A 303 -53.09 -29.54 2.88
C ILE A 303 -52.61 -29.24 4.28
N LEU A 304 -51.40 -28.66 4.35
CA LEU A 304 -50.76 -28.29 5.61
C LEU A 304 -51.50 -27.14 6.25
N ALA A 305 -52.05 -26.26 5.42
CA ALA A 305 -52.81 -25.13 5.92
C ALA A 305 -54.02 -25.72 6.63
N ARG A 306 -54.77 -26.55 5.90
CA ARG A 306 -55.97 -27.20 6.44
C ARG A 306 -55.72 -27.96 7.72
N ALA A 307 -54.71 -28.83 7.71
CA ALA A 307 -54.38 -29.62 8.88
C ALA A 307 -54.28 -28.69 10.05
N LEU A 308 -53.69 -27.51 9.80
CA LEU A 308 -53.53 -26.52 10.85
C LEU A 308 -54.87 -25.96 11.30
N LYS A 309 -55.81 -25.84 10.37
CA LYS A 309 -57.12 -25.33 10.70
C LYS A 309 -57.79 -26.37 11.60
N GLU A 310 -57.71 -27.63 11.19
CA GLU A 310 -58.28 -28.72 11.96
C GLU A 310 -57.73 -28.70 13.39
N PHE A 311 -56.41 -28.60 13.50
CA PHE A 311 -55.76 -28.56 14.81
C PHE A 311 -56.34 -27.46 15.70
N VAL A 312 -56.56 -26.27 15.12
CA VAL A 312 -57.09 -25.16 15.90
C VAL A 312 -58.49 -25.48 16.42
N ALA A 313 -59.23 -26.28 15.66
CA ALA A 313 -60.58 -26.68 16.06
C ALA A 313 -60.49 -27.70 17.19
N LYS A 314 -59.76 -28.78 16.93
CA LYS A 314 -59.60 -29.84 17.92
C LYS A 314 -58.52 -29.55 18.97
N GLU A 315 -57.47 -30.35 18.99
CA GLU A 315 -56.38 -30.24 19.97
C GLU A 315 -55.88 -28.84 20.32
N GLY A 316 -55.95 -27.92 19.36
CA GLY A 316 -55.47 -26.57 19.60
C GLY A 316 -56.33 -25.73 20.51
N GLN A 317 -57.61 -26.09 20.60
CA GLN A 317 -58.56 -25.37 21.44
C GLN A 317 -58.62 -23.88 21.08
N GLY A 318 -58.67 -23.60 19.78
CA GLY A 318 -58.74 -22.23 19.34
C GLY A 318 -57.45 -21.61 18.85
N ASN A 319 -56.31 -22.13 19.29
CA ASN A 319 -55.03 -21.58 18.88
C ASN A 319 -54.10 -22.53 18.12
N LEU A 320 -53.08 -21.94 17.52
CA LEU A 320 -52.07 -22.63 16.74
C LEU A 320 -51.15 -23.48 17.60
N PRO A 321 -50.46 -24.46 16.99
CA PRO A 321 -49.55 -25.29 17.79
C PRO A 321 -48.44 -24.44 18.43
N VAL A 322 -48.10 -24.75 19.68
CA VAL A 322 -47.06 -23.99 20.36
C VAL A 322 -45.80 -24.00 19.51
N ARG A 323 -45.16 -22.84 19.42
CA ARG A 323 -43.96 -22.70 18.61
C ARG A 323 -42.85 -23.64 19.02
N GLY A 324 -42.47 -23.60 20.30
CA GLY A 324 -41.40 -24.47 20.79
C GLY A 324 -40.20 -23.70 21.30
N THR A 325 -39.98 -22.52 20.74
CA THR A 325 -38.83 -21.71 21.14
C THR A 325 -39.23 -20.58 22.10
N ILE A 326 -38.24 -20.08 22.83
CA ILE A 326 -38.41 -18.98 23.78
C ILE A 326 -37.11 -18.19 23.80
N PRO A 327 -37.17 -16.89 24.12
CA PRO A 327 -35.93 -16.11 24.14
C PRO A 327 -35.04 -16.56 25.28
N ASP A 328 -33.78 -16.17 25.24
CA ASP A 328 -32.86 -16.52 26.31
C ASP A 328 -33.33 -15.72 27.51
N MET A 329 -32.93 -16.14 28.70
CA MET A 329 -33.32 -15.48 29.93
C MET A 329 -32.27 -15.77 30.98
N ILE A 330 -31.62 -14.74 31.53
CA ILE A 330 -30.63 -14.98 32.56
C ILE A 330 -31.34 -15.85 33.61
N ALA A 331 -30.74 -16.99 33.94
CA ALA A 331 -31.31 -17.94 34.90
C ALA A 331 -30.39 -19.13 35.00
N ASP A 332 -30.40 -19.82 36.14
CA ASP A 332 -29.55 -20.99 36.29
C ASP A 332 -29.80 -21.95 35.13
N SER A 333 -28.70 -22.51 34.60
CA SER A 333 -28.76 -23.44 33.48
C SER A 333 -29.87 -24.48 33.63
N GLY A 334 -29.93 -25.10 34.81
CA GLY A 334 -30.95 -26.11 35.07
C GLY A 334 -32.37 -25.60 34.99
N LYS A 335 -32.60 -24.40 35.52
CA LYS A 335 -33.93 -23.80 35.46
C LYS A 335 -34.25 -23.44 34.03
N TYR A 336 -33.32 -22.78 33.34
CA TYR A 336 -33.58 -22.40 31.95
C TYR A 336 -33.93 -23.57 31.07
N ILE A 337 -33.13 -24.64 31.17
CA ILE A 337 -33.35 -25.82 30.36
C ILE A 337 -34.66 -26.54 30.65
N LYS A 338 -35.00 -26.71 31.92
CA LYS A 338 -36.24 -27.40 32.24
C LYS A 338 -37.43 -26.64 31.65
N LEU A 339 -37.40 -25.32 31.78
CA LEU A 339 -38.44 -24.46 31.24
C LEU A 339 -38.52 -24.62 29.73
N GLN A 340 -37.37 -24.50 29.06
CA GLN A 340 -37.33 -24.64 27.61
C GLN A 340 -37.90 -25.98 27.14
N ASN A 341 -37.50 -27.04 27.83
CA ASN A 341 -37.98 -28.38 27.51
C ASN A 341 -39.51 -28.49 27.60
N VAL A 342 -40.11 -27.77 28.55
CA VAL A 342 -41.57 -27.83 28.67
C VAL A 342 -42.16 -27.35 27.34
N TYR A 343 -41.61 -26.26 26.82
CA TYR A 343 -42.08 -25.74 25.53
C TYR A 343 -41.74 -26.67 24.37
N ARG A 344 -40.54 -27.25 24.37
CA ARG A 344 -40.18 -28.16 23.28
C ARG A 344 -41.09 -29.39 23.26
N GLU A 345 -41.33 -29.95 24.45
CA GLU A 345 -42.20 -31.10 24.59
C GLU A 345 -43.57 -30.78 24.00
N LYS A 346 -44.14 -29.67 24.44
CA LYS A 346 -45.45 -29.24 23.98
C LYS A 346 -45.44 -29.03 22.48
N ALA A 347 -44.38 -28.41 21.98
CA ALA A 347 -44.25 -28.17 20.56
C ALA A 347 -44.24 -29.50 19.82
N LYS A 348 -43.43 -30.45 20.31
CA LYS A 348 -43.37 -31.77 19.68
C LYS A 348 -44.74 -32.42 19.73
N LYS A 349 -45.41 -32.29 20.89
CA LYS A 349 -46.72 -32.86 21.08
C LYS A 349 -47.75 -32.33 20.07
N ASP A 350 -47.85 -31.00 19.93
CA ASP A 350 -48.81 -30.43 18.99
C ASP A 350 -48.44 -30.76 17.55
N ALA A 351 -47.15 -30.84 17.27
CA ALA A 351 -46.71 -31.15 15.92
C ALA A 351 -47.29 -32.50 15.51
N ALA A 352 -47.07 -33.51 16.35
CA ALA A 352 -47.58 -34.85 16.08
C ALA A 352 -49.08 -34.77 15.79
N ALA A 353 -49.81 -34.02 16.61
CA ALA A 353 -51.23 -33.88 16.41
C ALA A 353 -51.49 -33.39 15.01
N VAL A 354 -50.71 -32.38 14.60
CA VAL A 354 -50.84 -31.80 13.27
C VAL A 354 -50.49 -32.84 12.22
N GLY A 355 -49.57 -33.74 12.56
CA GLY A 355 -49.19 -34.79 11.65
C GLY A 355 -50.37 -35.71 11.44
N ASN A 356 -51.05 -36.05 12.54
CA ASN A 356 -52.21 -36.92 12.50
C ASN A 356 -53.30 -36.36 11.60
N HIS A 357 -53.42 -35.04 11.54
CA HIS A 357 -54.42 -34.41 10.68
C HIS A 357 -53.98 -34.47 9.23
N VAL A 358 -52.68 -34.31 9.01
CA VAL A 358 -52.14 -34.35 7.65
C VAL A 358 -52.38 -35.71 7.02
N ALA A 359 -52.31 -36.76 7.82
CA ALA A 359 -52.53 -38.12 7.34
C ALA A 359 -53.99 -38.30 6.91
N LYS A 360 -54.89 -37.88 7.79
CA LYS A 360 -56.31 -37.97 7.55
C LYS A 360 -56.78 -37.14 6.36
N LEU A 361 -55.89 -36.28 5.85
CA LEU A 361 -56.22 -35.45 4.70
C LEU A 361 -55.63 -36.08 3.44
N LEU A 362 -54.55 -36.84 3.63
CA LEU A 362 -53.90 -37.50 2.50
C LEU A 362 -54.72 -38.71 2.11
N GLN A 363 -55.31 -39.38 3.11
CA GLN A 363 -56.11 -40.56 2.87
C GLN A 363 -57.41 -40.20 2.15
N SER A 364 -58.14 -39.21 2.67
CA SER A 364 -59.39 -38.77 2.06
C SER A 364 -59.09 -38.05 0.74
N ILE A 365 -57.93 -38.35 0.17
CA ILE A 365 -57.49 -37.76 -1.08
C ILE A 365 -56.60 -38.80 -1.78
N GLY A 366 -56.20 -39.83 -1.01
CA GLY A 366 -55.35 -40.88 -1.54
C GLY A 366 -54.15 -40.31 -2.29
N GLN A 367 -53.80 -39.08 -1.98
CA GLN A 367 -52.68 -38.41 -2.63
C GLN A 367 -51.40 -39.22 -2.47
N ALA A 368 -51.19 -39.78 -1.28
CA ALA A 368 -50.00 -40.58 -0.99
C ALA A 368 -49.89 -40.88 0.50
N PRO A 369 -49.00 -41.80 0.89
CA PRO A 369 -48.83 -42.14 2.31
C PRO A 369 -48.06 -41.04 3.05
N GLU A 370 -46.88 -40.71 2.52
CA GLU A 370 -46.06 -39.69 3.14
C GLU A 370 -45.49 -38.76 2.09
N SER A 371 -46.36 -38.10 1.34
CA SER A 371 -45.93 -37.16 0.31
C SER A 371 -45.51 -35.85 0.97
N ILE A 372 -45.32 -35.91 2.29
CA ILE A 372 -44.91 -34.76 3.08
C ILE A 372 -43.94 -35.30 4.15
N SER A 373 -42.67 -34.97 3.97
CA SER A 373 -41.63 -35.42 4.88
C SER A 373 -41.89 -34.93 6.30
N GLU A 374 -41.28 -35.58 7.27
CA GLU A 374 -41.43 -35.20 8.66
C GLU A 374 -40.81 -33.84 8.89
N LYS A 375 -39.79 -33.52 8.10
CA LYS A 375 -39.11 -32.23 8.25
C LYS A 375 -40.02 -31.08 7.85
N GLU A 376 -40.83 -31.27 6.81
CA GLU A 376 -41.75 -30.23 6.37
C GLU A 376 -42.79 -29.94 7.45
N LEU A 377 -43.24 -30.99 8.13
CA LEU A 377 -44.23 -30.87 9.20
C LEU A 377 -43.63 -30.06 10.34
N LYS A 378 -42.38 -30.35 10.67
CA LYS A 378 -41.67 -29.65 11.73
C LYS A 378 -41.51 -28.16 11.38
N LEU A 379 -41.28 -27.90 10.10
CA LEU A 379 -41.12 -26.54 9.62
C LEU A 379 -42.44 -25.79 9.71
N LEU A 380 -43.50 -26.41 9.22
CA LEU A 380 -44.84 -25.82 9.23
C LEU A 380 -45.32 -25.40 10.61
N CYS A 381 -45.17 -26.27 11.58
CA CYS A 381 -45.62 -25.98 12.93
C CYS A 381 -44.82 -24.86 13.58
N SER A 382 -43.51 -24.84 13.33
CA SER A 382 -42.62 -23.81 13.86
C SER A 382 -43.07 -22.47 13.31
N ASN A 383 -43.41 -22.47 12.03
CA ASN A 383 -43.82 -21.25 11.35
C ASN A 383 -45.33 -21.11 11.12
N SER A 384 -46.15 -21.83 11.89
CA SER A 384 -47.60 -21.76 11.69
C SER A 384 -48.15 -20.35 11.78
N ALA A 385 -47.55 -19.52 12.63
CA ALA A 385 -48.00 -18.15 12.79
C ALA A 385 -47.46 -17.24 11.69
N PHE A 386 -46.47 -17.72 10.94
CA PHE A 386 -45.83 -16.90 9.93
C PHE A 386 -46.13 -17.23 8.47
N LEU A 387 -47.06 -18.14 8.23
CA LEU A 387 -47.35 -18.47 6.85
C LEU A 387 -47.82 -17.23 6.09
N ARG A 388 -47.48 -17.15 4.81
CA ARG A 388 -47.87 -16.03 3.96
C ARG A 388 -48.25 -16.58 2.60
N VAL A 389 -49.08 -15.83 1.88
CA VAL A 389 -49.51 -16.23 0.54
C VAL A 389 -49.60 -14.98 -0.32
N VAL A 390 -48.94 -15.01 -1.48
CA VAL A 390 -48.99 -13.86 -2.38
C VAL A 390 -49.54 -14.25 -3.74
N ARG A 391 -50.54 -13.49 -4.17
CA ARG A 391 -51.18 -13.70 -5.46
C ARG A 391 -51.03 -12.40 -6.22
N CYS A 392 -50.32 -12.46 -7.34
CA CYS A 392 -50.10 -11.29 -8.14
C CYS A 392 -51.11 -11.19 -9.26
N ARG A 393 -51.57 -9.97 -9.53
CA ARG A 393 -52.49 -9.77 -10.63
C ARG A 393 -51.66 -10.08 -11.88
N SER A 394 -52.31 -10.10 -13.04
CA SER A 394 -51.58 -10.36 -14.28
C SER A 394 -51.26 -9.00 -14.86
N LEU A 395 -50.36 -8.96 -15.84
CA LEU A 395 -50.04 -7.68 -16.43
C LEU A 395 -51.25 -7.21 -17.21
N ALA A 396 -52.01 -8.17 -17.72
CA ALA A 396 -53.23 -7.87 -18.46
C ALA A 396 -54.20 -7.12 -17.55
N GLU A 397 -54.40 -7.65 -16.35
CA GLU A 397 -55.29 -7.00 -15.41
C GLU A 397 -54.88 -5.56 -15.16
N GLU A 398 -53.58 -5.32 -15.08
CA GLU A 398 -53.06 -3.97 -14.84
C GLU A 398 -53.29 -3.09 -16.08
N TYR A 399 -53.15 -3.66 -17.26
CA TYR A 399 -53.31 -2.90 -18.49
C TYR A 399 -54.74 -2.72 -18.99
N GLY A 400 -55.60 -3.69 -18.67
CA GLY A 400 -57.00 -3.59 -19.09
C GLY A 400 -57.67 -2.30 -18.65
N LEU A 401 -58.48 -1.75 -19.53
CA LEU A 401 -59.19 -0.50 -19.25
C LEU A 401 -60.14 -0.54 -18.08
N ASP A 402 -60.74 -1.70 -17.81
CA ASP A 402 -61.69 -1.83 -16.71
C ASP A 402 -61.12 -2.54 -15.50
N THR A 403 -59.95 -3.15 -15.66
CA THR A 403 -59.31 -3.88 -14.57
C THR A 403 -58.24 -3.08 -13.82
N ILE A 404 -57.66 -2.09 -14.50
CA ILE A 404 -56.63 -1.23 -13.93
C ILE A 404 -57.07 -0.64 -12.58
N ASN A 405 -56.23 -0.77 -11.56
CA ASN A 405 -56.58 -0.21 -10.24
C ASN A 405 -56.40 1.29 -10.23
N LYS A 406 -57.31 2.00 -10.89
CA LYS A 406 -57.24 3.45 -10.94
C LYS A 406 -57.40 4.13 -9.58
N ASP A 407 -58.03 3.46 -8.61
CA ASP A 407 -58.22 4.04 -7.29
C ASP A 407 -56.85 4.23 -6.65
N GLU A 408 -56.05 3.17 -6.70
CA GLU A 408 -54.71 3.17 -6.14
C GLU A 408 -53.89 4.32 -6.74
N ILE A 409 -53.92 4.41 -8.07
CA ILE A 409 -53.18 5.45 -8.77
C ILE A 409 -53.70 6.83 -8.36
N ILE A 410 -54.99 7.04 -8.53
CA ILE A 410 -55.62 8.32 -8.19
C ILE A 410 -55.28 8.74 -6.74
N SER A 411 -55.57 7.86 -5.79
CA SER A 411 -55.32 8.14 -4.38
C SER A 411 -53.85 8.51 -4.13
N SER A 412 -52.93 7.68 -4.65
CA SER A 412 -51.51 7.96 -4.50
C SER A 412 -51.17 9.31 -5.10
N MET A 413 -51.76 9.63 -6.24
CA MET A 413 -51.46 10.92 -6.86
C MET A 413 -51.91 12.10 -6.03
N ASP A 414 -52.59 11.82 -4.91
CA ASP A 414 -53.03 12.91 -4.02
C ASP A 414 -51.76 13.72 -3.72
N ASN A 415 -50.66 13.01 -3.55
CA ASN A 415 -49.36 13.63 -3.34
C ASN A 415 -48.74 13.71 -4.73
N PRO A 416 -48.51 14.93 -5.25
CA PRO A 416 -47.92 14.99 -6.59
C PRO A 416 -46.53 14.37 -6.73
N ASP A 417 -45.84 14.15 -5.61
CA ASP A 417 -44.50 13.52 -5.63
C ASP A 417 -44.47 12.03 -5.28
N ASN A 418 -45.63 11.40 -5.06
CA ASN A 418 -45.66 9.97 -4.76
C ASN A 418 -44.88 9.28 -5.89
N GLU A 419 -44.17 8.21 -5.60
CA GLU A 419 -43.43 7.59 -6.68
C GLU A 419 -44.31 6.91 -7.72
N ILE A 420 -45.61 7.14 -7.66
CA ILE A 420 -46.48 6.55 -8.67
C ILE A 420 -46.40 7.44 -9.94
N VAL A 421 -45.98 8.71 -9.80
CA VAL A 421 -45.83 9.58 -10.99
C VAL A 421 -44.80 8.99 -11.91
N LEU A 422 -43.78 8.39 -11.30
CA LEU A 422 -42.69 7.77 -12.03
C LEU A 422 -43.21 6.62 -12.90
N TYR A 423 -44.22 5.92 -12.39
CA TYR A 423 -44.81 4.83 -13.14
C TYR A 423 -45.65 5.42 -14.27
N LEU A 424 -46.33 6.53 -14.00
CA LEU A 424 -47.14 7.17 -15.02
C LEU A 424 -46.25 7.69 -16.14
N MET A 425 -45.08 8.23 -15.80
CA MET A 425 -44.17 8.73 -16.81
C MET A 425 -43.59 7.58 -17.63
N LEU A 426 -43.35 6.45 -16.99
CA LEU A 426 -42.83 5.31 -17.73
C LEU A 426 -43.85 4.97 -18.81
N ARG A 427 -45.11 4.82 -18.40
CA ARG A 427 -46.19 4.53 -19.34
C ARG A 427 -46.21 5.51 -20.50
N ALA A 428 -46.02 6.79 -20.19
CA ALA A 428 -46.02 7.83 -21.23
C ALA A 428 -44.78 7.72 -22.13
N VAL A 429 -43.66 7.29 -21.57
CA VAL A 429 -42.43 7.14 -22.34
C VAL A 429 -42.64 6.00 -23.34
N ASP A 430 -43.24 4.92 -22.89
CA ASP A 430 -43.50 3.78 -23.74
C ASP A 430 -44.45 4.13 -24.89
N ARG A 431 -45.45 4.95 -24.59
CA ARG A 431 -46.42 5.36 -25.60
C ARG A 431 -45.70 6.26 -26.60
N PHE A 432 -44.75 7.03 -26.09
CA PHE A 432 -43.98 7.95 -26.92
C PHE A 432 -43.12 7.13 -27.86
N HIS A 433 -42.65 5.99 -27.36
CA HIS A 433 -41.79 5.10 -28.14
C HIS A 433 -42.60 4.40 -29.22
N LYS A 434 -43.90 4.28 -28.98
CA LYS A 434 -44.79 3.63 -29.94
C LYS A 434 -45.09 4.66 -31.04
N GLN A 435 -45.51 5.84 -30.62
CA GLN A 435 -45.83 6.92 -31.54
C GLN A 435 -44.62 7.44 -32.33
N GLN A 436 -43.46 7.56 -31.69
CA GLN A 436 -42.25 8.11 -32.35
C GLN A 436 -41.17 7.14 -32.77
N GLY A 437 -41.24 5.89 -32.34
CA GLY A 437 -40.22 4.91 -32.71
C GLY A 437 -38.84 5.21 -32.12
N ARG A 438 -38.82 5.94 -31.01
CA ARG A 438 -37.58 6.31 -30.34
C ARG A 438 -37.91 6.85 -28.95
N TYR A 439 -36.92 6.92 -28.08
CA TYR A 439 -37.19 7.45 -26.74
C TYR A 439 -37.01 8.94 -26.73
N PRO A 440 -37.71 9.64 -25.83
CA PRO A 440 -37.60 11.09 -25.77
C PRO A 440 -36.27 11.62 -25.24
N GLY A 441 -35.88 12.78 -25.74
CA GLY A 441 -34.65 13.42 -25.30
C GLY A 441 -33.34 12.68 -25.40
N VAL A 442 -33.26 11.59 -26.16
CA VAL A 442 -32.00 10.86 -26.30
C VAL A 442 -30.87 11.79 -26.78
N SER A 443 -31.23 12.75 -27.61
CA SER A 443 -30.28 13.70 -28.16
C SER A 443 -30.42 15.03 -27.43
N ASN A 444 -29.30 15.61 -27.03
CA ASN A 444 -29.31 16.90 -26.32
C ASN A 444 -30.11 17.90 -27.12
N TYR A 445 -30.24 17.59 -28.41
CA TYR A 445 -30.95 18.45 -29.34
C TYR A 445 -32.46 18.25 -29.37
N GLN A 446 -32.92 17.04 -29.09
CA GLN A 446 -34.35 16.71 -29.10
C GLN A 446 -35.10 16.95 -27.80
N VAL A 447 -34.38 17.34 -26.74
CA VAL A 447 -35.00 17.54 -25.43
C VAL A 447 -36.12 18.56 -25.36
N GLU A 448 -35.80 19.82 -25.61
CA GLU A 448 -36.77 20.91 -25.58
C GLU A 448 -38.03 20.57 -26.37
N GLU A 449 -37.83 20.03 -27.57
CA GLU A 449 -38.95 19.68 -28.42
C GLU A 449 -39.70 18.43 -27.98
N ASP A 450 -39.00 17.50 -27.35
CA ASP A 450 -39.65 16.27 -26.90
C ASP A 450 -40.52 16.42 -25.67
N ILE A 451 -40.28 17.47 -24.88
CA ILE A 451 -41.08 17.73 -23.68
C ILE A 451 -42.57 17.75 -24.10
N GLY A 452 -42.90 18.62 -25.05
CA GLY A 452 -44.27 18.73 -25.53
C GLY A 452 -44.84 17.42 -26.07
N LYS A 453 -44.08 16.73 -26.92
CA LYS A 453 -44.58 15.47 -27.44
C LYS A 453 -44.72 14.49 -26.28
N LEU A 454 -43.92 14.63 -25.23
CA LEU A 454 -44.04 13.71 -24.11
C LEU A 454 -45.27 14.06 -23.30
N LYS A 455 -45.49 15.36 -23.08
CA LYS A 455 -46.68 15.79 -22.35
C LYS A 455 -47.92 15.32 -23.12
N SER A 456 -47.82 15.34 -24.45
CA SER A 456 -48.91 14.92 -25.29
C SER A 456 -49.24 13.45 -25.05
N CYS A 457 -48.23 12.59 -25.13
CA CYS A 457 -48.44 11.15 -24.90
C CYS A 457 -48.90 10.86 -23.47
N LEU A 458 -48.56 11.75 -22.54
CA LEU A 458 -48.97 11.56 -21.15
C LEU A 458 -50.48 11.77 -21.11
N THR A 459 -50.91 12.94 -21.56
CA THR A 459 -52.32 13.29 -21.59
C THR A 459 -53.13 12.20 -22.25
N GLY A 460 -52.62 11.66 -23.36
CA GLY A 460 -53.35 10.60 -24.02
C GLY A 460 -53.49 9.34 -23.17
N PHE A 461 -52.39 8.90 -22.58
CA PHE A 461 -52.38 7.71 -21.71
C PHE A 461 -53.36 7.88 -20.55
N LEU A 462 -53.34 9.06 -19.94
CA LEU A 462 -54.22 9.31 -18.81
C LEU A 462 -55.69 9.33 -19.22
N GLN A 463 -56.00 10.03 -20.31
CA GLN A 463 -57.38 10.10 -20.75
C GLN A 463 -57.84 8.72 -21.16
N GLU A 464 -56.96 7.94 -21.75
CA GLU A 464 -57.33 6.60 -22.17
C GLU A 464 -57.81 5.74 -20.98
N TYR A 465 -57.36 6.06 -19.77
CA TYR A 465 -57.76 5.29 -18.60
C TYR A 465 -58.70 6.05 -17.67
N GLY A 466 -59.01 7.29 -18.05
CA GLY A 466 -59.89 8.09 -17.23
C GLY A 466 -59.22 8.31 -15.89
N LEU A 467 -57.95 8.70 -15.95
CA LEU A 467 -57.15 8.96 -14.78
C LEU A 467 -57.06 10.46 -14.59
N SER A 468 -57.92 11.00 -13.74
CA SER A 468 -57.93 12.44 -13.48
C SER A 468 -56.89 12.82 -12.42
N VAL A 469 -55.62 12.77 -12.81
CA VAL A 469 -54.53 13.10 -11.89
C VAL A 469 -53.70 14.25 -12.43
N MET A 470 -53.00 14.94 -11.55
CA MET A 470 -52.18 16.08 -11.94
C MET A 470 -50.70 15.74 -11.89
N VAL A 471 -50.09 15.59 -13.06
CA VAL A 471 -48.66 15.30 -13.16
C VAL A 471 -47.91 16.58 -13.46
N LYS A 472 -47.08 17.02 -12.52
CA LYS A 472 -46.30 18.23 -12.68
C LYS A 472 -45.42 18.21 -13.93
N ASP A 473 -45.32 19.36 -14.59
CA ASP A 473 -44.50 19.47 -15.80
C ASP A 473 -43.03 19.10 -15.55
N ASP A 474 -42.54 19.39 -14.35
CA ASP A 474 -41.17 19.08 -14.02
C ASP A 474 -40.85 17.61 -14.28
N TYR A 475 -41.82 16.72 -14.11
CA TYR A 475 -41.52 15.31 -14.33
C TYR A 475 -41.38 14.94 -15.80
N VAL A 476 -42.09 15.66 -16.66
CA VAL A 476 -42.04 15.39 -18.09
C VAL A 476 -40.68 15.90 -18.55
N HIS A 477 -40.33 17.08 -18.04
CA HIS A 477 -39.04 17.66 -18.37
C HIS A 477 -37.93 16.73 -17.89
N GLU A 478 -38.02 16.27 -16.65
CA GLU A 478 -37.00 15.39 -16.10
C GLU A 478 -36.90 14.06 -16.83
N PHE A 479 -38.02 13.50 -17.23
CA PHE A 479 -37.95 12.24 -17.96
C PHE A 479 -37.32 12.40 -19.34
N CYS A 480 -37.45 13.58 -19.94
CA CYS A 480 -36.86 13.83 -21.24
C CYS A 480 -35.35 14.00 -21.05
N ARG A 481 -35.00 14.69 -19.96
CA ARG A 481 -33.61 14.95 -19.62
C ARG A 481 -32.84 13.66 -19.41
N TYR A 482 -33.55 12.61 -18.99
CA TYR A 482 -32.94 11.30 -18.75
C TYR A 482 -32.38 10.72 -20.03
N GLY A 483 -32.98 11.08 -21.17
CA GLY A 483 -32.52 10.58 -22.46
C GLY A 483 -32.51 9.06 -22.55
N ALA A 484 -33.33 8.38 -21.75
CA ALA A 484 -33.39 6.91 -21.71
C ALA A 484 -32.08 6.30 -21.20
N ALA A 485 -31.34 7.05 -20.41
CA ALA A 485 -30.09 6.53 -19.89
C ALA A 485 -30.32 5.35 -18.97
N GLU A 486 -29.30 4.51 -18.83
CA GLU A 486 -29.37 3.38 -17.93
C GLU A 486 -28.13 3.54 -17.06
N PRO A 487 -28.12 4.55 -16.16
CA PRO A 487 -26.98 4.80 -15.27
C PRO A 487 -26.64 3.54 -14.49
N HIS A 488 -25.38 3.14 -14.51
CA HIS A 488 -24.99 1.94 -13.81
C HIS A 488 -25.37 1.83 -12.32
N THR A 489 -25.18 2.89 -11.55
CA THR A 489 -25.50 2.79 -10.14
C THR A 489 -26.98 2.62 -9.87
N ILE A 490 -27.83 3.06 -10.78
CA ILE A 490 -29.26 2.91 -10.58
C ILE A 490 -29.59 1.47 -10.98
N ALA A 491 -28.91 0.97 -12.01
CA ALA A 491 -29.13 -0.40 -12.46
C ALA A 491 -28.61 -1.36 -11.41
N ALA A 492 -27.59 -0.92 -10.68
CA ALA A 492 -27.01 -1.77 -9.64
C ALA A 492 -27.98 -1.89 -8.46
N PHE A 493 -28.66 -0.79 -8.13
CA PHE A 493 -29.62 -0.80 -7.04
C PHE A 493 -30.71 -1.78 -7.39
N LEU A 494 -31.35 -1.53 -8.53
CA LEU A 494 -32.44 -2.39 -8.99
C LEU A 494 -31.95 -3.82 -9.08
N GLY A 495 -30.71 -4.01 -9.53
CA GLY A 495 -30.15 -5.34 -9.67
C GLY A 495 -30.01 -6.14 -8.37
N GLY A 496 -29.76 -5.46 -7.26
CA GLY A 496 -29.64 -6.17 -6.00
C GLY A 496 -31.03 -6.54 -5.53
N ALA A 497 -31.90 -5.54 -5.60
CA ALA A 497 -33.28 -5.70 -5.20
C ALA A 497 -33.91 -6.85 -6.00
N ALA A 498 -33.92 -6.71 -7.32
CA ALA A 498 -34.50 -7.71 -8.20
C ALA A 498 -33.90 -9.07 -7.97
N ALA A 499 -32.57 -9.13 -7.90
CA ALA A 499 -31.92 -10.41 -7.66
C ALA A 499 -32.47 -11.15 -6.46
N GLN A 500 -32.59 -10.47 -5.31
CA GLN A 500 -33.08 -11.15 -4.13
C GLN A 500 -34.53 -11.59 -4.23
N GLU A 501 -35.33 -10.87 -5.01
CA GLU A 501 -36.71 -11.26 -5.18
C GLU A 501 -36.75 -12.59 -5.96
N VAL A 502 -35.84 -12.76 -6.92
CA VAL A 502 -35.75 -14.00 -7.69
C VAL A 502 -35.37 -15.16 -6.76
N ILE A 503 -34.42 -14.91 -5.86
CA ILE A 503 -33.98 -15.92 -4.91
C ILE A 503 -35.15 -16.29 -3.99
N LYS A 504 -36.03 -15.33 -3.75
CA LYS A 504 -37.19 -15.57 -2.90
C LYS A 504 -38.15 -16.49 -3.66
N ILE A 505 -38.24 -16.27 -4.97
CA ILE A 505 -39.10 -17.08 -5.81
C ILE A 505 -38.56 -18.52 -5.79
N ILE A 506 -37.32 -18.70 -6.22
CA ILE A 506 -36.68 -20.02 -6.27
C ILE A 506 -36.77 -20.80 -4.94
N THR A 507 -36.39 -20.15 -3.86
CA THR A 507 -36.37 -20.80 -2.54
C THR A 507 -37.69 -20.86 -1.78
N LYS A 508 -38.62 -19.98 -2.14
CA LYS A 508 -39.89 -19.95 -1.44
C LYS A 508 -39.62 -19.65 0.04
N GLN A 509 -38.58 -18.87 0.27
CA GLN A 509 -38.24 -18.43 1.62
C GLN A 509 -38.36 -16.92 1.62
N PHE A 510 -38.68 -16.36 2.77
CA PHE A 510 -38.87 -14.91 2.88
C PHE A 510 -40.12 -14.55 2.10
N VAL A 511 -40.47 -13.28 2.04
CA VAL A 511 -41.68 -12.85 1.35
C VAL A 511 -41.43 -11.87 0.20
N ILE A 512 -41.90 -12.23 -0.98
CA ILE A 512 -41.73 -11.38 -2.15
C ILE A 512 -42.63 -10.14 -2.06
N PHE A 513 -42.16 -9.05 -2.64
CA PHE A 513 -42.92 -7.83 -2.65
C PHE A 513 -44.12 -8.13 -3.54
N ASN A 514 -45.28 -7.60 -3.21
CA ASN A 514 -46.46 -7.86 -4.03
C ASN A 514 -46.66 -6.70 -4.97
N ASN A 515 -46.66 -7.03 -6.26
CA ASN A 515 -46.76 -6.09 -7.36
C ASN A 515 -45.58 -5.12 -7.40
N THR A 516 -45.74 -4.05 -8.14
CA THR A 516 -44.76 -2.99 -8.40
C THR A 516 -43.93 -2.24 -7.32
N TYR A 517 -42.62 -2.23 -7.56
CA TYR A 517 -41.68 -1.50 -6.71
C TYR A 517 -41.05 -0.41 -7.59
N ILE A 518 -41.15 0.84 -7.16
CA ILE A 518 -40.59 1.95 -7.92
C ILE A 518 -39.50 2.62 -7.06
N TYR A 519 -38.31 2.74 -7.63
CA TYR A 519 -37.18 3.35 -6.92
C TYR A 519 -36.76 4.64 -7.60
N SER A 520 -36.57 5.68 -6.80
CA SER A 520 -36.13 6.97 -7.34
C SER A 520 -34.70 7.27 -6.87
N GLY A 521 -33.76 7.21 -7.80
CA GLY A 521 -32.37 7.47 -7.46
C GLY A 521 -32.16 8.92 -7.12
N MET A 522 -33.10 9.74 -7.55
CA MET A 522 -33.03 11.16 -7.30
C MET A 522 -33.21 11.56 -5.84
N SER A 523 -34.24 11.01 -5.22
CA SER A 523 -34.56 11.34 -3.84
C SER A 523 -34.22 10.17 -2.92
N GLN A 524 -33.64 9.12 -3.49
CA GLN A 524 -33.30 7.92 -2.72
C GLN A 524 -34.50 7.47 -1.89
N THR A 525 -35.66 7.43 -2.54
CA THR A 525 -36.90 7.00 -1.92
C THR A 525 -37.52 5.95 -2.83
N SER A 526 -38.46 5.18 -2.32
CA SER A 526 -39.13 4.17 -3.12
C SER A 526 -40.49 3.84 -2.50
N ALA A 527 -41.24 2.96 -3.17
CA ALA A 527 -42.56 2.57 -2.73
C ALA A 527 -43.05 1.31 -3.43
N THR A 528 -43.97 0.60 -2.80
CA THR A 528 -44.52 -0.60 -3.40
C THR A 528 -45.99 -0.35 -3.70
N PHE A 529 -46.46 -0.84 -4.85
CA PHE A 529 -47.86 -0.68 -5.20
C PHE A 529 -48.42 -1.99 -5.70
N GLN A 530 -49.74 -2.13 -5.51
CA GLN A 530 -50.49 -3.29 -5.99
C GLN A 530 -51.34 -2.80 -7.18
N LEU A 531 -50.71 -2.71 -8.35
CA LEU A 531 -51.27 -2.34 -9.64
C LEU A 531 -51.93 -3.56 -10.31
N MET B 1 -6.61 4.45 -31.61
CA MET B 1 -7.81 4.60 -30.73
C MET B 1 -7.54 5.58 -29.60
N LYS B 2 -8.57 6.33 -29.21
CA LYS B 2 -8.41 7.26 -28.10
C LYS B 2 -8.87 6.52 -26.87
N LEU B 3 -8.64 7.10 -25.70
CA LEU B 3 -9.03 6.45 -24.46
C LEU B 3 -10.52 6.12 -24.48
N ASP B 4 -11.35 7.13 -24.66
CA ASP B 4 -12.79 6.91 -24.62
C ASP B 4 -13.45 6.72 -25.98
N TRP B 5 -13.96 5.52 -26.20
CA TRP B 5 -14.64 5.19 -27.43
C TRP B 5 -15.95 5.94 -27.51
N GLU B 6 -16.57 5.91 -28.68
CA GLU B 6 -17.83 6.59 -28.92
C GLU B 6 -18.91 6.19 -27.94
N GLY B 7 -19.57 7.20 -27.37
CA GLY B 7 -20.66 6.97 -26.43
C GLY B 7 -20.33 6.26 -25.12
N ARG B 8 -19.05 6.17 -24.78
CA ARG B 8 -18.67 5.51 -23.54
C ARG B 8 -19.34 6.06 -22.28
N TRP B 9 -19.37 7.38 -22.14
CA TRP B 9 -19.98 8.02 -20.99
C TRP B 9 -21.37 8.58 -21.23
N ASN B 10 -22.03 8.12 -22.30
CA ASN B 10 -23.37 8.59 -22.63
C ASN B 10 -24.34 8.50 -21.46
N HIS B 11 -24.21 7.48 -20.61
CA HIS B 11 -25.12 7.32 -19.49
C HIS B 11 -24.80 8.21 -18.29
N VAL B 12 -23.68 8.92 -18.36
CA VAL B 12 -23.28 9.81 -17.28
C VAL B 12 -23.41 11.27 -17.72
N LYS B 13 -22.94 11.56 -18.92
CA LYS B 13 -22.98 12.91 -19.47
C LYS B 13 -24.31 13.63 -19.34
N LYS B 14 -25.39 12.93 -19.62
CA LYS B 14 -26.73 13.52 -19.55
C LYS B 14 -27.06 14.23 -18.25
N PHE B 15 -26.48 13.77 -17.14
CA PHE B 15 -26.72 14.39 -15.84
C PHE B 15 -25.73 15.51 -15.54
N LEU B 16 -24.77 15.71 -16.44
CA LEU B 16 -23.78 16.76 -16.25
C LEU B 16 -23.87 17.87 -17.31
N GLU B 17 -24.34 17.51 -18.50
CA GLU B 17 -24.43 18.48 -19.59
C GLU B 17 -25.79 19.11 -19.80
N ARG B 18 -26.80 18.61 -19.09
CA ARG B 18 -28.16 19.14 -19.24
C ARG B 18 -28.68 19.81 -17.99
N SER B 19 -29.42 20.90 -18.18
CA SER B 19 -30.02 21.60 -17.07
C SER B 19 -31.20 20.69 -16.68
N GLY B 20 -31.82 20.94 -15.53
CA GLY B 20 -32.92 20.10 -15.10
C GLY B 20 -33.75 20.77 -14.02
N PRO B 21 -34.97 20.29 -13.77
CA PRO B 21 -35.85 20.88 -12.75
C PRO B 21 -35.51 20.52 -11.30
N PHE B 22 -34.84 19.39 -11.12
CA PHE B 22 -34.51 18.87 -9.78
C PHE B 22 -33.05 18.99 -9.37
N THR B 23 -32.29 19.64 -10.23
CA THR B 23 -30.88 19.86 -10.05
C THR B 23 -30.52 20.52 -8.71
N HIS B 24 -29.25 20.44 -8.34
CA HIS B 24 -28.74 21.05 -7.10
C HIS B 24 -28.63 22.56 -7.36
N PRO B 25 -29.00 23.40 -6.37
CA PRO B 25 -28.91 24.86 -6.58
C PRO B 25 -27.63 25.37 -7.25
N ASP B 26 -26.48 24.96 -6.74
CA ASP B 26 -25.19 25.39 -7.30
C ASP B 26 -24.77 24.63 -8.56
N PHE B 27 -25.71 23.90 -9.15
CA PHE B 27 -25.37 23.15 -10.35
C PHE B 27 -25.55 23.96 -11.63
N GLU B 28 -24.59 23.80 -12.53
CA GLU B 28 -24.61 24.44 -13.84
C GLU B 28 -24.20 23.39 -14.86
N PRO B 29 -24.96 23.23 -15.94
CA PRO B 29 -24.57 22.23 -16.93
C PRO B 29 -23.19 22.54 -17.48
N SER B 30 -22.46 21.50 -17.84
CA SER B 30 -21.13 21.73 -18.35
C SER B 30 -20.57 20.50 -19.01
N THR B 31 -19.76 20.73 -20.03
CA THR B 31 -19.14 19.63 -20.76
C THR B 31 -17.73 19.57 -20.20
N GLU B 32 -17.59 19.85 -18.90
CA GLU B 32 -16.29 19.86 -18.27
C GLU B 32 -16.30 19.26 -16.87
N SER B 33 -17.48 18.88 -16.40
CA SER B 33 -17.56 18.28 -15.07
C SER B 33 -17.10 16.83 -15.15
N LEU B 34 -17.41 16.18 -16.27
CA LEU B 34 -17.01 14.80 -16.45
C LEU B 34 -15.49 14.71 -16.43
N GLN B 35 -14.84 15.77 -16.89
CA GLN B 35 -13.38 15.79 -16.91
C GLN B 35 -12.81 15.84 -15.51
N PHE B 36 -13.42 16.62 -14.63
CA PHE B 36 -12.98 16.70 -13.26
C PHE B 36 -13.06 15.30 -12.66
N LEU B 37 -14.11 14.57 -13.04
CA LEU B 37 -14.31 13.21 -12.56
C LEU B 37 -13.24 12.26 -13.09
N LEU B 38 -12.96 12.36 -14.38
CA LEU B 38 -11.96 11.49 -14.98
C LEU B 38 -10.53 11.87 -14.63
N ASP B 39 -10.25 13.16 -14.44
CA ASP B 39 -8.88 13.57 -14.19
C ASP B 39 -8.43 14.00 -12.82
N THR B 40 -9.31 14.57 -12.00
CA THR B 40 -8.81 15.05 -10.74
C THR B 40 -9.49 14.72 -9.42
N CYS B 41 -10.78 14.38 -9.45
CA CYS B 41 -11.50 14.06 -8.20
C CYS B 41 -10.95 12.79 -7.54
N LYS B 42 -10.32 12.95 -6.39
CA LYS B 42 -9.76 11.81 -5.70
C LYS B 42 -10.74 11.22 -4.70
N VAL B 43 -11.03 9.93 -4.87
CA VAL B 43 -11.95 9.25 -3.98
C VAL B 43 -11.26 8.09 -3.28
N LEU B 44 -11.42 8.00 -1.97
CA LEU B 44 -10.82 6.90 -1.19
C LEU B 44 -11.91 5.92 -0.72
N VAL B 45 -11.74 4.64 -1.05
CA VAL B 45 -12.69 3.62 -0.64
C VAL B 45 -12.07 2.89 0.55
N ILE B 46 -12.72 2.94 1.71
CA ILE B 46 -12.21 2.25 2.87
C ILE B 46 -12.91 0.88 2.88
N GLY B 47 -12.13 -0.17 2.63
CA GLY B 47 -12.65 -1.52 2.61
C GLY B 47 -12.66 -2.12 1.22
N ALA B 48 -12.14 -3.34 1.09
CA ALA B 48 -12.11 -4.04 -0.19
C ALA B 48 -13.00 -5.25 -0.05
N GLY B 49 -13.66 -5.35 1.10
CA GLY B 49 -14.55 -6.46 1.34
C GLY B 49 -16.00 -6.01 1.15
N GLY B 50 -16.82 -6.92 0.61
CA GLY B 50 -18.24 -6.71 0.36
C GLY B 50 -18.68 -5.48 -0.41
N LEU B 51 -18.86 -4.38 0.33
CA LEU B 51 -19.26 -3.14 -0.29
C LEU B 51 -18.16 -2.62 -1.17
N GLY B 52 -16.91 -2.84 -0.75
CA GLY B 52 -15.75 -2.38 -1.48
C GLY B 52 -15.70 -2.74 -2.95
N CYS B 53 -15.87 -4.03 -3.26
CA CYS B 53 -15.84 -4.47 -4.65
C CYS B 53 -16.94 -3.81 -5.43
N GLU B 54 -18.10 -3.73 -4.81
CA GLU B 54 -19.28 -3.16 -5.43
C GLU B 54 -19.05 -1.65 -5.61
N LEU B 55 -18.42 -1.04 -4.62
CA LEU B 55 -18.13 0.39 -4.65
C LEU B 55 -17.12 0.76 -5.74
N LEU B 56 -16.14 -0.11 -5.98
CA LEU B 56 -15.14 0.19 -6.99
C LEU B 56 -15.77 0.09 -8.38
N LYS B 57 -16.64 -0.87 -8.56
CA LYS B 57 -17.30 -1.02 -9.85
C LYS B 57 -18.17 0.22 -10.08
N ASN B 58 -18.98 0.56 -9.08
CA ASN B 58 -19.87 1.69 -9.22
C ASN B 58 -19.17 2.99 -9.57
N LEU B 59 -18.16 3.38 -8.80
CA LEU B 59 -17.45 4.61 -9.11
C LEU B 59 -16.78 4.56 -10.48
N ALA B 60 -16.16 3.43 -10.80
CA ALA B 60 -15.48 3.28 -12.08
C ALA B 60 -16.42 3.54 -13.27
N LEU B 61 -17.63 2.99 -13.20
CA LEU B 61 -18.56 3.16 -14.32
C LEU B 61 -19.30 4.49 -14.26
N SER B 62 -19.03 5.27 -13.22
CA SER B 62 -19.67 6.56 -13.08
C SER B 62 -18.73 7.68 -13.50
N GLY B 63 -17.55 7.32 -14.00
CA GLY B 63 -16.61 8.33 -14.46
C GLY B 63 -15.47 8.72 -13.53
N PHE B 64 -15.31 8.05 -12.40
CA PHE B 64 -14.21 8.34 -11.48
C PHE B 64 -13.03 7.50 -11.95
N ARG B 65 -11.81 8.03 -11.84
CA ARG B 65 -10.62 7.29 -12.25
C ARG B 65 -9.54 7.27 -11.16
N GLN B 66 -9.48 8.34 -10.38
CA GLN B 66 -8.51 8.44 -9.32
C GLN B 66 -9.10 7.85 -8.04
N ILE B 67 -9.09 6.53 -7.93
CA ILE B 67 -9.66 5.88 -6.75
C ILE B 67 -8.61 5.11 -5.97
N HIS B 68 -8.69 5.17 -4.65
CA HIS B 68 -7.76 4.47 -3.79
C HIS B 68 -8.57 3.53 -2.90
N VAL B 69 -7.96 2.40 -2.53
CA VAL B 69 -8.59 1.40 -1.67
C VAL B 69 -7.69 1.00 -0.52
N ILE B 70 -8.25 0.94 0.68
CA ILE B 70 -7.49 0.53 1.84
C ILE B 70 -8.11 -0.73 2.41
N ASP B 71 -7.27 -1.72 2.68
CA ASP B 71 -7.75 -2.98 3.24
C ASP B 71 -6.56 -3.75 3.77
N MET B 72 -6.70 -4.28 4.97
CA MET B 72 -5.64 -5.02 5.63
C MET B 72 -5.85 -6.53 5.55
N ASP B 73 -6.86 -6.97 4.79
CA ASP B 73 -7.15 -8.40 4.66
C ASP B 73 -6.66 -9.11 3.43
N THR B 74 -6.69 -10.43 3.56
CA THR B 74 -6.28 -11.34 2.54
C THR B 74 -7.55 -12.02 2.06
N ILE B 75 -7.55 -12.47 0.81
CA ILE B 75 -8.72 -13.11 0.25
C ILE B 75 -8.98 -14.46 0.90
N ASP B 76 -10.22 -14.67 1.30
CA ASP B 76 -10.66 -15.88 1.96
C ASP B 76 -11.75 -16.56 1.11
N VAL B 77 -11.78 -17.88 1.12
CA VAL B 77 -12.75 -18.63 0.33
C VAL B 77 -14.20 -18.20 0.59
N SER B 78 -14.49 -17.82 1.84
CA SER B 78 -15.85 -17.38 2.19
C SER B 78 -16.19 -16.00 1.63
N ASN B 79 -15.22 -15.30 1.05
CA ASN B 79 -15.49 -13.99 0.46
C ASN B 79 -16.15 -14.19 -0.89
N LEU B 80 -15.79 -15.30 -1.53
CA LEU B 80 -16.23 -15.64 -2.88
C LEU B 80 -17.71 -15.71 -3.29
N ASN B 81 -18.65 -15.70 -2.35
CA ASN B 81 -20.07 -15.74 -2.74
C ASN B 81 -20.56 -14.33 -3.08
N ARG B 82 -19.75 -13.33 -2.74
CA ARG B 82 -20.14 -11.94 -2.98
C ARG B 82 -19.04 -10.96 -3.38
N GLN B 83 -17.80 -11.26 -3.05
CA GLN B 83 -16.71 -10.32 -3.39
C GLN B 83 -16.14 -10.66 -4.76
N PHE B 84 -16.99 -10.42 -5.77
CA PHE B 84 -16.75 -10.72 -7.18
C PHE B 84 -15.49 -10.22 -7.88
N LEU B 85 -14.62 -9.54 -7.16
CA LEU B 85 -13.39 -9.08 -7.79
C LEU B 85 -12.29 -10.12 -7.54
N PHE B 86 -12.61 -11.11 -6.71
CA PHE B 86 -11.67 -12.17 -6.37
C PHE B 86 -12.13 -13.52 -6.94
N ARG B 87 -11.19 -14.38 -7.27
CA ARG B 87 -11.51 -15.71 -7.78
C ARG B 87 -10.79 -16.74 -6.92
N PRO B 88 -11.14 -18.04 -7.04
CA PRO B 88 -10.47 -19.04 -6.21
C PRO B 88 -8.93 -18.98 -6.28
N LYS B 89 -8.39 -18.70 -7.46
CA LYS B 89 -6.94 -18.61 -7.58
C LYS B 89 -6.36 -17.54 -6.65
N ASP B 90 -7.11 -16.46 -6.43
CA ASP B 90 -6.64 -15.35 -5.59
C ASP B 90 -6.61 -15.59 -4.06
N ILE B 91 -7.15 -16.71 -3.60
CA ILE B 91 -7.18 -16.98 -2.17
C ILE B 91 -5.78 -16.84 -1.54
N GLY B 92 -5.64 -15.94 -0.56
CA GLY B 92 -4.35 -15.74 0.09
C GLY B 92 -3.70 -14.40 -0.24
N ARG B 93 -4.04 -13.83 -1.40
CA ARG B 93 -3.51 -12.54 -1.82
C ARG B 93 -4.27 -11.38 -1.13
N PRO B 94 -3.64 -10.20 -1.02
CA PRO B 94 -4.28 -9.03 -0.40
C PRO B 94 -5.48 -8.63 -1.26
N LYS B 95 -6.61 -8.36 -0.61
CA LYS B 95 -7.83 -7.99 -1.32
C LYS B 95 -7.61 -6.65 -2.02
N ALA B 96 -7.07 -5.69 -1.29
CA ALA B 96 -6.81 -4.38 -1.86
C ALA B 96 -6.13 -4.51 -3.20
N GLU B 97 -5.02 -5.25 -3.22
CA GLU B 97 -4.22 -5.46 -4.43
C GLU B 97 -5.03 -6.12 -5.57
N VAL B 98 -5.76 -7.17 -5.24
CA VAL B 98 -6.53 -7.88 -6.22
C VAL B 98 -7.71 -7.06 -6.74
N ALA B 99 -8.32 -6.30 -5.85
CA ALA B 99 -9.42 -5.45 -6.24
C ALA B 99 -8.95 -4.44 -7.30
N ALA B 100 -7.84 -3.76 -7.05
CA ALA B 100 -7.32 -2.78 -8.02
C ALA B 100 -6.95 -3.46 -9.33
N GLU B 101 -6.29 -4.61 -9.21
CA GLU B 101 -5.87 -5.40 -10.35
C GLU B 101 -7.07 -5.70 -11.26
N PHE B 102 -8.10 -6.33 -10.70
CA PHE B 102 -9.29 -6.69 -11.48
C PHE B 102 -9.98 -5.47 -12.05
N LEU B 103 -10.17 -4.47 -11.20
CA LEU B 103 -10.83 -3.27 -11.64
C LEU B 103 -10.09 -2.57 -12.79
N ASN B 104 -8.80 -2.34 -12.61
CA ASN B 104 -7.99 -1.66 -13.64
C ASN B 104 -8.00 -2.41 -14.97
N ASP B 105 -8.15 -3.72 -14.92
CA ASP B 105 -8.19 -4.53 -16.13
C ASP B 105 -9.56 -4.47 -16.82
N ARG B 106 -10.64 -4.48 -16.04
CA ARG B 106 -11.97 -4.48 -16.61
C ARG B 106 -12.43 -3.12 -17.09
N VAL B 107 -12.02 -2.06 -16.41
CA VAL B 107 -12.39 -0.71 -16.83
C VAL B 107 -11.13 -0.05 -17.37
N PRO B 108 -10.97 -0.07 -18.70
CA PRO B 108 -9.90 0.43 -19.57
C PRO B 108 -8.91 1.50 -19.09
N ASN B 109 -9.38 2.62 -18.57
CA ASN B 109 -8.37 3.60 -18.15
C ASN B 109 -8.47 3.99 -16.69
N CYS B 110 -9.11 3.13 -15.91
CA CYS B 110 -9.29 3.39 -14.50
C CYS B 110 -7.93 3.38 -13.82
N ASN B 111 -7.84 3.99 -12.65
CA ASN B 111 -6.55 4.04 -11.98
C ASN B 111 -6.63 3.79 -10.48
N VAL B 112 -7.13 2.62 -10.13
CA VAL B 112 -7.29 2.23 -8.75
C VAL B 112 -5.95 1.91 -8.13
N VAL B 113 -5.58 2.68 -7.10
CA VAL B 113 -4.34 2.47 -6.38
C VAL B 113 -4.68 1.79 -5.05
N PRO B 114 -4.10 0.60 -4.79
CA PRO B 114 -4.32 -0.18 -3.57
C PRO B 114 -3.36 0.19 -2.43
N HIS B 115 -3.77 -0.14 -1.22
CA HIS B 115 -3.00 0.12 -0.03
C HIS B 115 -3.23 -1.03 0.96
N PHE B 116 -2.26 -1.93 1.06
CA PHE B 116 -2.32 -3.06 1.99
C PHE B 116 -2.04 -2.47 3.37
N ASN B 117 -3.05 -1.82 3.94
CA ASN B 117 -2.92 -1.14 5.23
C ASN B 117 -4.26 -1.12 5.96
N LYS B 118 -4.23 -0.67 7.20
CA LYS B 118 -5.45 -0.51 7.98
C LYS B 118 -5.59 1.02 7.98
N ILE B 119 -6.78 1.55 8.24
CA ILE B 119 -6.93 3.00 8.20
C ILE B 119 -6.13 3.75 9.28
N GLN B 120 -5.79 3.06 10.37
CA GLN B 120 -5.04 3.67 11.46
C GLN B 120 -3.58 3.97 11.10
N ASP B 121 -3.06 3.29 10.08
CA ASP B 121 -1.67 3.53 9.69
C ASP B 121 -1.44 4.94 9.12
N PHE B 122 -2.49 5.62 8.65
CA PHE B 122 -2.31 6.95 8.05
C PHE B 122 -2.69 8.15 8.90
N ASN B 123 -2.14 9.31 8.54
CA ASN B 123 -2.44 10.56 9.25
C ASN B 123 -3.15 11.59 8.37
N ASP B 124 -3.42 12.76 8.95
CA ASP B 124 -4.09 13.86 8.26
C ASP B 124 -3.61 13.99 6.83
N THR B 125 -2.30 14.18 6.70
CA THR B 125 -1.66 14.37 5.40
C THR B 125 -2.17 13.42 4.32
N PHE B 126 -2.39 12.17 4.68
CA PHE B 126 -2.84 11.22 3.69
C PHE B 126 -4.30 11.45 3.34
N TYR B 127 -5.15 11.60 4.34
CA TYR B 127 -6.56 11.80 4.08
C TYR B 127 -6.98 13.13 3.48
N ARG B 128 -6.25 14.21 3.76
CA ARG B 128 -6.61 15.53 3.21
C ARG B 128 -6.51 15.53 1.69
N GLN B 129 -5.75 14.59 1.18
CA GLN B 129 -5.54 14.47 -0.24
C GLN B 129 -6.84 14.14 -0.96
N PHE B 130 -7.80 13.56 -0.25
CA PHE B 130 -9.04 13.19 -0.92
C PHE B 130 -10.22 14.16 -0.86
N HIS B 131 -11.00 14.19 -1.94
CA HIS B 131 -12.19 15.03 -2.06
C HIS B 131 -13.36 14.37 -1.34
N ILE B 132 -13.49 13.06 -1.53
CA ILE B 132 -14.55 12.26 -0.94
C ILE B 132 -14.01 10.92 -0.44
N ILE B 133 -14.60 10.44 0.65
CA ILE B 133 -14.21 9.18 1.24
C ILE B 133 -15.47 8.30 1.39
N VAL B 134 -15.41 7.06 0.92
CA VAL B 134 -16.54 6.14 1.04
C VAL B 134 -16.08 4.99 1.89
N CYS B 135 -16.78 4.75 2.99
CA CYS B 135 -16.40 3.68 3.88
C CYS B 135 -17.46 2.57 3.82
N GLY B 136 -17.00 1.35 3.56
CA GLY B 136 -17.89 0.21 3.49
C GLY B 136 -17.41 -0.90 4.42
N LEU B 137 -16.69 -0.51 5.48
CA LEU B 137 -16.16 -1.45 6.46
C LEU B 137 -17.27 -2.10 7.30
N ASP B 138 -16.86 -2.96 8.23
CA ASP B 138 -17.83 -3.66 9.05
C ASP B 138 -17.71 -3.47 10.56
N SER B 139 -16.60 -2.92 11.04
CA SER B 139 -16.44 -2.70 12.47
C SER B 139 -16.81 -1.27 12.84
N ILE B 140 -17.52 -1.12 13.95
CA ILE B 140 -17.93 0.19 14.43
C ILE B 140 -16.68 1.02 14.74
N ILE B 141 -15.65 0.39 15.28
CA ILE B 141 -14.42 1.11 15.62
C ILE B 141 -13.82 1.85 14.44
N ALA B 142 -13.75 1.19 13.29
CA ALA B 142 -13.22 1.80 12.09
C ALA B 142 -14.07 2.99 11.65
N ARG B 143 -15.39 2.81 11.65
CA ARG B 143 -16.33 3.86 11.27
C ARG B 143 -16.10 5.09 12.15
N ARG B 144 -16.00 4.86 13.45
CA ARG B 144 -15.76 5.96 14.37
C ARG B 144 -14.39 6.57 14.16
N TRP B 145 -13.40 5.73 13.95
CA TRP B 145 -12.04 6.25 13.76
C TRP B 145 -12.00 7.16 12.52
N ILE B 146 -12.49 6.68 11.38
CA ILE B 146 -12.44 7.53 10.20
C ILE B 146 -13.33 8.75 10.38
N ASN B 147 -14.38 8.62 11.21
CA ASN B 147 -15.27 9.75 11.47
C ASN B 147 -14.47 10.80 12.20
N GLY B 148 -13.67 10.39 13.19
CA GLY B 148 -12.86 11.33 13.93
C GLY B 148 -11.79 11.98 13.07
N MET B 149 -11.19 11.18 12.19
CA MET B 149 -10.14 11.69 11.32
C MET B 149 -10.62 12.84 10.45
N LEU B 150 -11.76 12.66 9.80
CA LEU B 150 -12.26 13.72 8.93
C LEU B 150 -12.69 14.96 9.74
N ILE B 151 -13.22 14.74 10.94
CA ILE B 151 -13.62 15.86 11.77
C ILE B 151 -12.36 16.68 12.04
N SER B 152 -11.26 15.99 12.35
CA SER B 152 -9.99 16.65 12.65
C SER B 152 -9.46 17.52 11.51
N LEU B 153 -9.81 17.18 10.27
CA LEU B 153 -9.36 17.95 9.11
C LEU B 153 -10.06 19.30 9.04
N LEU B 154 -11.16 19.45 9.78
CA LEU B 154 -11.92 20.70 9.77
C LEU B 154 -11.07 21.86 10.28
N ASN B 155 -11.20 23.01 9.62
CA ASN B 155 -10.46 24.21 10.01
C ASN B 155 -11.42 25.38 10.22
N TYR B 156 -11.61 25.77 11.48
CA TYR B 156 -12.49 26.89 11.80
C TYR B 156 -11.69 28.18 12.08
N GLU B 157 -12.00 29.24 11.34
CA GLU B 157 -11.33 30.53 11.52
C GLU B 157 -12.22 31.48 12.33
N ASP B 158 -12.02 31.50 13.65
CA ASP B 158 -12.82 32.35 14.53
C ASP B 158 -14.19 31.73 14.79
N GLY B 159 -14.31 30.43 14.54
CA GLY B 159 -15.58 29.75 14.72
C GLY B 159 -16.35 29.84 13.42
N VAL B 160 -15.61 29.96 12.32
CA VAL B 160 -16.18 30.04 10.99
C VAL B 160 -15.57 28.94 10.13
N LEU B 161 -16.26 27.81 10.06
CA LEU B 161 -15.84 26.64 9.30
C LEU B 161 -15.36 26.93 7.88
N ASP B 162 -14.20 26.40 7.53
CA ASP B 162 -13.65 26.59 6.18
C ASP B 162 -14.13 25.45 5.28
N PRO B 163 -15.15 25.72 4.45
CA PRO B 163 -15.75 24.77 3.53
C PRO B 163 -14.75 23.92 2.74
N SER B 164 -13.62 24.50 2.38
CA SER B 164 -12.62 23.77 1.61
C SER B 164 -12.04 22.61 2.42
N SER B 165 -12.13 22.71 3.74
CA SER B 165 -11.60 21.69 4.65
C SER B 165 -12.58 20.57 4.96
N ILE B 166 -13.77 20.61 4.36
CA ILE B 166 -14.79 19.59 4.58
C ILE B 166 -14.55 18.44 3.62
N VAL B 167 -14.48 17.23 4.17
CA VAL B 167 -14.32 16.06 3.33
C VAL B 167 -15.55 15.20 3.52
N PRO B 168 -16.43 15.16 2.52
CA PRO B 168 -17.61 14.32 2.71
C PRO B 168 -17.26 12.86 3.02
N LEU B 169 -18.07 12.26 3.89
CA LEU B 169 -17.91 10.88 4.27
C LEU B 169 -19.20 10.09 3.96
N ILE B 170 -19.14 9.19 3.01
CA ILE B 170 -20.30 8.36 2.68
C ILE B 170 -20.04 7.04 3.40
N ASP B 171 -20.99 6.58 4.21
CA ASP B 171 -20.82 5.36 4.97
C ASP B 171 -21.92 4.34 4.73
N GLY B 172 -21.53 3.09 4.51
CA GLY B 172 -22.50 2.06 4.25
C GLY B 172 -22.28 0.76 5.01
N GLY B 173 -23.36 0.14 5.39
CA GLY B 173 -23.24 -1.10 6.12
C GLY B 173 -24.27 -2.10 5.69
N THR B 174 -23.95 -3.37 5.86
CA THR B 174 -24.87 -4.42 5.48
C THR B 174 -24.93 -5.50 6.55
N GLU B 175 -26.00 -6.27 6.55
CA GLU B 175 -26.22 -7.36 7.51
C GLU B 175 -27.31 -8.27 6.98
N GLY B 176 -26.94 -9.31 6.25
CA GLY B 176 -27.96 -10.17 5.70
C GLY B 176 -28.84 -9.41 4.73
N PHE B 177 -30.13 -9.31 5.02
CA PHE B 177 -31.04 -8.62 4.13
C PHE B 177 -31.38 -7.21 4.58
N LYS B 178 -30.50 -6.67 5.40
CA LYS B 178 -30.63 -5.33 5.94
C LYS B 178 -29.34 -4.58 5.60
N GLY B 179 -29.45 -3.26 5.50
CA GLY B 179 -28.30 -2.44 5.20
C GLY B 179 -28.61 -1.00 5.51
N ASN B 180 -27.59 -0.15 5.51
CA ASN B 180 -27.79 1.25 5.81
C ASN B 180 -26.76 2.05 5.04
N ALA B 181 -27.12 3.29 4.72
CA ALA B 181 -26.24 4.17 3.98
C ALA B 181 -26.43 5.58 4.52
N ARG B 182 -25.38 6.38 4.57
CA ARG B 182 -25.56 7.72 5.07
C ARG B 182 -24.50 8.65 4.59
N VAL B 183 -24.89 9.91 4.47
CA VAL B 183 -24.00 10.96 4.02
C VAL B 183 -23.66 11.82 5.23
N ILE B 184 -22.37 11.99 5.48
CA ILE B 184 -21.89 12.80 6.59
C ILE B 184 -21.05 13.95 6.05
N LEU B 185 -21.44 15.18 6.35
CA LEU B 185 -20.66 16.33 5.90
C LEU B 185 -20.07 16.83 7.22
N PRO B 186 -18.82 16.44 7.51
CA PRO B 186 -18.13 16.83 8.73
C PRO B 186 -18.28 18.31 9.02
N GLY B 187 -18.80 18.63 10.20
CA GLY B 187 -18.98 20.02 10.60
C GLY B 187 -20.24 20.70 10.08
N MET B 188 -21.11 19.97 9.40
CA MET B 188 -22.34 20.54 8.87
C MET B 188 -23.52 19.65 9.25
N THR B 189 -23.31 18.35 9.24
CA THR B 189 -24.41 17.46 9.58
C THR B 189 -24.00 16.50 10.67
N ALA B 190 -24.93 15.66 11.09
CA ALA B 190 -24.66 14.68 12.11
C ALA B 190 -23.48 13.78 11.73
N CYS B 191 -22.52 13.63 12.63
CA CYS B 191 -21.39 12.75 12.34
C CYS B 191 -21.74 11.41 12.99
N ILE B 192 -20.85 10.42 12.87
CA ILE B 192 -21.08 9.08 13.44
C ILE B 192 -21.27 9.16 14.96
N GLU B 193 -20.48 10.01 15.60
CA GLU B 193 -20.52 10.17 17.04
C GLU B 193 -21.84 10.82 17.54
N CYS B 194 -22.50 11.58 16.66
CA CYS B 194 -23.78 12.22 16.99
C CYS B 194 -24.93 11.21 17.12
N THR B 195 -24.78 10.04 16.51
CA THR B 195 -25.85 9.06 16.51
C THR B 195 -25.45 7.67 16.97
N LEU B 196 -24.69 7.60 18.06
CA LEU B 196 -24.22 6.31 18.58
C LEU B 196 -25.30 5.22 18.70
N GLU B 197 -26.54 5.63 18.91
CA GLU B 197 -27.62 4.67 19.04
C GLU B 197 -27.78 3.87 17.74
N LEU B 198 -27.40 4.49 16.62
CA LEU B 198 -27.49 3.85 15.31
C LEU B 198 -26.42 2.79 15.10
N TYR B 199 -25.40 2.80 15.94
CA TYR B 199 -24.33 1.85 15.82
C TYR B 199 -24.20 0.96 17.07
N PRO B 200 -25.22 0.13 17.34
CA PRO B 200 -25.20 -0.75 18.51
C PRO B 200 -24.08 -1.78 18.41
N PRO B 201 -23.05 -1.66 19.26
CA PRO B 201 -21.91 -2.58 19.27
C PRO B 201 -22.40 -4.04 19.28
N GLN B 202 -21.64 -4.92 18.65
CA GLN B 202 -22.01 -6.33 18.56
C GLN B 202 -22.17 -7.01 19.91
N VAL B 203 -22.75 -8.20 19.88
CA VAL B 203 -23.00 -8.96 21.09
C VAL B 203 -21.71 -9.37 21.80
N ASN B 204 -21.72 -9.25 23.12
CA ASN B 204 -20.59 -9.63 23.96
C ASN B 204 -21.23 -10.21 25.21
N PHE B 205 -21.39 -11.54 25.22
CA PHE B 205 -22.01 -12.25 26.34
C PHE B 205 -21.40 -11.90 27.70
N PRO B 206 -22.25 -11.78 28.73
CA PRO B 206 -21.86 -11.45 30.11
C PRO B 206 -21.03 -12.58 30.72
N MET B 207 -20.03 -12.24 31.51
CA MET B 207 -19.18 -13.23 32.17
C MET B 207 -19.95 -14.27 32.98
N CYS B 208 -20.81 -13.80 33.87
CA CYS B 208 -21.58 -14.70 34.70
C CYS B 208 -22.24 -15.79 33.89
N THR B 209 -22.91 -15.41 32.81
CA THR B 209 -23.60 -16.38 31.97
C THR B 209 -22.62 -17.35 31.36
N ILE B 210 -21.60 -16.83 30.67
CA ILE B 210 -20.62 -17.68 30.03
C ILE B 210 -19.93 -18.63 31.03
N ALA B 211 -19.47 -18.08 32.15
CA ALA B 211 -18.76 -18.87 33.12
C ALA B 211 -19.59 -19.66 34.12
N SER B 212 -20.88 -19.39 34.26
CA SER B 212 -21.62 -20.15 35.26
C SER B 212 -23.09 -20.46 34.99
N MET B 213 -23.67 -19.88 33.94
CA MET B 213 -25.08 -20.12 33.66
C MET B 213 -25.35 -20.33 32.17
N PRO B 214 -24.51 -21.14 31.50
CA PRO B 214 -24.74 -21.37 30.07
C PRO B 214 -26.12 -21.92 29.86
N ARG B 215 -26.80 -21.45 28.82
CA ARG B 215 -28.15 -21.89 28.49
C ARG B 215 -28.26 -22.22 27.01
N LEU B 216 -27.38 -21.61 26.23
CA LEU B 216 -27.41 -21.80 24.78
C LEU B 216 -26.12 -22.38 24.22
N PRO B 217 -26.20 -23.05 23.07
CA PRO B 217 -25.00 -23.63 22.47
C PRO B 217 -23.90 -22.59 22.34
N GLU B 218 -24.29 -21.38 21.93
CA GLU B 218 -23.36 -20.27 21.77
C GLU B 218 -22.55 -19.96 23.04
N HIS B 219 -23.19 -20.07 24.22
CA HIS B 219 -22.51 -19.80 25.48
C HIS B 219 -21.41 -20.83 25.68
N CYS B 220 -21.68 -22.07 25.30
CA CYS B 220 -20.70 -23.13 25.46
C CYS B 220 -19.50 -22.84 24.59
N ILE B 221 -19.76 -22.62 23.29
CA ILE B 221 -18.71 -22.33 22.36
C ILE B 221 -17.92 -21.13 22.85
N GLU B 222 -18.64 -20.10 23.30
CA GLU B 222 -18.01 -18.88 23.80
C GLU B 222 -17.09 -19.12 24.99
N TYR B 223 -17.53 -19.98 25.91
CA TYR B 223 -16.75 -20.34 27.10
C TYR B 223 -15.41 -20.97 26.70
N VAL B 224 -15.47 -21.91 25.76
CA VAL B 224 -14.27 -22.58 25.31
C VAL B 224 -13.32 -21.60 24.68
N ARG B 225 -13.85 -20.74 23.82
CA ARG B 225 -13.05 -19.74 23.12
C ARG B 225 -12.45 -18.67 24.02
N MET B 226 -13.26 -18.15 24.94
CA MET B 226 -12.84 -17.07 25.83
C MET B 226 -12.16 -17.45 27.14
N LEU B 227 -12.32 -18.69 27.60
CA LEU B 227 -11.70 -19.05 28.87
C LEU B 227 -10.83 -20.30 28.83
N GLN B 228 -11.38 -21.38 28.29
CA GLN B 228 -10.66 -22.65 28.24
C GLN B 228 -9.43 -22.65 27.33
N TRP B 229 -9.51 -22.03 26.16
CA TRP B 229 -8.36 -21.98 25.26
C TRP B 229 -7.25 -21.12 25.87
N PRO B 230 -7.61 -20.01 26.53
CA PRO B 230 -6.51 -19.22 27.13
C PRO B 230 -5.87 -19.98 28.29
N LYS B 231 -6.69 -20.64 29.11
CA LYS B 231 -6.19 -21.43 30.24
C LYS B 231 -5.37 -22.59 29.68
N GLU B 232 -6.04 -23.57 29.10
CA GLU B 232 -5.35 -24.69 28.49
C GLU B 232 -4.76 -24.02 27.25
N GLN B 233 -3.75 -24.62 26.63
CA GLN B 233 -3.18 -24.01 25.42
C GLN B 233 -3.00 -25.16 24.47
N PRO B 234 -4.13 -25.76 24.04
CA PRO B 234 -4.28 -26.89 23.15
C PRO B 234 -3.16 -27.08 22.16
N PHE B 235 -2.73 -26.00 21.54
CA PHE B 235 -1.69 -26.09 20.53
C PHE B 235 -0.32 -25.55 20.90
N GLY B 236 -0.04 -25.48 22.20
CA GLY B 236 1.25 -25.00 22.66
C GLY B 236 1.18 -23.65 23.35
N GLU B 237 2.10 -23.42 24.28
CA GLU B 237 2.15 -22.17 25.02
C GLU B 237 2.34 -21.02 24.06
N GLY B 238 1.50 -20.00 24.17
CA GLY B 238 1.63 -18.84 23.32
C GLY B 238 0.91 -18.96 21.99
N VAL B 239 0.54 -20.18 21.61
CA VAL B 239 -0.16 -20.39 20.34
C VAL B 239 -1.57 -19.81 20.40
N PRO B 240 -1.81 -18.68 19.72
CA PRO B 240 -3.13 -18.05 19.72
C PRO B 240 -4.18 -18.74 18.84
N LEU B 241 -5.42 -18.75 19.33
CA LEU B 241 -6.52 -19.36 18.62
C LEU B 241 -6.72 -18.71 17.26
N ASP B 242 -6.60 -19.52 16.22
CA ASP B 242 -6.75 -19.05 14.85
C ASP B 242 -8.10 -19.51 14.31
N GLY B 243 -9.07 -18.59 14.36
CA GLY B 243 -10.42 -18.87 13.90
C GLY B 243 -10.55 -19.53 12.55
N ASP B 244 -9.52 -19.44 11.72
CA ASP B 244 -9.59 -20.05 10.40
C ASP B 244 -8.88 -21.39 10.34
N ASP B 245 -8.14 -21.71 11.39
CA ASP B 245 -7.42 -22.97 11.46
C ASP B 245 -8.41 -24.13 11.66
N PRO B 246 -8.57 -25.01 10.66
CA PRO B 246 -9.48 -26.15 10.78
C PRO B 246 -9.30 -26.96 12.07
N GLU B 247 -8.05 -27.21 12.43
CA GLU B 247 -7.75 -27.99 13.65
C GLU B 247 -8.19 -27.27 14.92
N HIS B 248 -8.09 -25.93 14.93
CA HIS B 248 -8.48 -25.16 16.10
C HIS B 248 -9.98 -25.17 16.36
N ILE B 249 -10.76 -25.10 15.29
CA ILE B 249 -12.21 -25.09 15.40
C ILE B 249 -12.71 -26.50 15.78
N GLN B 250 -12.07 -27.53 15.25
CA GLN B 250 -12.48 -28.87 15.60
C GLN B 250 -12.22 -29.02 17.10
N TRP B 251 -11.13 -28.43 17.59
CA TRP B 251 -10.85 -28.54 19.02
C TRP B 251 -11.92 -27.83 19.84
N ILE B 252 -12.21 -26.58 19.45
CA ILE B 252 -13.23 -25.78 20.14
C ILE B 252 -14.59 -26.48 20.12
N PHE B 253 -14.92 -27.09 18.98
CA PHE B 253 -16.19 -27.79 18.78
C PHE B 253 -16.32 -28.98 19.76
N GLN B 254 -15.23 -29.70 19.98
CA GLN B 254 -15.26 -30.84 20.87
C GLN B 254 -15.40 -30.45 22.34
N LYS B 255 -14.67 -29.42 22.77
CA LYS B 255 -14.79 -28.97 24.15
C LYS B 255 -16.17 -28.35 24.37
N SER B 256 -16.71 -27.72 23.34
CA SER B 256 -18.03 -27.12 23.43
C SER B 256 -19.10 -28.19 23.69
N LEU B 257 -19.08 -29.25 22.90
CA LEU B 257 -20.03 -30.35 23.10
C LEU B 257 -19.84 -30.90 24.53
N GLU B 258 -18.59 -30.91 24.98
CA GLU B 258 -18.30 -31.40 26.33
C GLU B 258 -19.07 -30.59 27.37
N ARG B 259 -18.91 -29.27 27.33
CA ARG B 259 -19.61 -28.40 28.27
C ARG B 259 -21.13 -28.45 28.07
N ALA B 260 -21.56 -28.62 26.82
CA ALA B 260 -22.98 -28.70 26.52
C ALA B 260 -23.62 -29.96 27.14
N SER B 261 -22.89 -31.07 27.12
CA SER B 261 -23.40 -32.30 27.71
C SER B 261 -23.64 -32.09 29.22
N GLN B 262 -22.63 -31.56 29.90
CA GLN B 262 -22.74 -31.32 31.32
C GLN B 262 -23.91 -30.43 31.74
N TYR B 263 -24.39 -29.58 30.84
CA TYR B 263 -25.51 -28.71 31.16
C TYR B 263 -26.74 -28.95 30.33
N ASN B 264 -26.75 -30.10 29.65
CA ASN B 264 -27.87 -30.53 28.83
C ASN B 264 -28.32 -29.47 27.83
N ILE B 265 -27.38 -28.92 27.08
CA ILE B 265 -27.65 -27.91 26.09
C ILE B 265 -27.49 -28.56 24.70
N ARG B 266 -28.50 -28.39 23.85
CA ARG B 266 -28.44 -28.94 22.49
C ARG B 266 -27.96 -27.86 21.52
N GLY B 267 -27.64 -28.28 20.30
CA GLY B 267 -27.25 -27.34 19.27
C GLY B 267 -25.80 -27.04 18.97
N VAL B 268 -24.85 -27.63 19.69
CA VAL B 268 -23.48 -27.31 19.34
C VAL B 268 -23.09 -28.04 18.05
N THR B 269 -22.94 -27.28 16.97
CA THR B 269 -22.54 -27.82 15.67
C THR B 269 -21.26 -27.14 15.20
N TYR B 270 -20.56 -27.78 14.27
CA TYR B 270 -19.33 -27.22 13.73
C TYR B 270 -19.61 -25.85 13.09
N ARG B 271 -20.73 -25.75 12.37
CA ARG B 271 -21.10 -24.50 11.73
C ARG B 271 -21.30 -23.40 12.77
N LEU B 272 -22.02 -23.72 13.84
CA LEU B 272 -22.27 -22.73 14.89
C LEU B 272 -20.98 -22.38 15.59
N THR B 273 -20.07 -23.35 15.69
CA THR B 273 -18.79 -23.11 16.34
C THR B 273 -17.99 -22.11 15.51
N GLN B 274 -18.05 -22.23 14.20
CA GLN B 274 -17.33 -21.29 13.33
C GLN B 274 -17.98 -19.92 13.47
N GLY B 275 -19.31 -19.90 13.45
CA GLY B 275 -20.02 -18.64 13.56
C GLY B 275 -19.60 -17.80 14.76
N VAL B 276 -19.56 -18.43 15.93
CA VAL B 276 -19.21 -17.75 17.17
C VAL B 276 -17.76 -17.33 17.25
N VAL B 277 -16.86 -18.26 16.95
CA VAL B 277 -15.46 -17.97 17.01
C VAL B 277 -15.13 -16.75 16.15
N LYS B 278 -15.58 -16.78 14.90
CA LYS B 278 -15.31 -15.69 13.96
C LYS B 278 -16.31 -14.55 14.04
N ARG B 279 -17.30 -14.67 14.91
CA ARG B 279 -18.30 -13.62 15.05
C ARG B 279 -18.84 -13.28 13.66
N ILE B 280 -19.10 -14.33 12.88
CA ILE B 280 -19.58 -14.22 11.51
C ILE B 280 -20.92 -13.52 11.36
N ILE B 281 -21.00 -12.64 10.36
CA ILE B 281 -22.24 -11.93 10.04
C ILE B 281 -22.67 -12.46 8.68
N PRO B 282 -23.87 -13.05 8.60
CA PRO B 282 -24.35 -13.58 7.31
C PRO B 282 -24.31 -12.49 6.24
N ALA B 283 -24.01 -12.88 5.00
CA ALA B 283 -23.93 -11.90 3.96
C ALA B 283 -24.18 -12.47 2.57
N VAL B 284 -24.73 -11.64 1.69
CA VAL B 284 -25.02 -12.03 0.32
C VAL B 284 -24.62 -10.88 -0.58
N ALA B 285 -24.60 -11.17 -1.88
CA ALA B 285 -24.22 -10.19 -2.90
C ALA B 285 -25.27 -9.10 -3.10
N SER B 286 -26.54 -9.50 -3.21
CA SER B 286 -27.63 -8.55 -3.44
C SER B 286 -27.73 -7.40 -2.44
N THR B 287 -27.69 -7.70 -1.16
CA THR B 287 -27.78 -6.58 -0.22
C THR B 287 -26.58 -5.63 -0.32
N ASN B 288 -25.38 -6.16 -0.55
CA ASN B 288 -24.22 -5.31 -0.69
C ASN B 288 -24.35 -4.45 -1.95
N ALA B 289 -24.91 -5.02 -3.00
CA ALA B 289 -25.08 -4.31 -4.27
C ALA B 289 -26.02 -3.12 -4.08
N VAL B 290 -27.14 -3.35 -3.39
CA VAL B 290 -28.11 -2.30 -3.15
C VAL B 290 -27.48 -1.14 -2.37
N ILE B 291 -26.86 -1.44 -1.23
CA ILE B 291 -26.28 -0.39 -0.43
C ILE B 291 -25.11 0.34 -1.08
N ALA B 292 -24.24 -0.38 -1.80
CA ALA B 292 -23.10 0.26 -2.46
C ALA B 292 -23.60 1.15 -3.58
N ALA B 293 -24.73 0.79 -4.17
CA ALA B 293 -25.32 1.61 -5.22
C ALA B 293 -25.80 2.98 -4.65
N VAL B 294 -26.50 2.93 -3.52
CA VAL B 294 -26.96 4.15 -2.87
C VAL B 294 -25.74 5.01 -2.57
N CYS B 295 -24.71 4.42 -1.96
CA CYS B 295 -23.49 5.12 -1.61
C CYS B 295 -22.74 5.72 -2.78
N ALA B 296 -22.59 4.97 -3.86
CA ALA B 296 -21.88 5.48 -5.02
C ALA B 296 -22.66 6.63 -5.65
N THR B 297 -23.97 6.43 -5.83
CA THR B 297 -24.83 7.46 -6.39
C THR B 297 -24.67 8.74 -5.57
N GLU B 298 -24.53 8.60 -4.26
CA GLU B 298 -24.35 9.80 -3.44
C GLU B 298 -22.96 10.42 -3.60
N VAL B 299 -21.94 9.58 -3.80
CA VAL B 299 -20.59 10.10 -3.99
C VAL B 299 -20.61 10.92 -5.27
N PHE B 300 -21.29 10.39 -6.28
CA PHE B 300 -21.40 11.08 -7.56
C PHE B 300 -22.08 12.45 -7.38
N LYS B 301 -23.20 12.46 -6.67
CA LYS B 301 -23.93 13.68 -6.43
C LYS B 301 -23.06 14.69 -5.72
N ILE B 302 -22.36 14.28 -4.66
CA ILE B 302 -21.51 15.20 -3.91
C ILE B 302 -20.40 15.77 -4.80
N ALA B 303 -19.82 14.95 -5.67
CA ALA B 303 -18.72 15.39 -6.54
C ALA B 303 -19.11 16.40 -7.62
N THR B 304 -20.25 16.16 -8.25
CA THR B 304 -20.72 17.00 -9.34
C THR B 304 -21.82 17.96 -8.97
N SER B 305 -22.30 17.88 -7.73
CA SER B 305 -23.41 18.72 -7.29
C SER B 305 -24.55 18.54 -8.30
N ALA B 306 -24.77 17.32 -8.75
CA ALA B 306 -25.84 17.04 -9.71
C ALA B 306 -27.20 17.14 -9.05
N TYR B 307 -27.31 16.62 -7.83
CA TYR B 307 -28.55 16.67 -7.11
C TYR B 307 -28.18 16.87 -5.66
N ILE B 308 -29.16 17.22 -4.85
CA ILE B 308 -28.91 17.41 -3.45
C ILE B 308 -28.72 15.99 -2.93
N PRO B 309 -27.77 15.80 -2.02
CA PRO B 309 -27.43 14.49 -1.44
C PRO B 309 -28.45 13.92 -0.45
N LEU B 310 -28.45 12.60 -0.32
CA LEU B 310 -29.33 11.87 0.59
C LEU B 310 -29.42 12.79 1.80
N ASN B 311 -30.61 13.07 2.36
CA ASN B 311 -30.59 14.02 3.47
C ASN B 311 -29.50 13.36 4.25
N ASN B 312 -29.78 12.34 5.06
CA ASN B 312 -28.57 11.73 5.55
C ASN B 312 -28.52 10.29 5.93
N TYR B 313 -29.64 9.68 6.30
CA TYR B 313 -29.54 8.28 6.69
C TYR B 313 -30.63 7.39 6.13
N LEU B 314 -30.24 6.51 5.21
CA LEU B 314 -31.15 5.58 4.57
C LEU B 314 -30.99 4.14 5.06
N VAL B 315 -32.11 3.44 5.19
CA VAL B 315 -32.11 2.05 5.64
C VAL B 315 -32.79 1.23 4.57
N PHE B 316 -32.29 0.02 4.32
CA PHE B 316 -32.86 -0.89 3.34
C PHE B 316 -33.15 -2.24 4.05
N ASN B 317 -34.31 -2.81 3.78
CA ASN B 317 -34.72 -4.10 4.35
C ASN B 317 -35.40 -4.87 3.20
N ASP B 318 -34.92 -6.09 2.99
CA ASP B 318 -35.31 -6.99 1.88
C ASP B 318 -36.11 -8.24 2.34
N VAL B 319 -36.38 -8.36 3.63
CA VAL B 319 -37.05 -9.53 4.22
C VAL B 319 -38.52 -9.76 3.86
N ASP B 320 -39.38 -8.81 4.20
CA ASP B 320 -40.79 -8.92 3.90
C ASP B 320 -41.02 -7.91 2.79
N GLY B 321 -40.95 -8.37 1.54
CA GLY B 321 -41.09 -7.45 0.43
C GLY B 321 -39.82 -6.62 0.56
N LEU B 322 -39.85 -5.33 0.24
CA LEU B 322 -38.67 -4.51 0.40
C LEU B 322 -39.03 -3.04 0.50
N TYR B 323 -38.16 -2.26 1.11
CA TYR B 323 -38.44 -0.86 1.25
C TYR B 323 -37.18 -0.10 1.61
N THR B 324 -37.21 1.22 1.44
CA THR B 324 -36.11 2.05 1.87
C THR B 324 -36.75 3.08 2.79
N TYR B 325 -36.00 3.50 3.80
CA TYR B 325 -36.46 4.48 4.76
C TYR B 325 -35.33 5.49 4.97
N THR B 326 -35.63 6.76 4.83
CA THR B 326 -34.62 7.79 5.00
C THR B 326 -35.11 8.83 6.01
N PHE B 327 -34.20 9.35 6.83
CA PHE B 327 -34.56 10.37 7.81
C PHE B 327 -33.31 11.21 8.04
N GLU B 328 -33.48 12.39 8.64
CA GLU B 328 -32.35 13.29 8.87
C GLU B 328 -31.83 13.18 10.28
N ALA B 329 -30.65 12.63 10.43
CA ALA B 329 -30.06 12.51 11.75
C ALA B 329 -29.69 13.91 12.17
N GLU B 330 -29.92 14.22 13.44
CA GLU B 330 -29.59 15.55 13.94
C GLU B 330 -28.18 15.67 14.52
N ARG B 331 -27.51 16.75 14.18
CA ARG B 331 -26.19 17.00 14.71
C ARG B 331 -26.38 17.35 16.19
N LYS B 332 -25.87 16.53 17.08
CA LYS B 332 -25.98 16.76 18.52
C LYS B 332 -25.04 17.92 18.89
N GLU B 333 -25.53 18.88 19.65
CA GLU B 333 -24.72 20.03 20.05
C GLU B 333 -23.66 19.68 21.10
N ASN B 334 -23.96 18.66 21.89
CA ASN B 334 -23.07 18.19 22.94
C ASN B 334 -22.15 17.08 22.42
N CYS B 335 -21.87 17.09 21.13
CA CYS B 335 -21.05 16.05 20.54
C CYS B 335 -19.56 16.06 20.87
N PRO B 336 -19.09 14.96 21.46
CA PRO B 336 -17.69 14.75 21.87
C PRO B 336 -16.73 14.84 20.68
N ALA B 337 -17.21 14.40 19.52
CA ALA B 337 -16.41 14.38 18.32
C ALA B 337 -16.47 15.61 17.42
N CYS B 338 -17.66 16.08 17.08
CA CYS B 338 -17.73 17.22 16.16
C CYS B 338 -18.08 18.58 16.74
N SER B 339 -18.47 18.63 18.00
CA SER B 339 -18.80 19.94 18.59
C SER B 339 -17.49 20.70 18.62
N GLN B 340 -17.55 22.00 18.85
CA GLN B 340 -16.34 22.76 18.86
C GLN B 340 -15.91 23.06 20.31
N LEU B 341 -16.86 22.94 21.23
CA LEU B 341 -16.59 23.22 22.64
C LEU B 341 -16.29 21.96 23.46
N PRO B 342 -15.25 22.02 24.31
CA PRO B 342 -14.85 20.89 25.16
C PRO B 342 -15.98 20.36 26.04
N GLN B 343 -15.91 19.07 26.36
CA GLN B 343 -16.92 18.40 27.18
C GLN B 343 -16.96 19.01 28.59
N ASN B 344 -18.08 18.81 29.29
CA ASN B 344 -18.22 19.34 30.65
C ASN B 344 -18.60 18.29 31.68
N ILE B 345 -17.61 17.54 32.15
CA ILE B 345 -17.85 16.52 33.17
C ILE B 345 -17.95 17.27 34.50
N GLN B 346 -18.78 16.78 35.40
CA GLN B 346 -18.94 17.44 36.68
C GLN B 346 -18.85 16.43 37.81
N PHE B 347 -17.61 16.09 38.18
CA PHE B 347 -17.36 15.13 39.24
C PHE B 347 -16.71 15.79 40.45
N LEU B 353 -10.22 8.11 40.71
CA LEU B 353 -9.97 8.33 39.30
C LEU B 353 -10.85 7.43 38.43
N GLN B 354 -11.03 6.19 38.86
CA GLN B 354 -11.86 5.25 38.12
C GLN B 354 -13.32 5.70 38.13
N GLU B 355 -13.53 7.00 38.26
CA GLU B 355 -14.87 7.56 38.26
C GLU B 355 -15.10 8.08 36.86
N VAL B 356 -14.02 8.57 36.25
CA VAL B 356 -14.07 9.11 34.90
C VAL B 356 -13.75 8.05 33.86
N LEU B 357 -12.80 7.16 34.18
CA LEU B 357 -12.44 6.09 33.27
C LEU B 357 -13.67 5.21 33.06
N ASP B 358 -14.49 5.10 34.09
CA ASP B 358 -15.72 4.31 34.03
C ASP B 358 -16.80 5.12 33.32
N TYR B 359 -16.82 6.42 33.60
CA TYR B 359 -17.78 7.31 32.99
C TYR B 359 -17.54 7.42 31.48
N LEU B 360 -16.26 7.47 31.11
CA LEU B 360 -15.85 7.56 29.71
C LEU B 360 -16.01 6.23 28.98
N THR B 361 -16.25 5.16 29.73
CA THR B 361 -16.41 3.81 29.17
C THR B 361 -17.85 3.31 29.20
N ASN B 362 -18.43 3.29 30.40
CA ASN B 362 -19.78 2.79 30.59
C ASN B 362 -20.90 3.76 30.23
N SER B 363 -20.55 4.97 29.80
CA SER B 363 -21.58 5.91 29.41
C SER B 363 -22.13 5.47 28.05
N ALA B 364 -23.11 6.20 27.55
CA ALA B 364 -23.71 5.88 26.26
C ALA B 364 -23.35 6.95 25.26
N SER B 365 -23.19 8.17 25.76
CA SER B 365 -22.82 9.32 24.94
C SER B 365 -21.36 9.19 24.51
N LEU B 366 -20.57 8.51 25.33
CA LEU B 366 -19.15 8.29 25.07
C LEU B 366 -18.89 6.81 25.28
N GLN B 367 -19.11 6.01 24.25
CA GLN B 367 -18.86 4.58 24.39
C GLN B 367 -17.41 4.27 24.12
N MET B 368 -16.52 5.07 24.70
CA MET B 368 -15.10 4.87 24.50
C MET B 368 -14.67 3.49 24.95
N LYS B 369 -13.74 2.90 24.21
CA LYS B 369 -13.22 1.59 24.57
C LYS B 369 -11.77 1.78 25.00
N SER B 370 -11.53 1.65 26.30
CA SER B 370 -10.20 1.81 26.90
C SER B 370 -9.60 3.22 26.77
N PRO B 371 -10.21 4.21 27.44
CA PRO B 371 -9.73 5.59 27.40
C PRO B 371 -8.48 5.79 28.25
N ALA B 372 -7.57 6.61 27.74
CA ALA B 372 -6.33 6.95 28.44
C ALA B 372 -6.50 8.40 28.85
N ILE B 373 -6.66 8.64 30.15
CA ILE B 373 -6.86 10.00 30.64
C ILE B 373 -5.56 10.66 31.08
N THR B 374 -5.34 11.88 30.62
CA THR B 374 -4.14 12.62 30.96
C THR B 374 -4.48 14.03 31.43
N ALA B 375 -4.00 14.39 32.61
CA ALA B 375 -4.24 15.71 33.17
C ALA B 375 -3.47 16.74 32.33
N THR B 376 -3.94 17.98 32.33
CA THR B 376 -3.34 19.08 31.56
C THR B 376 -1.95 18.82 30.96
N ASN B 381 -0.99 18.37 31.77
CA ASN B 381 0.36 18.10 31.29
C ASN B 381 1.05 16.97 32.06
N ARG B 382 0.38 15.82 32.19
CA ARG B 382 0.93 14.67 32.89
C ARG B 382 -0.03 13.48 32.78
N THR B 383 0.45 12.40 32.18
CA THR B 383 -0.36 11.20 32.00
C THR B 383 -0.89 10.75 33.35
N LEU B 384 -2.21 10.70 33.48
CA LEU B 384 -2.84 10.28 34.73
C LEU B 384 -3.11 8.78 34.68
N TYR B 385 -3.70 8.33 33.59
CA TYR B 385 -4.01 6.92 33.39
C TYR B 385 -3.83 6.65 31.90
N LEU B 386 -3.50 5.41 31.56
CA LEU B 386 -3.28 5.04 30.17
C LEU B 386 -3.68 3.59 30.01
N GLN B 387 -3.52 3.08 28.79
CA GLN B 387 -3.87 1.69 28.50
C GLN B 387 -3.61 1.42 27.02
N SER B 388 -2.36 1.15 26.69
CA SER B 388 -1.99 0.88 25.30
C SER B 388 -0.64 0.17 25.22
N VAL B 389 3.97 -0.32 29.26
CA VAL B 389 2.62 0.19 29.42
C VAL B 389 1.83 -0.68 30.39
N THR B 390 2.26 -1.93 30.55
CA THR B 390 1.59 -2.84 31.48
C THR B 390 1.84 -2.23 32.85
N SER B 391 2.84 -1.36 32.90
CA SER B 391 3.22 -0.65 34.10
C SER B 391 2.34 0.59 34.14
N ILE B 392 2.04 1.12 32.96
CA ILE B 392 1.17 2.30 32.88
C ILE B 392 -0.19 1.88 33.42
N GLU B 393 -0.69 0.76 32.93
CA GLU B 393 -1.99 0.23 33.37
C GLU B 393 -1.89 -0.22 34.83
N GLU B 394 -0.66 -0.31 35.33
CA GLU B 394 -0.41 -0.72 36.71
C GLU B 394 0.12 0.46 37.52
N ARG B 395 1.38 0.82 37.29
CA ARG B 395 2.02 1.94 37.98
C ARG B 395 1.05 3.13 38.03
N THR B 396 0.58 3.55 36.87
CA THR B 396 -0.36 4.67 36.78
C THR B 396 -1.76 4.25 37.22
N ARG B 397 -2.02 2.95 37.23
CA ARG B 397 -3.33 2.42 37.63
C ARG B 397 -3.88 3.10 38.88
N PRO B 398 -2.99 3.57 39.75
CA PRO B 398 -3.42 4.25 40.98
C PRO B 398 -3.75 5.72 40.74
N LEU B 400 -6.47 5.16 39.30
CA LEU B 400 -7.85 4.79 39.60
C LEU B 400 -8.15 5.07 41.06
N SER B 401 -7.20 4.72 41.92
CA SER B 401 -7.36 4.94 43.35
C SER B 401 -7.46 6.44 43.63
N LYS B 402 -8.67 6.89 43.97
CA LYS B 402 -8.97 8.30 44.26
C LYS B 402 -7.73 9.19 44.39
N GLY B 408 -4.95 15.08 42.62
CA GLY B 408 -3.91 15.81 41.88
C GLY B 408 -4.52 16.73 40.83
N LEU B 409 -5.77 17.14 41.04
CA LEU B 409 -6.49 18.01 40.11
C LEU B 409 -7.22 19.11 40.89
N VAL B 410 -7.95 19.97 40.19
CA VAL B 410 -8.67 21.06 40.84
C VAL B 410 -10.12 21.24 40.41
N ASP B 411 -10.40 22.37 39.75
CA ASP B 411 -11.74 22.68 39.29
C ASP B 411 -11.86 22.81 37.78
N GLY B 412 -11.23 23.83 37.22
CA GLY B 412 -11.29 24.08 35.78
C GLY B 412 -10.36 23.23 34.92
N GLN B 413 -9.42 22.53 35.55
CA GLN B 413 -8.46 21.67 34.83
C GLN B 413 -9.05 21.05 33.55
N GLU B 414 -8.29 21.15 32.46
CA GLU B 414 -8.72 20.61 31.16
C GLU B 414 -8.15 19.21 30.90
N LEU B 415 -8.95 18.19 31.20
CA LEU B 415 -8.52 16.82 31.00
C LEU B 415 -8.50 16.51 29.49
N ALA B 416 -7.79 15.45 29.12
CA ALA B 416 -7.68 15.05 27.73
C ALA B 416 -7.73 13.52 27.63
N VAL B 417 -8.81 13.01 27.05
CA VAL B 417 -8.95 11.58 26.91
C VAL B 417 -8.42 11.11 25.56
N ALA B 418 -8.25 9.81 25.42
CA ALA B 418 -7.76 9.23 24.18
C ALA B 418 -8.20 7.77 24.13
N ASP B 419 -8.88 7.37 23.05
CA ASP B 419 -9.32 5.98 22.91
C ASP B 419 -8.94 5.45 21.53
N VAL B 420 -9.14 4.14 21.33
CA VAL B 420 -8.84 3.50 20.06
C VAL B 420 -9.97 3.83 19.08
N THR B 421 -10.99 4.51 19.60
CA THR B 421 -12.15 4.91 18.83
C THR B 421 -11.92 6.12 17.91
N THR B 422 -10.94 6.96 18.21
CA THR B 422 -10.70 8.13 17.38
C THR B 422 -9.23 8.55 17.31
N PRO B 423 -8.89 9.26 16.25
CA PRO B 423 -7.54 9.75 16.07
C PRO B 423 -7.41 11.06 16.86
N GLN B 424 -8.56 11.55 17.33
CA GLN B 424 -8.62 12.80 18.06
C GLN B 424 -8.48 12.70 19.56
N THR B 425 -8.11 13.82 20.17
CA THR B 425 -7.95 13.88 21.61
C THR B 425 -9.16 14.68 22.09
N VAL B 426 -10.15 13.99 22.64
CA VAL B 426 -11.36 14.66 23.13
C VAL B 426 -11.10 15.45 24.40
N LEU B 427 -11.16 16.78 24.30
CA LEU B 427 -10.93 17.67 25.45
C LEU B 427 -12.17 17.80 26.31
N PHE B 428 -12.10 17.33 27.55
CA PHE B 428 -13.23 17.41 28.46
C PHE B 428 -12.83 18.10 29.77
N LYS B 429 -13.68 19.01 30.25
CA LYS B 429 -13.41 19.75 31.49
C LYS B 429 -14.45 19.41 32.56
N LEU C 9 20.23 9.52 -28.55
CA LEU C 9 19.70 10.56 -27.63
C LEU C 9 19.12 9.94 -26.37
N LEU C 10 18.26 8.94 -26.54
CA LEU C 10 17.65 8.27 -25.40
C LEU C 10 18.78 7.82 -24.48
N LYS C 11 19.93 7.55 -25.08
CA LYS C 11 21.11 7.13 -24.34
C LYS C 11 21.50 8.27 -23.41
N GLU C 12 21.51 9.48 -23.95
CA GLU C 12 21.87 10.66 -23.18
C GLU C 12 21.03 10.83 -21.91
N GLN C 13 19.78 10.37 -21.95
CA GLN C 13 18.91 10.50 -20.78
C GLN C 13 18.83 9.20 -19.99
N LYS C 14 19.24 8.09 -20.60
CA LYS C 14 19.23 6.80 -19.91
C LYS C 14 20.52 6.65 -19.12
N TYR C 15 21.64 6.90 -19.79
CA TYR C 15 22.96 6.80 -19.18
C TYR C 15 23.37 8.15 -18.60
N ASP C 16 22.36 9.02 -18.46
CA ASP C 16 22.55 10.36 -17.92
C ASP C 16 23.43 10.39 -16.66
N ARG C 17 22.90 9.82 -15.58
CA ARG C 17 23.59 9.78 -14.29
C ARG C 17 25.07 9.37 -14.37
N GLN C 18 25.36 8.30 -15.10
CA GLN C 18 26.73 7.85 -15.24
C GLN C 18 27.55 8.75 -16.15
N LEU C 19 26.92 9.29 -17.20
CA LEU C 19 27.61 10.18 -18.11
C LEU C 19 28.18 11.36 -17.33
N ARG C 20 27.52 11.71 -16.24
CA ARG C 20 27.95 12.81 -15.38
C ARG C 20 29.26 12.48 -14.69
N LEU C 21 29.63 11.20 -14.76
CA LEU C 21 30.85 10.72 -14.12
C LEU C 21 32.04 10.49 -15.06
N TRP C 22 31.88 9.63 -16.06
CA TRP C 22 32.99 9.37 -16.97
C TRP C 22 32.89 9.99 -18.36
N GLY C 23 31.91 10.88 -18.53
CA GLY C 23 31.74 11.53 -19.81
C GLY C 23 31.34 10.61 -20.96
N ASP C 24 31.17 11.19 -22.14
CA ASP C 24 30.79 10.41 -23.33
C ASP C 24 31.95 9.55 -23.83
N HIS C 25 33.17 10.08 -23.75
CA HIS C 25 34.33 9.33 -24.19
C HIS C 25 34.44 8.04 -23.39
N GLY C 26 34.09 8.11 -22.10
CA GLY C 26 34.16 6.93 -21.26
C GLY C 26 33.07 5.95 -21.61
N GLN C 27 31.88 6.48 -21.88
CA GLN C 27 30.74 5.65 -22.25
C GLN C 27 31.10 4.92 -23.54
N GLU C 28 31.74 5.65 -24.44
CA GLU C 28 32.15 5.10 -25.71
C GLU C 28 33.12 3.92 -25.54
N ALA C 29 34.14 4.11 -24.71
CA ALA C 29 35.13 3.05 -24.48
C ALA C 29 34.48 1.84 -23.83
N LEU C 30 33.46 2.10 -23.03
CA LEU C 30 32.74 1.05 -22.34
C LEU C 30 31.92 0.22 -23.33
N GLU C 31 31.08 0.90 -24.10
CA GLU C 31 30.24 0.24 -25.09
C GLU C 31 31.05 -0.43 -26.20
N SER C 32 32.36 -0.20 -26.20
CA SER C 32 33.27 -0.80 -27.19
C SER C 32 33.89 -2.09 -26.67
N ALA C 33 34.33 -2.06 -25.43
CA ALA C 33 34.96 -3.21 -24.79
C ALA C 33 34.11 -4.47 -24.76
N HIS C 34 34.79 -5.60 -24.60
CA HIS C 34 34.14 -6.90 -24.52
C HIS C 34 34.75 -7.62 -23.30
N VAL C 35 33.91 -7.94 -22.34
CA VAL C 35 34.38 -8.59 -21.12
C VAL C 35 34.06 -10.08 -21.08
N CYS C 36 34.83 -10.80 -20.27
CA CYS C 36 34.65 -12.25 -20.12
C CYS C 36 34.57 -12.66 -18.63
N LEU C 37 33.62 -13.53 -18.29
CA LEU C 37 33.40 -13.99 -16.92
C LEU C 37 33.49 -15.51 -16.77
N ILE C 38 34.23 -15.97 -15.76
CA ILE C 38 34.41 -17.41 -15.48
C ILE C 38 33.68 -17.75 -14.18
N ASN C 39 32.73 -18.70 -14.25
CA ASN C 39 31.91 -19.16 -13.11
C ASN C 39 30.75 -18.20 -12.79
N ALA C 40 29.66 -18.37 -13.54
CA ALA C 40 28.43 -17.60 -13.41
C ALA C 40 27.84 -17.70 -12.02
N THR C 41 28.74 -17.85 -11.05
CA THR C 41 28.42 -17.95 -9.65
C THR C 41 27.77 -16.64 -9.25
N ALA C 42 27.40 -16.53 -7.99
CA ALA C 42 26.77 -15.31 -7.51
C ALA C 42 27.73 -14.14 -7.68
N THR C 43 28.99 -14.35 -7.33
CA THR C 43 30.01 -13.32 -7.45
C THR C 43 30.06 -12.85 -8.89
N GLY C 44 30.22 -13.78 -9.82
CA GLY C 44 30.27 -13.43 -11.23
C GLY C 44 29.03 -12.72 -11.77
N THR C 45 27.85 -13.19 -11.40
CA THR C 45 26.63 -12.55 -11.89
C THR C 45 26.47 -11.15 -11.34
N GLU C 46 26.80 -10.96 -10.06
CA GLU C 46 26.71 -9.63 -9.47
C GLU C 46 27.71 -8.68 -10.14
N ILE C 47 28.94 -9.15 -10.41
CA ILE C 47 29.92 -8.30 -11.07
C ILE C 47 29.33 -7.90 -12.43
N LEU C 48 28.85 -8.90 -13.17
CA LEU C 48 28.28 -8.70 -14.51
C LEU C 48 27.07 -7.78 -14.54
N LYS C 49 26.19 -7.91 -13.56
CA LYS C 49 25.02 -7.06 -13.49
C LYS C 49 25.43 -5.59 -13.48
N ASN C 50 26.49 -5.29 -12.74
CA ASN C 50 26.96 -3.90 -12.64
C ASN C 50 27.75 -3.47 -13.85
N LEU C 51 28.06 -4.42 -14.73
CA LEU C 51 28.78 -4.12 -15.95
C LEU C 51 27.76 -3.90 -17.05
N VAL C 52 26.79 -4.81 -17.15
CA VAL C 52 25.74 -4.73 -18.15
C VAL C 52 24.88 -3.47 -17.99
N LEU C 53 24.36 -3.26 -16.78
CA LEU C 53 23.52 -2.11 -16.50
C LEU C 53 24.05 -0.80 -17.06
N PRO C 54 25.32 -0.46 -16.82
CA PRO C 54 25.84 0.80 -17.37
C PRO C 54 26.05 0.68 -18.88
N GLY C 55 25.84 -0.54 -19.38
CA GLY C 55 25.94 -0.83 -20.80
C GLY C 55 27.27 -1.14 -21.47
N ILE C 56 27.94 -2.21 -21.07
CA ILE C 56 29.19 -2.56 -21.74
C ILE C 56 28.83 -3.16 -23.09
N GLY C 57 29.71 -2.97 -24.07
CA GLY C 57 29.46 -3.49 -25.40
C GLY C 57 29.01 -4.95 -25.43
N SER C 58 29.77 -5.83 -24.81
CA SER C 58 29.43 -7.25 -24.80
C SER C 58 30.11 -8.07 -23.72
N PHE C 59 29.66 -9.30 -23.51
CA PHE C 59 30.25 -10.16 -22.50
C PHE C 59 30.12 -11.62 -22.87
N THR C 60 30.99 -12.45 -22.32
CA THR C 60 30.97 -13.88 -22.59
C THR C 60 31.18 -14.63 -21.27
N ILE C 61 30.23 -15.48 -20.90
CA ILE C 61 30.34 -16.22 -19.66
C ILE C 61 30.89 -17.65 -19.83
N ILE C 62 32.14 -17.83 -19.43
CA ILE C 62 32.77 -19.14 -19.51
C ILE C 62 32.40 -19.91 -18.24
N ASP C 63 31.85 -21.11 -18.41
CA ASP C 63 31.47 -21.95 -17.28
C ASP C 63 31.03 -23.31 -17.81
N GLY C 64 31.46 -24.37 -17.12
CA GLY C 64 31.10 -25.71 -17.56
C GLY C 64 30.46 -26.50 -16.45
N ASN C 65 29.82 -25.78 -15.53
CA ASN C 65 29.14 -26.39 -14.40
C ASN C 65 27.64 -26.40 -14.59
N GLN C 66 26.97 -27.19 -13.76
CA GLN C 66 25.53 -27.29 -13.78
C GLN C 66 25.00 -26.56 -12.56
N VAL C 67 23.90 -25.85 -12.73
CA VAL C 67 23.30 -25.14 -11.60
C VAL C 67 22.85 -26.17 -10.57
N SER C 68 23.08 -25.87 -9.29
CA SER C 68 22.69 -26.77 -8.22
C SER C 68 21.84 -26.03 -7.21
N GLY C 69 21.42 -26.73 -6.17
CA GLY C 69 20.62 -26.11 -5.14
C GLY C 69 21.27 -24.82 -4.71
N GLU C 70 22.57 -24.87 -4.44
CA GLU C 70 23.32 -23.69 -4.00
C GLU C 70 23.17 -22.56 -5.02
N ASP C 71 23.55 -22.84 -6.25
CA ASP C 71 23.48 -21.86 -7.34
C ASP C 71 22.13 -21.13 -7.40
N ALA C 72 21.08 -21.83 -6.99
CA ALA C 72 19.74 -21.26 -7.05
C ALA C 72 19.37 -20.36 -5.87
N GLY C 73 19.80 -20.73 -4.66
CA GLY C 73 19.45 -19.94 -3.50
C GLY C 73 20.39 -18.83 -3.05
N ASN C 74 21.38 -18.50 -3.87
CA ASN C 74 22.32 -17.43 -3.50
C ASN C 74 22.58 -16.52 -4.70
N ASN C 75 22.29 -17.03 -5.89
CA ASN C 75 22.47 -16.28 -7.12
C ASN C 75 21.13 -15.72 -7.55
N PHE C 76 21.12 -14.46 -7.97
CA PHE C 76 19.89 -13.79 -8.41
C PHE C 76 19.55 -14.05 -9.87
N PHE C 77 20.41 -14.75 -10.58
CA PHE C 77 20.15 -15.00 -11.99
C PHE C 77 20.08 -16.49 -12.38
N LEU C 78 19.52 -17.28 -11.47
CA LEU C 78 19.37 -18.71 -11.69
C LEU C 78 18.12 -19.14 -10.93
N GLN C 79 17.41 -20.14 -11.46
CA GLN C 79 16.20 -20.62 -10.81
C GLN C 79 16.21 -22.14 -10.69
N ARG C 80 15.19 -22.67 -10.01
CA ARG C 80 15.07 -24.10 -9.84
C ARG C 80 14.82 -24.72 -11.20
N SER C 81 14.11 -23.98 -12.05
CA SER C 81 13.80 -24.44 -13.39
C SER C 81 15.08 -24.47 -14.24
N SER C 82 16.16 -24.02 -13.64
CA SER C 82 17.46 -23.98 -14.32
C SER C 82 18.38 -25.10 -13.84
N ILE C 83 18.23 -25.50 -12.58
CA ILE C 83 19.03 -26.57 -12.00
C ILE C 83 19.25 -27.71 -12.99
N GLY C 84 20.50 -28.09 -13.18
CA GLY C 84 20.79 -29.18 -14.10
C GLY C 84 21.33 -28.67 -15.42
N LYS C 85 20.90 -27.47 -15.80
CA LYS C 85 21.37 -26.90 -17.05
C LYS C 85 22.78 -26.38 -16.90
N ASN C 86 23.30 -25.72 -17.92
CA ASN C 86 24.65 -25.18 -17.87
C ASN C 86 24.55 -23.82 -17.19
N ARG C 87 25.14 -23.72 -15.99
CA ARG C 87 25.10 -22.48 -15.22
C ARG C 87 25.45 -21.27 -16.06
N ALA C 88 26.33 -21.44 -17.04
CA ALA C 88 26.74 -20.34 -17.89
C ALA C 88 25.59 -19.77 -18.72
N GLU C 89 25.01 -20.62 -19.58
CA GLU C 89 23.91 -20.18 -20.43
C GLU C 89 22.68 -19.81 -19.61
N ALA C 90 22.42 -20.57 -18.55
CA ALA C 90 21.28 -20.31 -17.69
C ALA C 90 21.31 -18.87 -17.18
N ALA C 91 22.39 -18.53 -16.49
CA ALA C 91 22.57 -17.20 -15.93
C ALA C 91 22.57 -16.12 -17.00
N MET C 92 23.13 -16.45 -18.14
CA MET C 92 23.19 -15.49 -19.25
C MET C 92 21.81 -14.99 -19.66
N GLU C 93 20.83 -15.89 -19.71
CA GLU C 93 19.49 -15.51 -20.11
C GLU C 93 18.83 -14.46 -19.24
N PHE C 94 19.21 -14.39 -17.96
CA PHE C 94 18.61 -13.39 -17.08
C PHE C 94 19.34 -12.06 -17.11
N LEU C 95 20.66 -12.10 -17.22
CA LEU C 95 21.47 -10.88 -17.27
C LEU C 95 21.11 -10.11 -18.53
N GLN C 96 20.96 -10.84 -19.63
CA GLN C 96 20.63 -10.25 -20.92
C GLN C 96 19.41 -9.31 -20.87
N GLU C 97 18.43 -9.66 -20.03
CA GLU C 97 17.22 -8.86 -19.87
C GLU C 97 17.49 -7.46 -19.34
N LEU C 98 18.57 -7.34 -18.55
CA LEU C 98 18.94 -6.06 -17.96
C LEU C 98 19.27 -5.00 -18.99
N ASN C 99 19.67 -5.43 -20.17
CA ASN C 99 20.02 -4.48 -21.22
C ASN C 99 20.01 -5.15 -22.59
N SER C 100 19.26 -4.56 -23.51
CA SER C 100 19.14 -5.10 -24.86
C SER C 100 20.36 -4.71 -25.69
N ASP C 101 20.98 -3.58 -25.32
CA ASP C 101 22.14 -3.05 -26.01
C ASP C 101 23.42 -3.82 -25.66
N VAL C 102 23.25 -4.97 -25.01
CA VAL C 102 24.39 -5.78 -24.61
C VAL C 102 24.36 -7.15 -25.25
N SER C 103 25.45 -7.49 -25.93
CA SER C 103 25.58 -8.77 -26.59
C SER C 103 26.02 -9.79 -25.54
N GLY C 104 25.19 -10.78 -25.30
CA GLY C 104 25.53 -11.80 -24.31
C GLY C 104 25.81 -13.16 -24.93
N SER C 105 27.07 -13.57 -24.89
CA SER C 105 27.49 -14.85 -25.45
C SER C 105 27.83 -15.81 -24.31
N PHE C 106 28.09 -17.08 -24.64
CA PHE C 106 28.42 -18.04 -23.60
C PHE C 106 29.19 -19.24 -24.15
N VAL C 107 29.90 -19.91 -23.25
CA VAL C 107 30.69 -21.08 -23.62
C VAL C 107 30.53 -22.12 -22.51
N GLU C 108 30.10 -23.32 -22.87
CA GLU C 108 29.87 -24.38 -21.91
C GLU C 108 31.13 -25.13 -21.46
N GLU C 109 32.25 -24.89 -22.12
CA GLU C 109 33.48 -25.56 -21.74
C GLU C 109 34.02 -25.08 -20.40
N SER C 110 35.24 -25.52 -20.05
CA SER C 110 35.84 -25.12 -18.78
C SER C 110 37.08 -24.26 -19.00
N PRO C 111 37.48 -23.48 -17.98
CA PRO C 111 38.66 -22.63 -18.11
C PRO C 111 39.89 -23.46 -18.45
N GLU C 112 39.98 -24.63 -17.82
CA GLU C 112 41.10 -25.54 -18.05
C GLU C 112 41.04 -26.15 -19.45
N ASN C 113 39.86 -26.60 -19.85
CA ASN C 113 39.69 -27.19 -21.16
C ASN C 113 40.12 -26.23 -22.26
N LEU C 114 39.66 -24.98 -22.18
CA LEU C 114 40.03 -24.00 -23.20
C LEU C 114 41.54 -23.83 -23.22
N LEU C 115 42.14 -23.70 -22.04
CA LEU C 115 43.58 -23.52 -21.93
C LEU C 115 44.33 -24.76 -22.42
N ASP C 116 43.62 -25.86 -22.62
CA ASP C 116 44.23 -27.09 -23.12
C ASP C 116 44.06 -27.18 -24.63
N ASN C 117 42.84 -26.92 -25.10
CA ASN C 117 42.57 -26.96 -26.53
C ASN C 117 42.89 -25.64 -27.19
N ASP C 118 42.11 -24.62 -26.87
CA ASP C 118 42.30 -23.28 -27.43
C ASP C 118 42.76 -22.31 -26.35
N PRO C 119 44.07 -22.36 -25.99
CA PRO C 119 44.67 -21.49 -24.96
C PRO C 119 44.57 -20.00 -25.23
N SER C 120 44.87 -19.57 -26.45
CA SER C 120 44.82 -18.16 -26.80
C SER C 120 43.41 -17.64 -27.07
N PHE C 121 42.43 -18.26 -26.42
CA PHE C 121 41.04 -17.87 -26.60
C PHE C 121 40.65 -16.61 -25.82
N PHE C 122 41.60 -16.06 -25.05
CA PHE C 122 41.30 -14.87 -24.26
C PHE C 122 41.79 -13.54 -24.83
N CYS C 123 42.54 -13.57 -25.92
CA CYS C 123 43.06 -12.33 -26.50
C CYS C 123 41.93 -11.45 -27.04
N ARG C 124 40.82 -12.07 -27.37
CA ARG C 124 39.68 -11.34 -27.92
C ARG C 124 38.97 -10.44 -26.91
N PHE C 125 39.30 -10.60 -25.63
CA PHE C 125 38.64 -9.82 -24.59
C PHE C 125 39.39 -8.57 -24.12
N THR C 126 38.63 -7.58 -23.67
CA THR C 126 39.19 -6.33 -23.19
C THR C 126 39.67 -6.53 -21.76
N VAL C 127 38.93 -7.37 -21.04
CA VAL C 127 39.23 -7.68 -19.65
C VAL C 127 38.61 -9.02 -19.32
N VAL C 128 39.34 -9.81 -18.53
CA VAL C 128 38.86 -11.11 -18.11
C VAL C 128 38.63 -11.07 -16.60
N VAL C 129 37.42 -11.42 -16.17
CA VAL C 129 37.07 -11.44 -14.77
C VAL C 129 36.82 -12.89 -14.37
N ALA C 130 37.72 -13.45 -13.57
CA ALA C 130 37.57 -14.83 -13.14
C ALA C 130 37.03 -14.87 -11.73
N THR C 131 36.07 -15.75 -11.49
CA THR C 131 35.47 -15.86 -10.17
C THR C 131 35.52 -17.27 -9.62
N GLN C 132 35.56 -17.36 -8.29
CA GLN C 132 35.58 -18.62 -7.56
C GLN C 132 36.51 -19.69 -8.14
N LEU C 133 37.66 -19.27 -8.66
CA LEU C 133 38.61 -20.22 -9.24
C LEU C 133 39.52 -20.88 -8.20
N PRO C 134 39.94 -22.13 -8.46
CA PRO C 134 40.82 -22.85 -7.54
C PRO C 134 42.21 -22.25 -7.68
N GLU C 135 43.14 -22.65 -6.82
CA GLU C 135 44.50 -22.10 -6.88
C GLU C 135 45.17 -22.38 -8.23
N SER C 136 45.33 -23.66 -8.55
CA SER C 136 45.97 -24.07 -9.79
C SER C 136 45.51 -23.28 -11.01
N THR C 137 44.20 -23.23 -11.22
CA THR C 137 43.62 -22.54 -12.37
C THR C 137 43.94 -21.04 -12.42
N SER C 138 43.94 -20.38 -11.27
CA SER C 138 44.23 -18.96 -11.24
C SER C 138 45.65 -18.72 -11.73
N LEU C 139 46.60 -19.46 -11.16
CA LEU C 139 48.00 -19.35 -11.55
C LEU C 139 48.16 -19.55 -13.05
N ARG C 140 47.63 -20.66 -13.53
CA ARG C 140 47.71 -21.02 -14.94
C ARG C 140 47.04 -19.99 -15.84
N LEU C 141 45.84 -19.56 -15.44
CA LEU C 141 45.11 -18.57 -16.22
C LEU C 141 45.84 -17.22 -16.22
N ALA C 142 46.44 -16.88 -15.07
CA ALA C 142 47.17 -15.63 -14.94
C ALA C 142 48.39 -15.61 -15.84
N ASP C 143 49.12 -16.73 -15.86
CA ASP C 143 50.31 -16.84 -16.70
C ASP C 143 49.91 -16.60 -18.14
N VAL C 144 48.91 -17.35 -18.59
CA VAL C 144 48.43 -17.20 -19.95
C VAL C 144 48.10 -15.73 -20.22
N LEU C 145 47.35 -15.13 -19.30
CA LEU C 145 46.92 -13.74 -19.42
C LEU C 145 48.04 -12.71 -19.33
N TRP C 146 49.05 -13.00 -18.51
CA TRP C 146 50.17 -12.08 -18.37
C TRP C 146 50.98 -12.01 -19.67
N ASN C 147 51.31 -13.17 -20.23
CA ASN C 147 52.09 -13.25 -21.46
C ASN C 147 51.41 -12.61 -22.65
N SER C 148 50.10 -12.84 -22.77
CA SER C 148 49.31 -12.28 -23.85
C SER C 148 48.95 -10.83 -23.55
N GLN C 149 49.36 -10.36 -22.39
CA GLN C 149 49.10 -8.97 -22.00
C GLN C 149 47.58 -8.67 -21.93
N ILE C 150 46.86 -9.41 -21.09
CA ILE C 150 45.43 -9.21 -20.96
C ILE C 150 45.06 -8.90 -19.49
N PRO C 151 44.34 -7.78 -19.26
CA PRO C 151 43.94 -7.38 -17.91
C PRO C 151 43.15 -8.49 -17.22
N LEU C 152 43.54 -8.80 -15.99
CA LEU C 152 42.91 -9.86 -15.24
C LEU C 152 42.47 -9.39 -13.84
N LEU C 153 41.28 -9.81 -13.44
CA LEU C 153 40.73 -9.49 -12.13
C LEU C 153 40.23 -10.80 -11.52
N ILE C 154 40.93 -11.28 -10.50
CA ILE C 154 40.56 -12.53 -9.84
C ILE C 154 39.70 -12.22 -8.63
N CYS C 155 38.44 -12.65 -8.65
CA CYS C 155 37.53 -12.36 -7.56
C CYS C 155 37.07 -13.59 -6.82
N ARG C 156 36.91 -13.45 -5.52
CA ARG C 156 36.50 -14.60 -4.72
C ARG C 156 35.73 -14.29 -3.44
N THR C 157 34.64 -15.02 -3.24
CA THR C 157 33.83 -14.88 -2.04
C THR C 157 34.02 -16.15 -1.22
N TYR C 158 34.46 -16.02 0.02
CA TYR C 158 34.67 -17.17 0.88
C TYR C 158 34.09 -16.89 2.26
N GLY C 159 32.93 -17.47 2.55
CA GLY C 159 32.30 -17.20 3.82
C GLY C 159 32.06 -15.70 3.86
N LEU C 160 32.47 -15.04 4.94
CA LEU C 160 32.28 -13.59 5.06
C LEU C 160 33.47 -12.81 4.51
N VAL C 161 34.19 -13.39 3.54
CA VAL C 161 35.36 -12.71 2.99
C VAL C 161 35.28 -12.34 1.52
N GLY C 162 35.70 -11.11 1.23
CA GLY C 162 35.73 -10.62 -0.13
C GLY C 162 37.19 -10.42 -0.52
N TYR C 163 37.60 -11.09 -1.60
CA TYR C 163 38.95 -11.02 -2.12
C TYR C 163 38.89 -10.60 -3.57
N MET C 164 39.81 -9.73 -3.94
CA MET C 164 39.90 -9.20 -5.30
C MET C 164 41.42 -8.98 -5.56
N ARG C 165 41.92 -9.51 -6.68
CA ARG C 165 43.33 -9.38 -7.05
C ARG C 165 43.42 -8.94 -8.52
N ILE C 166 43.93 -7.74 -8.76
CA ILE C 166 44.05 -7.16 -10.10
C ILE C 166 45.43 -7.34 -10.72
N ILE C 167 45.47 -7.89 -11.94
CA ILE C 167 46.73 -8.11 -12.61
C ILE C 167 46.88 -7.43 -13.97
N ILE C 168 47.48 -6.25 -13.97
CA ILE C 168 47.75 -5.50 -15.19
C ILE C 168 49.22 -5.06 -15.08
N LYS C 169 50.04 -5.49 -16.04
CA LYS C 169 51.46 -5.17 -16.02
C LYS C 169 51.71 -3.67 -15.90
N GLU C 170 51.00 -2.90 -16.71
CA GLU C 170 51.14 -1.46 -16.69
C GLU C 170 49.86 -0.79 -17.16
N HIS C 171 49.17 -0.12 -16.23
CA HIS C 171 47.93 0.56 -16.57
C HIS C 171 48.14 2.05 -16.39
N PRO C 172 48.30 2.78 -17.50
CA PRO C 172 48.49 4.23 -17.41
C PRO C 172 47.15 4.92 -17.33
N VAL C 173 47.14 6.13 -16.76
CA VAL C 173 45.93 6.89 -16.61
C VAL C 173 46.19 8.38 -16.78
N ILE C 174 45.39 9.04 -17.63
CA ILE C 174 45.53 10.46 -17.82
C ILE C 174 44.44 11.12 -16.98
N GLU C 175 43.18 10.78 -17.26
CA GLU C 175 42.04 11.34 -16.53
C GLU C 175 41.93 10.67 -15.14
N SER C 176 42.73 11.17 -14.22
CA SER C 176 42.83 10.65 -12.86
C SER C 176 41.61 10.93 -11.94
N HIS C 177 40.98 12.08 -12.15
CA HIS C 177 39.81 12.49 -11.36
C HIS C 177 40.08 12.71 -9.88
N PRO C 178 41.10 13.53 -9.57
CA PRO C 178 41.44 13.81 -8.18
C PRO C 178 40.28 14.40 -7.40
N ASP C 179 40.09 13.95 -6.15
CA ASP C 179 39.08 14.56 -5.26
C ASP C 179 39.95 15.64 -4.61
N ASN C 180 39.51 16.90 -4.64
CA ASN C 180 40.21 18.02 -3.99
C ASN C 180 41.68 18.29 -4.32
N ALA C 181 42.00 18.53 -5.60
CA ALA C 181 43.37 18.79 -6.04
C ALA C 181 43.58 20.30 -5.93
N LEU C 182 44.78 20.70 -5.50
CA LEU C 182 45.09 22.11 -5.38
C LEU C 182 44.82 22.76 -6.74
N GLU C 183 44.19 23.93 -6.71
CA GLU C 183 43.88 24.67 -7.94
C GLU C 183 45.19 25.15 -8.55
N ASP C 184 45.24 25.25 -9.88
CA ASP C 184 46.48 25.72 -10.48
C ASP C 184 46.58 27.23 -10.62
N LEU C 185 46.23 27.96 -9.57
CA LEU C 185 46.36 29.40 -9.62
C LEU C 185 47.87 29.51 -9.79
N ARG C 186 48.40 30.70 -10.00
CA ARG C 186 49.84 30.82 -10.13
C ARG C 186 50.32 32.00 -9.31
N LEU C 187 49.48 32.44 -8.37
CA LEU C 187 49.80 33.57 -7.52
C LEU C 187 51.27 33.50 -7.13
N ASP C 188 51.77 32.29 -6.95
CA ASP C 188 53.17 32.11 -6.57
C ASP C 188 54.08 32.53 -7.72
N LYS C 189 53.99 31.83 -8.85
CA LYS C 189 54.80 32.14 -10.02
C LYS C 189 53.87 32.60 -11.15
N PRO C 190 53.30 33.81 -11.02
CA PRO C 190 52.41 34.32 -12.06
C PRO C 190 53.12 34.44 -13.41
N PHE C 191 52.35 34.34 -14.49
CA PHE C 191 52.89 34.45 -15.83
C PHE C 191 52.50 35.78 -16.46
N PRO C 192 53.38 36.33 -17.33
CA PRO C 192 53.18 37.60 -18.02
C PRO C 192 51.74 38.04 -18.16
N GLU C 193 50.92 37.22 -18.80
CA GLU C 193 49.52 37.57 -18.96
C GLU C 193 48.86 37.74 -17.60
N LEU C 194 48.92 36.70 -16.77
CA LEU C 194 48.33 36.72 -15.43
C LEU C 194 48.89 37.89 -14.62
N ARG C 195 50.19 38.09 -14.72
CA ARG C 195 50.85 39.17 -14.00
C ARG C 195 50.17 40.50 -14.34
N GLU C 196 49.53 40.56 -15.49
CA GLU C 196 48.87 41.78 -15.93
C GLU C 196 47.47 42.01 -15.38
N HIS C 197 46.53 41.15 -15.74
CA HIS C 197 45.15 41.29 -15.29
C HIS C 197 45.03 41.90 -13.90
N PHE C 198 45.97 41.55 -13.03
CA PHE C 198 45.97 42.06 -11.67
C PHE C 198 46.14 43.58 -11.67
N GLN C 199 47.22 44.06 -12.29
CA GLN C 199 47.47 45.49 -12.37
C GLN C 199 46.36 46.19 -13.16
N SER C 200 45.18 46.26 -12.56
CA SER C 200 44.02 46.88 -13.17
C SER C 200 42.98 47.15 -12.10
N TYR C 201 43.37 46.95 -10.86
CA TYR C 201 42.48 47.16 -9.71
C TYR C 201 43.10 48.14 -8.71
N HIS C 213 31.63 41.48 -4.67
CA HIS C 213 31.72 42.40 -5.80
C HIS C 213 33.08 42.32 -6.48
N THR C 214 34.02 41.62 -5.84
CA THR C 214 35.36 41.44 -6.40
C THR C 214 35.89 40.06 -5.99
N PRO C 215 36.45 39.31 -6.96
CA PRO C 215 37.02 37.97 -6.78
C PRO C 215 38.19 37.95 -5.79
N TRP C 216 38.22 36.96 -4.91
CA TRP C 216 39.29 36.85 -3.92
C TRP C 216 40.68 36.65 -4.50
N ILE C 217 40.77 35.94 -5.63
CA ILE C 217 42.05 35.73 -6.27
C ILE C 217 42.72 37.08 -6.47
N VAL C 218 41.89 38.07 -6.78
CA VAL C 218 42.33 39.44 -7.01
C VAL C 218 42.92 40.02 -5.75
N ILE C 219 42.16 39.93 -4.67
CA ILE C 219 42.57 40.43 -3.36
C ILE C 219 43.93 39.88 -2.96
N ILE C 220 44.02 38.55 -2.85
CA ILE C 220 45.26 37.90 -2.48
C ILE C 220 46.38 38.50 -3.32
N ALA C 221 46.29 38.34 -4.63
CA ALA C 221 47.28 38.88 -5.56
C ALA C 221 47.52 40.36 -5.23
N LYS C 222 46.46 41.02 -4.79
CA LYS C 222 46.54 42.44 -4.43
C LYS C 222 47.45 42.63 -3.22
N TYR C 223 46.92 42.34 -2.03
CA TYR C 223 47.70 42.49 -0.79
C TYR C 223 49.01 41.71 -0.82
N LEU C 224 49.00 40.55 -1.47
CA LEU C 224 50.19 39.71 -1.56
C LEU C 224 51.30 40.57 -2.15
N ALA C 225 50.92 41.46 -3.05
CA ALA C 225 51.87 42.35 -3.69
C ALA C 225 52.42 43.27 -2.62
N GLN C 226 51.54 43.68 -1.70
CA GLN C 226 51.95 44.55 -0.61
C GLN C 226 52.93 43.86 0.31
N TRP C 227 52.71 42.57 0.56
CA TRP C 227 53.60 41.80 1.42
C TRP C 227 54.90 41.57 0.64
N TYR C 228 54.75 41.18 -0.62
CA TYR C 228 55.89 40.93 -1.49
C TYR C 228 56.97 42.00 -1.37
N SER C 229 56.52 43.24 -1.21
CA SER C 229 57.42 44.38 -1.11
C SER C 229 58.57 44.27 -0.12
N GLU C 230 58.38 44.89 1.03
CA GLU C 230 59.34 44.96 2.13
C GLU C 230 60.34 43.82 2.30
N THR C 231 60.03 42.63 1.77
CA THR C 231 60.93 41.50 1.93
C THR C 231 61.32 40.81 0.63
N ASN C 232 62.49 40.18 0.65
CA ASN C 232 62.96 39.46 -0.52
C ASN C 232 62.46 38.03 -0.38
N GLY C 233 61.85 37.77 0.77
CA GLY C 233 61.31 36.45 1.05
C GLY C 233 60.23 36.11 0.04
N ARG C 234 60.57 35.19 -0.85
CA ARG C 234 59.66 34.76 -1.89
C ARG C 234 58.18 34.90 -1.57
N ILE C 235 57.70 34.19 -0.56
CA ILE C 235 56.29 34.27 -0.21
C ILE C 235 56.05 33.69 1.18
N PRO C 236 54.82 33.84 1.69
CA PRO C 236 54.47 33.30 3.01
C PRO C 236 54.43 31.76 2.98
N LYS C 237 55.54 31.13 3.34
CA LYS C 237 55.65 29.66 3.38
C LYS C 237 55.18 29.18 4.74
N THR C 238 55.77 29.80 5.75
CA THR C 238 55.54 29.54 7.16
C THR C 238 54.12 29.82 7.64
N TYR C 239 53.72 29.11 8.69
CA TYR C 239 52.40 29.27 9.28
C TYR C 239 52.22 30.69 9.80
N LYS C 240 53.20 31.17 10.56
CA LYS C 240 53.11 32.52 11.11
C LYS C 240 53.07 33.57 10.02
N GLU C 241 53.87 33.37 8.97
CA GLU C 241 53.89 34.31 7.86
C GLU C 241 52.48 34.42 7.27
N LYS C 242 51.88 33.28 6.94
CA LYS C 242 50.55 33.25 6.36
C LYS C 242 49.53 33.89 7.30
N GLU C 243 49.86 33.91 8.59
CA GLU C 243 48.98 34.48 9.60
C GLU C 243 49.06 35.99 9.55
N ASP C 244 50.29 36.51 9.53
CA ASP C 244 50.52 37.94 9.46
C ASP C 244 49.82 38.41 8.20
N PHE C 245 49.92 37.59 7.16
CA PHE C 245 49.32 37.87 5.87
C PHE C 245 47.80 37.88 5.97
N ARG C 246 47.25 36.94 6.73
CA ARG C 246 45.80 36.83 6.90
C ARG C 246 45.19 38.07 7.59
N ASP C 247 46.00 38.74 8.41
CA ASP C 247 45.51 39.91 9.13
C ASP C 247 45.53 41.14 8.24
N LEU C 248 46.53 41.20 7.35
CA LEU C 248 46.67 42.31 6.42
C LEU C 248 45.40 42.42 5.58
N ILE C 249 44.96 41.29 5.05
CA ILE C 249 43.74 41.22 4.25
C ILE C 249 42.58 41.77 5.08
N ARG C 250 42.54 41.36 6.33
CA ARG C 250 41.51 41.78 7.27
C ARG C 250 41.62 43.25 7.62
N GLN C 251 42.83 43.80 7.52
CA GLN C 251 43.05 45.21 7.84
C GLN C 251 42.47 46.13 6.77
N GLY C 252 41.98 45.53 5.68
CA GLY C 252 41.40 46.31 4.60
C GLY C 252 39.90 46.46 4.83
N ILE C 253 39.44 46.02 5.99
CA ILE C 253 38.03 46.10 6.36
C ILE C 253 37.87 47.23 7.38
N LEU C 254 37.98 48.48 6.90
CA LEU C 254 37.87 49.64 7.77
C LEU C 254 36.46 50.19 7.91
N LYS C 255 35.46 49.47 7.42
CA LYS C 255 34.08 49.93 7.51
C LYS C 255 33.06 48.80 7.71
N PRO C 256 31.86 49.14 8.22
CA PRO C 256 30.81 48.15 8.45
C PRO C 256 30.38 47.50 7.13
N GLU C 257 30.73 46.23 6.94
CA GLU C 257 30.38 45.55 5.70
C GLU C 257 30.19 44.04 5.84
N ASP C 258 31.15 43.38 6.47
CA ASP C 258 31.11 41.93 6.65
C ASP C 258 31.18 41.31 5.27
N GLU C 259 31.95 41.97 4.39
CA GLU C 259 32.14 41.54 3.01
C GLU C 259 32.65 40.10 2.91
N GLU C 260 31.73 39.16 2.74
CA GLU C 260 32.06 37.74 2.61
C GLU C 260 33.27 37.49 1.72
N ASN C 261 33.35 38.23 0.61
CA ASN C 261 34.45 38.07 -0.34
C ASN C 261 35.82 38.03 0.33
N PHE C 262 36.00 38.87 1.36
CA PHE C 262 37.28 38.90 2.07
C PHE C 262 37.43 37.71 3.01
N GLU C 263 36.37 37.38 3.73
CA GLU C 263 36.38 36.25 4.66
C GLU C 263 36.87 35.00 3.94
N GLU C 264 36.34 34.78 2.75
CA GLU C 264 36.71 33.62 1.95
C GLU C 264 38.10 33.83 1.37
N ALA C 265 38.38 35.05 0.92
CA ALA C 265 39.70 35.39 0.36
C ALA C 265 40.74 35.00 1.40
N ILE C 266 40.37 35.20 2.66
CA ILE C 266 41.23 34.87 3.78
C ILE C 266 41.39 33.35 3.87
N LYS C 267 40.28 32.62 3.81
CA LYS C 267 40.33 31.17 3.90
C LYS C 267 41.18 30.51 2.82
N ASN C 268 41.15 31.05 1.61
CA ASN C 268 41.91 30.50 0.50
C ASN C 268 43.39 30.88 0.53
N VAL C 269 43.75 31.78 1.44
CA VAL C 269 45.13 32.20 1.58
C VAL C 269 46.06 31.01 1.78
N ASN C 270 45.76 30.20 2.79
CA ASN C 270 46.58 29.05 3.13
C ASN C 270 46.48 27.88 2.15
N THR C 271 45.96 28.14 0.96
CA THR C 271 45.84 27.09 -0.03
C THR C 271 46.09 27.66 -1.42
N ALA C 272 46.10 28.98 -1.52
CA ALA C 272 46.34 29.65 -2.79
C ALA C 272 47.77 30.18 -2.89
N LEU C 273 48.46 30.25 -1.75
CA LEU C 273 49.82 30.77 -1.72
C LEU C 273 50.92 29.89 -2.32
N ASN C 274 50.56 28.68 -2.72
CA ASN C 274 51.52 27.78 -3.37
C ASN C 274 50.81 26.58 -3.93
N THR C 275 50.93 26.42 -5.26
CA THR C 275 50.29 25.32 -5.98
C THR C 275 51.17 24.87 -7.13
N THR C 276 52.12 25.73 -7.51
CA THR C 276 53.03 25.46 -8.61
C THR C 276 54.32 24.75 -8.21
N GLN C 277 54.38 23.46 -8.54
CA GLN C 277 55.52 22.60 -8.28
C GLN C 277 55.15 21.24 -8.86
N ILE C 278 56.10 20.60 -9.51
CA ILE C 278 55.87 19.30 -10.14
C ILE C 278 55.55 18.22 -9.11
N PRO C 279 54.34 17.63 -9.19
CA PRO C 279 53.98 16.57 -8.24
C PRO C 279 54.99 15.43 -8.34
N SER C 280 55.43 14.97 -7.18
CA SER C 280 56.40 13.88 -7.10
C SER C 280 56.02 12.69 -7.97
N SER C 281 54.73 12.36 -8.01
CA SER C 281 54.26 11.25 -8.81
C SER C 281 54.57 11.42 -10.29
N ILE C 282 54.47 12.66 -10.77
CA ILE C 282 54.77 12.96 -12.16
C ILE C 282 56.28 12.81 -12.40
N GLU C 283 57.07 13.37 -11.48
CA GLU C 283 58.53 13.31 -11.54
C GLU C 283 58.99 11.87 -11.79
N ASP C 284 58.41 10.94 -11.06
CA ASP C 284 58.73 9.53 -11.20
C ASP C 284 58.40 9.06 -12.62
N ILE C 285 57.30 9.58 -13.16
CA ILE C 285 56.89 9.21 -14.51
C ILE C 285 57.97 9.65 -15.50
N PHE C 286 58.41 10.90 -15.37
CA PHE C 286 59.44 11.47 -16.22
C PHE C 286 60.74 10.66 -16.19
N ASN C 287 61.12 10.21 -14.99
CA ASN C 287 62.36 9.46 -14.83
C ASN C 287 62.28 7.98 -15.16
N ASP C 288 61.10 7.45 -15.42
CA ASP C 288 60.99 6.03 -15.74
C ASP C 288 61.69 5.77 -17.07
N ASP C 289 62.32 4.62 -17.22
CA ASP C 289 63.01 4.30 -18.46
C ASP C 289 62.07 4.33 -19.68
N ARG C 290 60.77 4.23 -19.44
CA ARG C 290 59.80 4.25 -20.53
C ARG C 290 59.56 5.64 -21.08
N CYS C 291 59.83 6.65 -20.27
CA CYS C 291 59.65 8.02 -20.69
C CYS C 291 60.89 8.52 -21.42
N ILE C 292 62.04 8.01 -21.01
CA ILE C 292 63.31 8.42 -21.59
C ILE C 292 63.66 7.70 -22.89
N ASN C 293 63.52 6.39 -22.90
CA ASN C 293 63.84 5.59 -24.08
C ASN C 293 62.63 5.26 -24.93
N ILE C 294 62.20 6.21 -25.76
CA ILE C 294 61.06 6.00 -26.63
C ILE C 294 61.45 5.18 -27.86
N THR C 295 60.52 4.38 -28.35
CA THR C 295 60.76 3.53 -29.50
C THR C 295 59.58 3.64 -30.48
N LYS C 296 59.67 2.91 -31.58
CA LYS C 296 58.61 2.93 -32.59
C LYS C 296 57.49 1.99 -32.17
N GLN C 297 57.47 1.66 -30.88
CA GLN C 297 56.45 0.77 -30.34
C GLN C 297 55.99 1.23 -28.97
N THR C 298 56.48 2.40 -28.55
CA THR C 298 56.10 2.95 -27.26
C THR C 298 54.69 3.51 -27.33
N PRO C 299 53.82 3.12 -26.37
CA PRO C 299 52.43 3.56 -26.29
C PRO C 299 52.25 5.07 -26.34
N SER C 300 51.04 5.47 -26.72
CA SER C 300 50.66 6.87 -26.84
C SER C 300 50.84 7.64 -25.52
N PHE C 301 50.65 6.96 -24.39
CA PHE C 301 50.78 7.61 -23.08
C PHE C 301 52.17 8.13 -22.78
N TRP C 302 53.19 7.28 -22.91
CA TRP C 302 54.54 7.71 -22.62
C TRP C 302 55.07 8.71 -23.64
N ILE C 303 54.54 8.68 -24.85
CA ILE C 303 54.95 9.65 -25.84
C ILE C 303 54.49 11.00 -25.31
N LEU C 304 53.21 11.08 -24.95
CA LEU C 304 52.65 12.31 -24.39
C LEU C 304 53.37 12.64 -23.08
N ALA C 305 53.78 11.61 -22.37
CA ALA C 305 54.48 11.76 -21.09
C ALA C 305 55.81 12.49 -21.31
N ARG C 306 56.60 12.00 -22.26
CA ARG C 306 57.87 12.66 -22.55
C ARG C 306 57.60 14.00 -23.20
N ALA C 307 56.61 14.05 -24.08
CA ALA C 307 56.25 15.30 -24.73
C ALA C 307 56.10 16.35 -23.63
N LEU C 308 55.27 16.03 -22.66
CA LEU C 308 55.01 16.90 -21.53
C LEU C 308 56.30 17.22 -20.78
N LYS C 309 57.21 16.26 -20.73
CA LYS C 309 58.48 16.43 -20.05
C LYS C 309 59.34 17.46 -20.78
N GLU C 310 59.56 17.22 -22.07
CA GLU C 310 60.36 18.12 -22.90
C GLU C 310 59.87 19.55 -22.70
N PHE C 311 58.55 19.71 -22.64
CA PHE C 311 57.96 21.03 -22.44
C PHE C 311 58.53 21.67 -21.19
N VAL C 312 58.42 20.96 -20.06
CA VAL C 312 58.90 21.46 -18.77
C VAL C 312 60.29 22.06 -18.81
N ALA C 313 61.23 21.36 -19.42
CA ALA C 313 62.61 21.84 -19.51
C ALA C 313 62.78 23.17 -20.26
N LYS C 314 61.81 23.52 -21.11
CA LYS C 314 61.91 24.77 -21.86
C LYS C 314 60.73 25.72 -21.77
N GLU C 315 59.78 25.59 -22.69
CA GLU C 315 58.62 26.46 -22.69
C GLU C 315 57.94 26.52 -21.32
N GLY C 316 58.18 25.51 -20.49
CA GLY C 316 57.57 25.48 -19.18
C GLY C 316 58.39 26.19 -18.13
N GLN C 317 59.71 26.11 -18.28
CA GLN C 317 60.65 26.73 -17.35
C GLN C 317 60.65 26.04 -15.99
N GLY C 318 60.71 24.71 -16.03
CA GLY C 318 60.74 23.93 -14.80
C GLY C 318 59.40 23.46 -14.27
N ASN C 319 58.30 23.97 -14.83
CA ASN C 319 56.96 23.58 -14.38
C ASN C 319 56.02 23.15 -15.51
N LEU C 320 55.12 22.23 -15.18
CA LEU C 320 54.13 21.72 -16.11
C LEU C 320 53.29 22.85 -16.73
N PRO C 321 52.42 22.50 -17.69
CA PRO C 321 51.55 23.48 -18.37
C PRO C 321 50.42 23.92 -17.44
N VAL C 322 50.08 25.20 -17.48
CA VAL C 322 49.00 25.69 -16.62
C VAL C 322 47.66 25.09 -17.05
N ARG C 323 46.89 24.62 -16.07
CA ARG C 323 45.59 24.01 -16.35
C ARG C 323 44.69 24.93 -17.14
N GLY C 324 44.28 26.03 -16.53
CA GLY C 324 43.41 26.96 -17.23
C GLY C 324 42.05 27.15 -16.60
N THR C 325 41.72 26.33 -15.61
CA THR C 325 40.45 26.47 -14.92
C THR C 325 40.65 27.14 -13.56
N ILE C 326 39.56 27.68 -13.03
CA ILE C 326 39.60 28.37 -11.74
C ILE C 326 38.30 28.08 -11.01
N PRO C 327 38.30 28.20 -9.67
CA PRO C 327 37.07 27.94 -8.92
C PRO C 327 36.15 29.16 -8.94
N ASP C 328 34.84 28.92 -8.80
CA ASP C 328 33.87 30.01 -8.76
C ASP C 328 34.25 30.88 -7.58
N MET C 329 33.65 32.06 -7.46
CA MET C 329 33.98 32.95 -6.35
C MET C 329 33.12 34.20 -6.29
N ILE C 330 32.54 34.44 -5.12
CA ILE C 330 31.67 35.60 -4.92
C ILE C 330 32.30 36.91 -5.41
N ALA C 331 31.96 37.26 -6.65
CA ALA C 331 32.40 38.49 -7.31
C ALA C 331 31.10 39.00 -7.90
N ASP C 332 31.15 39.85 -8.91
CA ASP C 332 29.89 40.35 -9.47
C ASP C 332 29.42 39.70 -10.77
N SER C 333 29.99 40.05 -11.92
CA SER C 333 29.48 39.43 -13.14
C SER C 333 30.49 39.21 -14.27
N GLY C 334 31.14 40.28 -14.73
CA GLY C 334 32.08 40.12 -15.82
C GLY C 334 33.53 40.27 -15.44
N LYS C 335 33.81 40.24 -14.14
CA LYS C 335 35.17 40.38 -13.64
C LYS C 335 35.84 39.02 -13.59
N TYR C 336 35.06 38.01 -13.24
CA TYR C 336 35.54 36.64 -13.16
C TYR C 336 35.74 36.07 -14.55
N ILE C 337 34.93 36.54 -15.50
CA ILE C 337 35.00 36.08 -16.87
C ILE C 337 36.27 36.63 -17.53
N LYS C 338 36.64 37.86 -17.18
CA LYS C 338 37.84 38.47 -17.74
C LYS C 338 39.06 37.69 -17.25
N LEU C 339 38.96 37.19 -16.02
CA LEU C 339 40.03 36.42 -15.38
C LEU C 339 40.00 34.98 -15.89
N GLN C 340 38.83 34.36 -15.78
CA GLN C 340 38.61 32.99 -16.23
C GLN C 340 39.18 32.79 -17.63
N ASN C 341 39.05 33.81 -18.47
CA ASN C 341 39.53 33.75 -19.86
C ASN C 341 41.04 33.93 -19.96
N VAL C 342 41.63 34.60 -18.97
CA VAL C 342 43.08 34.81 -18.97
C VAL C 342 43.79 33.48 -18.87
N TYR C 343 43.43 32.69 -17.85
CA TYR C 343 44.06 31.39 -17.64
C TYR C 343 43.84 30.49 -18.85
N ARG C 344 42.62 30.52 -19.38
CA ARG C 344 42.30 29.72 -20.54
C ARG C 344 43.34 29.93 -21.63
N GLU C 345 43.45 31.18 -22.09
CA GLU C 345 44.39 31.53 -23.15
C GLU C 345 45.80 30.98 -22.99
N LYS C 346 46.35 31.04 -21.78
CA LYS C 346 47.69 30.50 -21.58
C LYS C 346 47.66 28.97 -21.60
N ALA C 347 46.61 28.40 -21.03
CA ALA C 347 46.49 26.95 -21.02
C ALA C 347 46.53 26.48 -22.47
N LYS C 348 45.75 27.16 -23.31
CA LYS C 348 45.71 26.80 -24.72
C LYS C 348 47.07 26.99 -25.35
N LYS C 349 47.76 28.05 -24.94
CA LYS C 349 49.08 28.39 -25.44
C LYS C 349 50.11 27.30 -25.15
N ASP C 350 50.20 26.87 -23.89
CA ASP C 350 51.15 25.82 -23.51
C ASP C 350 50.73 24.49 -24.12
N ALA C 351 49.43 24.34 -24.35
CA ALA C 351 48.89 23.13 -24.96
C ALA C 351 49.55 22.96 -26.31
N ALA C 352 49.73 24.09 -27.00
CA ALA C 352 50.35 24.12 -28.32
C ALA C 352 51.84 23.79 -28.18
N ALA C 353 52.51 24.50 -27.27
CA ALA C 353 53.93 24.27 -27.03
C ALA C 353 54.17 22.78 -26.81
N VAL C 354 53.31 22.17 -25.99
CA VAL C 354 53.40 20.74 -25.69
C VAL C 354 53.09 19.95 -26.97
N GLY C 355 52.04 20.36 -27.66
CA GLY C 355 51.66 19.70 -28.90
C GLY C 355 52.84 19.63 -29.86
N ASN C 356 53.64 20.70 -29.90
CA ASN C 356 54.80 20.74 -30.77
C ASN C 356 55.72 19.57 -30.46
N HIS C 357 56.09 19.43 -29.19
CA HIS C 357 56.97 18.34 -28.78
C HIS C 357 56.42 16.99 -29.17
N VAL C 358 55.09 16.86 -29.16
CA VAL C 358 54.44 15.61 -29.53
C VAL C 358 54.77 15.28 -30.98
N ALA C 359 54.56 16.25 -31.86
CA ALA C 359 54.83 16.08 -33.29
C ALA C 359 56.31 15.74 -33.51
N LYS C 360 57.20 16.59 -33.01
CA LYS C 360 58.62 16.35 -33.17
C LYS C 360 59.05 15.03 -32.57
N LEU C 361 58.61 14.79 -31.33
CA LEU C 361 58.94 13.56 -30.62
C LEU C 361 58.36 12.36 -31.36
N LEU C 362 57.18 12.55 -31.94
CA LEU C 362 56.50 11.50 -32.68
C LEU C 362 57.13 11.30 -34.06
N GLN C 363 57.74 12.37 -34.58
CA GLN C 363 58.37 12.34 -35.89
C GLN C 363 59.70 11.59 -35.83
N SER C 364 60.50 11.89 -34.81
CA SER C 364 61.79 11.22 -34.64
C SER C 364 61.56 9.72 -34.56
N ILE C 365 60.30 9.34 -34.31
CA ILE C 365 59.90 7.95 -34.22
C ILE C 365 59.15 7.62 -35.50
N GLY C 366 58.57 8.65 -36.11
CA GLY C 366 57.84 8.48 -37.34
C GLY C 366 56.87 7.32 -37.23
N GLN C 367 56.23 7.20 -36.07
CA GLN C 367 55.27 6.13 -35.85
C GLN C 367 53.94 6.48 -36.50
N ALA C 368 53.83 7.73 -36.96
CA ALA C 368 52.63 8.25 -37.62
C ALA C 368 52.67 9.77 -37.65
N PRO C 369 51.86 10.38 -38.53
CA PRO C 369 51.80 11.85 -38.64
C PRO C 369 50.99 12.46 -37.50
N GLU C 370 49.88 11.79 -37.17
CA GLU C 370 49.01 12.26 -36.11
C GLU C 370 48.32 11.10 -35.41
N SER C 371 48.95 10.58 -34.37
CA SER C 371 48.40 9.47 -33.60
C SER C 371 47.71 10.04 -32.36
N ILE C 372 48.07 11.27 -32.03
CA ILE C 372 47.52 11.96 -30.88
C ILE C 372 46.42 12.92 -31.33
N SER C 373 45.18 12.60 -30.98
CA SER C 373 44.05 13.46 -31.34
C SER C 373 44.27 14.86 -30.77
N GLU C 374 43.72 15.85 -31.44
CA GLU C 374 43.86 17.22 -30.97
C GLU C 374 43.01 17.37 -29.73
N LYS C 375 42.13 16.40 -29.52
CA LYS C 375 41.24 16.43 -28.37
C LYS C 375 41.83 15.74 -27.16
N GLU C 376 42.63 14.71 -27.39
CA GLU C 376 43.24 13.99 -26.29
C GLU C 376 44.55 14.65 -25.86
N LEU C 377 44.91 15.74 -26.52
CA LEU C 377 46.11 16.48 -26.16
C LEU C 377 45.68 17.48 -25.12
N LYS C 378 44.53 18.10 -25.38
CA LYS C 378 43.95 19.09 -24.49
C LYS C 378 43.74 18.43 -23.14
N LEU C 379 43.31 17.18 -23.19
CA LEU C 379 43.06 16.37 -22.00
C LEU C 379 44.35 16.15 -21.22
N LEU C 380 45.39 15.75 -21.95
CA LEU C 380 46.69 15.52 -21.36
C LEU C 380 47.15 16.74 -20.58
N CYS C 381 47.24 17.87 -21.26
CA CYS C 381 47.69 19.10 -20.64
C CYS C 381 46.83 19.54 -19.47
N SER C 382 45.53 19.31 -19.54
CA SER C 382 44.66 19.72 -18.44
C SER C 382 44.84 18.79 -17.22
N ASN C 383 45.28 17.56 -17.48
CA ASN C 383 45.50 16.58 -16.41
C ASN C 383 46.97 16.20 -16.30
N SER C 384 47.86 17.12 -16.61
CA SER C 384 49.29 16.81 -16.55
C SER C 384 49.72 16.56 -15.11
N ALA C 385 49.18 17.32 -14.17
CA ALA C 385 49.55 17.15 -12.77
C ALA C 385 48.79 16.04 -12.06
N PHE C 386 48.07 15.22 -12.82
CA PHE C 386 47.28 14.14 -12.22
C PHE C 386 47.58 12.79 -12.84
N LEU C 387 48.53 12.76 -13.77
CA LEU C 387 48.88 11.52 -14.44
C LEU C 387 49.22 10.46 -13.41
N ARG C 388 48.92 9.21 -13.73
CA ARG C 388 49.20 8.13 -12.82
C ARG C 388 49.52 6.86 -13.58
N VAL C 389 50.46 6.10 -13.04
CA VAL C 389 50.86 4.85 -13.66
C VAL C 389 50.81 3.76 -12.62
N VAL C 390 50.00 2.73 -12.88
CA VAL C 390 49.87 1.61 -11.95
C VAL C 390 50.40 0.35 -12.61
N ARG C 391 51.35 -0.29 -11.94
CA ARG C 391 51.97 -1.53 -12.42
C ARG C 391 51.75 -2.62 -11.37
N CYS C 392 51.11 -3.72 -11.77
CA CYS C 392 50.84 -4.82 -10.85
C CYS C 392 51.84 -5.96 -10.95
N ARG C 393 52.31 -6.47 -9.82
CA ARG C 393 53.22 -7.60 -9.85
C ARG C 393 52.34 -8.71 -10.43
N SER C 394 52.94 -9.72 -11.02
CA SER C 394 52.17 -10.81 -11.59
C SER C 394 51.85 -11.79 -10.47
N LEU C 395 50.91 -12.70 -10.71
CA LEU C 395 50.55 -13.69 -9.69
C LEU C 395 51.75 -14.57 -9.41
N ALA C 396 52.52 -14.89 -10.45
CA ALA C 396 53.70 -15.72 -10.31
C ALA C 396 54.71 -14.99 -9.39
N GLU C 397 54.87 -13.69 -9.57
CA GLU C 397 55.80 -12.95 -8.73
C GLU C 397 55.35 -13.08 -7.28
N GLU C 398 54.05 -13.11 -7.05
CA GLU C 398 53.50 -13.22 -5.70
C GLU C 398 53.61 -14.61 -5.07
N TYR C 399 53.59 -15.65 -5.90
CA TYR C 399 53.66 -17.01 -5.39
C TYR C 399 55.06 -17.63 -5.25
N GLY C 400 56.04 -17.08 -5.96
CA GLY C 400 57.39 -17.60 -5.87
C GLY C 400 57.86 -17.61 -4.43
N LEU C 401 58.63 -18.63 -4.05
CA LEU C 401 59.14 -18.76 -2.69
C LEU C 401 60.15 -17.67 -2.35
N ASP C 402 60.90 -17.26 -3.36
CA ASP C 402 61.94 -16.25 -3.19
C ASP C 402 61.47 -14.86 -3.56
N THR C 403 60.40 -14.79 -4.34
CA THR C 403 59.92 -13.49 -4.76
C THR C 403 58.69 -13.00 -3.98
N ILE C 404 58.19 -13.82 -3.06
CA ILE C 404 57.04 -13.42 -2.26
C ILE C 404 57.32 -12.05 -1.63
N ASN C 405 56.26 -11.38 -1.18
CA ASN C 405 56.45 -10.07 -0.58
C ASN C 405 56.33 -10.11 0.93
N LYS C 406 57.26 -10.81 1.58
CA LYS C 406 57.26 -10.97 3.02
C LYS C 406 57.10 -9.75 3.93
N ASP C 407 57.82 -8.66 3.66
CA ASP C 407 57.71 -7.49 4.53
C ASP C 407 56.27 -7.02 4.69
N GLU C 408 55.61 -6.76 3.57
CA GLU C 408 54.21 -6.31 3.54
C GLU C 408 53.35 -7.23 4.40
N ILE C 409 53.54 -8.54 4.22
CA ILE C 409 52.76 -9.52 4.96
C ILE C 409 53.14 -9.55 6.43
N ILE C 410 54.41 -9.36 6.74
CA ILE C 410 54.87 -9.38 8.13
C ILE C 410 54.38 -8.10 8.82
N SER C 411 54.56 -6.95 8.16
CA SER C 411 54.15 -5.67 8.71
C SER C 411 52.69 -5.61 9.13
N SER C 412 51.81 -5.90 8.18
CA SER C 412 50.39 -5.87 8.43
C SER C 412 50.02 -6.75 9.63
N MET C 413 50.73 -7.87 9.78
CA MET C 413 50.46 -8.79 10.88
C MET C 413 50.78 -8.23 12.27
N ASP C 414 51.28 -7.00 12.34
CA ASP C 414 51.59 -6.44 13.65
C ASP C 414 50.28 -6.38 14.42
N ASN C 415 49.19 -6.24 13.68
CA ASN C 415 47.86 -6.25 14.26
C ASN C 415 47.32 -7.63 13.87
N PRO C 416 47.14 -8.53 14.86
CA PRO C 416 46.65 -9.89 14.59
C PRO C 416 45.29 -10.00 13.89
N ASP C 417 44.54 -8.91 13.85
CA ASP C 417 43.24 -8.94 13.18
C ASP C 417 43.28 -8.21 11.86
N ASN C 418 44.47 -7.88 11.41
CA ASN C 418 44.63 -7.18 10.14
C ASN C 418 44.03 -8.01 9.01
N GLU C 419 43.46 -7.33 8.01
CA GLU C 419 42.87 -8.04 6.90
C GLU C 419 43.81 -9.03 6.22
N ILE C 420 45.12 -8.88 6.41
CA ILE C 420 46.04 -9.82 5.77
C ILE C 420 45.93 -11.25 6.28
N VAL C 421 45.41 -11.42 7.50
CA VAL C 421 45.27 -12.77 8.06
C VAL C 421 44.26 -13.58 7.24
N LEU C 422 43.27 -12.90 6.68
CA LEU C 422 42.26 -13.57 5.87
C LEU C 422 42.94 -14.08 4.61
N TYR C 423 43.88 -13.29 4.08
CA TYR C 423 44.62 -13.66 2.88
C TYR C 423 45.42 -14.94 3.15
N LEU C 424 46.02 -15.02 4.33
CA LEU C 424 46.80 -16.19 4.71
C LEU C 424 45.90 -17.42 4.84
N MET C 425 44.75 -17.25 5.48
CA MET C 425 43.81 -18.35 5.64
C MET C 425 43.33 -18.83 4.26
N LEU C 426 43.11 -17.90 3.34
CA LEU C 426 42.69 -18.28 2.00
C LEU C 426 43.76 -19.11 1.33
N ARG C 427 45.01 -18.78 1.61
CA ARG C 427 46.13 -19.53 1.04
C ARG C 427 46.13 -20.91 1.64
N ALA C 428 45.88 -20.98 2.94
CA ALA C 428 45.83 -22.24 3.67
C ALA C 428 44.71 -23.12 3.10
N VAL C 429 43.53 -22.53 2.97
CA VAL C 429 42.39 -23.26 2.45
C VAL C 429 42.63 -23.77 1.03
N ASP C 430 43.34 -23.02 0.20
CA ASP C 430 43.61 -23.49 -1.15
C ASP C 430 44.46 -24.74 -1.09
N ARG C 431 45.37 -24.78 -0.12
CA ARG C 431 46.25 -25.92 0.08
C ARG C 431 45.38 -27.10 0.44
N PHE C 432 44.53 -26.89 1.44
CA PHE C 432 43.60 -27.91 1.91
C PHE C 432 42.88 -28.52 0.71
N HIS C 433 42.45 -27.67 -0.22
CA HIS C 433 41.74 -28.14 -1.40
C HIS C 433 42.67 -28.84 -2.39
N LYS C 434 43.88 -28.32 -2.56
CA LYS C 434 44.83 -28.95 -3.47
C LYS C 434 45.18 -30.32 -2.89
N GLN C 435 44.97 -30.44 -1.58
CA GLN C 435 45.25 -31.67 -0.84
C GLN C 435 44.09 -32.68 -0.89
N GLN C 436 42.91 -32.27 -0.43
CA GLN C 436 41.74 -33.15 -0.40
C GLN C 436 40.74 -32.96 -1.53
N GLY C 437 41.07 -32.15 -2.53
CA GLY C 437 40.15 -31.93 -3.63
C GLY C 437 38.79 -31.47 -3.12
N ARG C 438 38.78 -30.89 -1.92
CA ARG C 438 37.56 -30.36 -1.29
C ARG C 438 37.89 -29.15 -0.42
N TYR C 439 36.93 -28.70 0.38
CA TYR C 439 37.15 -27.55 1.25
C TYR C 439 36.86 -27.82 2.71
N PRO C 440 37.43 -26.99 3.61
CA PRO C 440 37.27 -27.10 5.06
C PRO C 440 35.88 -26.76 5.59
N GLY C 441 35.24 -27.75 6.21
CA GLY C 441 33.94 -27.51 6.82
C GLY C 441 32.71 -27.46 5.92
N VAL C 442 32.63 -28.37 4.95
CA VAL C 442 31.47 -28.41 4.07
C VAL C 442 30.16 -28.52 4.89
N SER C 443 29.82 -29.71 5.33
CA SER C 443 28.61 -29.92 6.13
C SER C 443 28.84 -29.36 7.54
N ASN C 444 29.02 -30.22 8.53
CA ASN C 444 29.29 -29.74 9.89
C ASN C 444 30.36 -30.52 10.64
N TYR C 445 30.05 -31.75 11.02
CA TYR C 445 31.00 -32.61 11.75
C TYR C 445 32.45 -32.23 11.43
N GLN C 446 32.71 -31.96 10.15
CA GLN C 446 34.03 -31.58 9.68
C GLN C 446 34.63 -30.42 10.48
N VAL C 447 33.77 -29.52 10.94
CA VAL C 447 34.21 -28.37 11.72
C VAL C 447 35.13 -28.71 12.88
N GLU C 448 34.82 -29.78 13.60
CA GLU C 448 35.64 -30.20 14.74
C GLU C 448 36.81 -31.06 14.26
N GLU C 449 36.86 -31.34 12.96
CA GLU C 449 37.95 -32.15 12.43
C GLU C 449 38.90 -31.42 11.49
N ASP C 450 38.39 -30.92 10.38
CA ASP C 450 39.23 -30.21 9.42
C ASP C 450 39.94 -29.05 10.10
N ILE C 451 39.50 -28.71 11.31
CA ILE C 451 40.08 -27.62 12.08
C ILE C 451 41.59 -27.80 12.22
N GLY C 452 42.01 -28.71 13.07
CA GLY C 452 43.44 -28.94 13.24
C GLY C 452 44.08 -29.38 11.95
N LYS C 453 43.28 -29.95 11.06
CA LYS C 453 43.75 -30.44 9.78
C LYS C 453 44.04 -29.27 8.84
N LEU C 454 43.35 -28.14 9.06
CA LEU C 454 43.55 -26.94 8.27
C LEU C 454 44.71 -26.17 8.88
N LYS C 455 44.85 -26.29 10.19
CA LYS C 455 45.94 -25.62 10.91
C LYS C 455 47.26 -26.09 10.31
N SER C 456 47.37 -27.39 10.11
CA SER C 456 48.57 -28.01 9.56
C SER C 456 48.94 -27.34 8.25
N CYS C 457 47.95 -27.24 7.37
CA CYS C 457 48.14 -26.62 6.06
C CYS C 457 48.66 -25.19 6.20
N LEU C 458 48.09 -24.44 7.16
CA LEU C 458 48.50 -23.06 7.39
C LEU C 458 49.98 -23.07 7.70
N THR C 459 50.36 -23.91 8.65
CA THR C 459 51.76 -24.07 9.06
C THR C 459 52.60 -24.43 7.85
N GLY C 460 52.13 -25.40 7.07
CA GLY C 460 52.84 -25.81 5.88
C GLY C 460 53.05 -24.67 4.90
N PHE C 461 52.05 -23.80 4.76
CA PHE C 461 52.14 -22.65 3.86
C PHE C 461 53.12 -21.61 4.39
N LEU C 462 52.99 -21.30 5.67
CA LEU C 462 53.86 -20.32 6.30
C LEU C 462 55.32 -20.80 6.21
N GLN C 463 55.59 -21.95 6.82
CA GLN C 463 56.93 -22.52 6.80
C GLN C 463 57.53 -22.51 5.40
N GLU C 464 56.73 -22.84 4.41
CA GLU C 464 57.23 -22.88 3.04
C GLU C 464 57.77 -21.54 2.53
N TYR C 465 57.21 -20.43 3.00
CA TYR C 465 57.66 -19.10 2.56
C TYR C 465 58.48 -18.36 3.62
N GLY C 466 58.78 -19.04 4.72
CA GLY C 466 59.55 -18.41 5.77
C GLY C 466 58.80 -17.30 6.49
N LEU C 467 57.51 -17.50 6.74
CA LEU C 467 56.73 -16.50 7.44
C LEU C 467 56.67 -16.83 8.93
N SER C 468 57.51 -16.17 9.71
CA SER C 468 57.58 -16.38 11.15
C SER C 468 56.41 -15.67 11.81
N VAL C 469 55.28 -15.68 11.12
CA VAL C 469 54.05 -15.04 11.58
C VAL C 469 53.12 -15.99 12.33
N MET C 470 52.35 -15.44 13.27
CA MET C 470 51.39 -16.23 14.05
C MET C 470 49.94 -15.85 13.73
N VAL C 471 49.08 -16.85 13.76
CA VAL C 471 47.67 -16.67 13.47
C VAL C 471 46.81 -17.24 14.60
N LYS C 472 45.90 -16.42 15.13
CA LYS C 472 45.00 -16.85 16.20
C LYS C 472 44.30 -18.11 15.75
N ASP C 473 44.08 -19.04 16.67
CA ASP C 473 43.40 -20.30 16.33
C ASP C 473 41.96 -19.99 15.94
N ASP C 474 41.47 -18.83 16.36
CA ASP C 474 40.11 -18.42 16.06
C ASP C 474 39.86 -18.30 14.56
N TYR C 475 40.90 -17.99 13.80
CA TYR C 475 40.73 -17.87 12.36
C TYR C 475 40.65 -19.23 11.70
N VAL C 476 41.26 -20.24 12.31
CA VAL C 476 41.21 -21.58 11.76
C VAL C 476 39.79 -22.12 11.89
N HIS C 477 39.16 -21.81 13.02
CA HIS C 477 37.79 -22.24 13.29
C HIS C 477 36.85 -21.48 12.35
N GLU C 478 36.88 -20.17 12.49
CA GLU C 478 36.06 -19.27 11.70
C GLU C 478 36.05 -19.65 10.21
N PHE C 479 37.20 -20.01 9.67
CA PHE C 479 37.28 -20.36 8.25
C PHE C 479 36.74 -21.73 7.91
N CYS C 480 36.61 -22.60 8.91
CA CYS C 480 36.07 -23.93 8.66
C CYS C 480 34.56 -23.79 8.65
N ARG C 481 34.06 -22.90 9.49
CA ARG C 481 32.64 -22.62 9.56
C ARG C 481 32.22 -22.27 8.13
N TYR C 482 32.87 -21.26 7.56
CA TYR C 482 32.57 -20.86 6.19
C TYR C 482 32.73 -22.12 5.34
N GLY C 483 31.67 -22.89 5.15
CA GLY C 483 31.80 -24.08 4.34
C GLY C 483 32.02 -23.71 2.89
N ALA C 484 32.95 -22.79 2.66
CA ALA C 484 33.26 -22.31 1.32
C ALA C 484 31.99 -21.69 0.77
N ALA C 485 31.18 -21.14 1.67
CA ALA C 485 29.92 -20.53 1.28
C ALA C 485 30.16 -19.23 0.53
N GLU C 486 29.25 -18.93 -0.38
CA GLU C 486 29.28 -17.72 -1.17
C GLU C 486 28.01 -16.96 -0.80
N PRO C 487 28.00 -16.33 0.39
CA PRO C 487 26.85 -15.57 0.87
C PRO C 487 26.56 -14.47 -0.14
N HIS C 488 25.30 -14.34 -0.54
CA HIS C 488 24.96 -13.35 -1.53
C HIS C 488 25.36 -11.91 -1.25
N THR C 489 25.14 -11.42 -0.03
CA THR C 489 25.47 -10.03 0.25
C THR C 489 26.96 -9.70 0.14
N ILE C 490 27.84 -10.61 0.57
CA ILE C 490 29.26 -10.36 0.44
C ILE C 490 29.56 -10.44 -1.07
N ALA C 491 28.98 -11.44 -1.73
CA ALA C 491 29.17 -11.59 -3.15
C ALA C 491 28.78 -10.31 -3.87
N ALA C 492 27.72 -9.67 -3.38
CA ALA C 492 27.22 -8.44 -4.00
C ALA C 492 28.12 -7.25 -3.70
N PHE C 493 28.69 -7.21 -2.49
CA PHE C 493 29.60 -6.13 -2.12
C PHE C 493 30.77 -6.22 -3.09
N LEU C 494 31.32 -7.42 -3.20
CA LEU C 494 32.45 -7.66 -4.08
C LEU C 494 32.01 -7.37 -5.50
N GLY C 495 30.72 -7.56 -5.78
CA GLY C 495 30.22 -7.31 -7.11
C GLY C 495 30.27 -5.84 -7.53
N GLY C 496 29.95 -4.97 -6.60
CA GLY C 496 29.97 -3.54 -6.90
C GLY C 496 31.38 -3.00 -6.98
N ALA C 497 32.23 -3.44 -6.05
CA ALA C 497 33.61 -2.99 -6.01
C ALA C 497 34.36 -3.46 -7.26
N ALA C 498 34.27 -4.76 -7.55
CA ALA C 498 34.94 -5.31 -8.71
C ALA C 498 34.50 -4.65 -10.01
N ALA C 499 33.18 -4.61 -10.22
CA ALA C 499 32.64 -4.04 -11.45
C ALA C 499 33.20 -2.67 -11.78
N GLN C 500 33.29 -1.79 -10.78
CA GLN C 500 33.82 -0.47 -11.05
C GLN C 500 35.33 -0.51 -11.36
N GLU C 501 36.08 -1.40 -10.72
CA GLU C 501 37.51 -1.46 -11.02
C GLU C 501 37.61 -1.89 -12.49
N VAL C 502 36.72 -2.80 -12.89
CA VAL C 502 36.70 -3.27 -14.27
C VAL C 502 36.43 -2.10 -15.20
N ILE C 503 35.49 -1.24 -14.81
CA ILE C 503 35.14 -0.06 -15.63
C ILE C 503 36.37 0.85 -15.70
N LYS C 504 37.09 0.97 -14.58
CA LYS C 504 38.30 1.79 -14.52
C LYS C 504 39.32 1.31 -15.56
N ILE C 505 39.45 -0.01 -15.68
CA ILE C 505 40.37 -0.63 -16.63
C ILE C 505 39.97 -0.26 -18.05
N ILE C 506 38.72 -0.55 -18.39
CA ILE C 506 38.17 -0.28 -19.72
C ILE C 506 38.36 1.16 -20.15
N THR C 507 37.86 2.09 -19.34
CA THR C 507 37.92 3.51 -19.67
C THR C 507 39.27 4.17 -19.44
N LYS C 508 40.12 3.54 -18.64
CA LYS C 508 41.41 4.14 -18.33
C LYS C 508 41.20 5.42 -17.52
N GLN C 509 40.03 5.51 -16.89
CA GLN C 509 39.68 6.65 -16.05
C GLN C 509 39.69 6.24 -14.57
N PHE C 510 40.05 7.18 -13.70
CA PHE C 510 40.17 6.95 -12.27
C PHE C 510 41.37 6.03 -12.08
N VAL C 511 41.67 5.66 -10.84
CA VAL C 511 42.83 4.81 -10.58
C VAL C 511 42.45 3.46 -10.01
N ILE C 512 42.85 2.40 -10.70
CA ILE C 512 42.56 1.04 -10.22
C ILE C 512 43.33 0.80 -8.95
N PHE C 513 42.84 -0.11 -8.10
CA PHE C 513 43.52 -0.37 -6.86
C PHE C 513 44.80 -1.09 -7.19
N ASN C 514 45.74 -1.11 -6.24
CA ASN C 514 46.98 -1.78 -6.54
C ASN C 514 47.22 -3.09 -5.88
N ASN C 515 46.81 -4.13 -6.60
CA ASN C 515 47.04 -5.48 -6.19
C ASN C 515 46.32 -5.91 -4.94
N THR C 516 45.41 -6.86 -5.07
CA THR C 516 44.75 -7.40 -3.89
C THR C 516 43.97 -6.53 -2.91
N TYR C 517 42.64 -6.64 -2.96
CA TYR C 517 41.74 -5.93 -2.06
C TYR C 517 40.99 -7.01 -1.26
N ILE C 518 40.84 -6.80 0.04
CA ILE C 518 40.18 -7.78 0.91
C ILE C 518 39.18 -7.13 1.84
N TYR C 519 37.94 -7.64 1.81
CA TYR C 519 36.84 -7.11 2.61
C TYR C 519 36.37 -8.15 3.62
N SER C 520 36.02 -7.70 4.82
CA SER C 520 35.54 -8.60 5.87
C SER C 520 34.10 -8.22 6.23
N GLY C 521 33.15 -9.07 5.85
CA GLY C 521 31.75 -8.80 6.16
C GLY C 521 31.48 -8.78 7.64
N MET C 522 32.26 -9.54 8.40
CA MET C 522 32.09 -9.60 9.84
C MET C 522 32.29 -8.25 10.50
N SER C 523 33.49 -7.71 10.35
CA SER C 523 33.82 -6.44 10.96
C SER C 523 33.48 -5.25 10.06
N GLN C 524 33.06 -5.54 8.84
CA GLN C 524 32.75 -4.48 7.89
C GLN C 524 34.01 -3.64 7.72
N THR C 525 35.12 -4.31 7.41
CA THR C 525 36.41 -3.62 7.22
C THR C 525 37.13 -4.17 5.99
N SER C 526 38.01 -3.36 5.42
CA SER C 526 38.78 -3.80 4.26
C SER C 526 40.14 -3.13 4.18
N ALA C 527 40.98 -3.64 3.30
CA ALA C 527 42.30 -3.05 3.13
C ALA C 527 42.93 -3.50 1.83
N THR C 528 43.89 -2.71 1.36
CA THR C 528 44.59 -3.04 0.13
C THR C 528 46.03 -3.40 0.48
N PHE C 529 46.60 -4.28 -0.32
CA PHE C 529 47.98 -4.71 -0.12
C PHE C 529 48.71 -4.84 -1.44
N GLN C 530 50.01 -4.58 -1.45
CA GLN C 530 50.78 -4.76 -2.66
C GLN C 530 51.50 -6.09 -2.47
N LEU C 531 50.87 -7.16 -2.93
CA LEU C 531 51.45 -8.49 -2.81
C LEU C 531 52.11 -8.88 -4.12
N TRP D 9 19.40 -22.08 1.85
CA TRP D 9 19.87 -21.12 2.88
C TRP D 9 21.22 -21.54 3.45
N ASN D 10 21.81 -22.57 2.85
CA ASN D 10 23.11 -23.10 3.24
C ASN D 10 24.12 -22.00 3.58
N HIS D 11 24.14 -20.95 2.75
CA HIS D 11 25.05 -19.84 2.94
C HIS D 11 24.67 -18.92 4.09
N VAL D 12 23.44 -19.05 4.58
CA VAL D 12 22.94 -18.23 5.69
C VAL D 12 22.94 -18.98 7.02
N LYS D 13 22.49 -20.24 7.01
CA LYS D 13 22.43 -21.06 8.22
C LYS D 13 23.74 -21.13 9.00
N LYS D 14 24.86 -21.29 8.28
CA LYS D 14 26.18 -21.40 8.88
C LYS D 14 26.57 -20.29 9.88
N PHE D 15 25.84 -19.19 9.86
CA PHE D 15 26.14 -18.08 10.77
C PHE D 15 25.09 -17.91 11.88
N LEU D 16 24.13 -18.82 11.91
CA LEU D 16 23.05 -18.80 12.91
C LEU D 16 23.08 -20.08 13.73
N GLU D 17 23.50 -21.17 13.09
CA GLU D 17 23.55 -22.48 13.72
C GLU D 17 24.95 -22.93 14.11
N ARG D 18 25.78 -21.96 14.52
CA ARG D 18 27.15 -22.25 14.95
C ARG D 18 27.56 -21.20 15.94
N SER D 19 28.61 -21.48 16.69
CA SER D 19 29.13 -20.52 17.66
C SER D 19 30.27 -19.81 16.95
N GLY D 20 30.83 -18.78 17.57
CA GLY D 20 31.91 -18.07 16.92
C GLY D 20 32.79 -17.27 17.85
N PRO D 21 34.11 -17.37 17.69
CA PRO D 21 35.06 -16.64 18.52
C PRO D 21 34.86 -15.13 18.40
N PHE D 22 34.23 -14.71 17.31
CA PHE D 22 33.96 -13.30 17.05
C PHE D 22 32.48 -12.98 17.13
N THR D 23 31.68 -14.01 17.43
CA THR D 23 30.25 -13.86 17.52
C THR D 23 29.82 -12.73 18.48
N HIS D 24 28.55 -12.31 18.38
CA HIS D 24 28.01 -11.28 19.26
C HIS D 24 27.77 -11.95 20.61
N PRO D 25 28.06 -11.25 21.71
CA PRO D 25 27.85 -11.82 23.05
C PRO D 25 26.51 -12.56 23.22
N ASP D 26 25.42 -11.80 23.30
CA ASP D 26 24.08 -12.36 23.47
C ASP D 26 23.75 -13.55 22.55
N PHE D 27 24.46 -13.64 21.44
CA PHE D 27 24.26 -14.71 20.46
C PHE D 27 24.12 -16.14 20.97
N GLU D 28 23.32 -16.95 20.24
CA GLU D 28 23.07 -18.35 20.56
C GLU D 28 22.58 -19.16 19.33
N PRO D 29 23.18 -20.35 19.09
CA PRO D 29 22.98 -21.35 18.02
C PRO D 29 21.68 -22.14 17.80
N SER D 30 20.57 -21.45 17.50
CA SER D 30 19.33 -22.17 17.26
C SER D 30 18.92 -22.06 15.80
N THR D 31 18.22 -23.06 15.27
CA THR D 31 17.78 -23.01 13.87
C THR D 31 16.74 -21.91 13.67
N GLU D 32 15.91 -21.71 14.69
CA GLU D 32 14.85 -20.70 14.64
C GLU D 32 15.34 -19.26 14.61
N SER D 33 16.61 -19.09 14.24
CA SER D 33 17.19 -17.76 14.11
C SER D 33 16.99 -17.54 12.63
N LEU D 34 16.93 -18.65 11.91
CA LEU D 34 16.68 -18.61 10.48
C LEU D 34 15.18 -18.47 10.43
N GLN D 35 14.51 -19.24 11.27
CA GLN D 35 13.07 -19.17 11.35
C GLN D 35 12.66 -17.78 11.80
N PHE D 36 13.49 -17.18 12.65
CA PHE D 36 13.19 -15.84 13.11
C PHE D 36 13.54 -14.86 12.00
N LEU D 37 14.39 -15.28 11.09
CA LEU D 37 14.78 -14.40 10.01
C LEU D 37 13.78 -14.52 8.88
N LEU D 38 13.60 -15.74 8.41
CA LEU D 38 12.70 -16.02 7.31
C LEU D 38 11.25 -15.72 7.68
N ASP D 39 10.90 -15.91 8.94
CA ASP D 39 9.52 -15.72 9.32
C ASP D 39 9.08 -14.58 10.23
N THR D 40 9.97 -14.01 11.04
CA THR D 40 9.48 -12.97 11.95
C THR D 40 9.87 -11.51 11.75
N CYS D 41 11.16 -11.22 11.75
CA CYS D 41 11.64 -9.85 11.62
C CYS D 41 10.92 -9.04 10.54
N LYS D 42 10.18 -8.01 10.95
CA LYS D 42 9.50 -7.17 9.98
C LYS D 42 10.43 -6.01 9.62
N VAL D 43 10.86 -6.00 8.37
CA VAL D 43 11.75 -4.99 7.88
C VAL D 43 11.07 -3.99 6.95
N LEU D 44 11.39 -2.72 7.11
CA LEU D 44 10.83 -1.69 6.27
C LEU D 44 11.93 -0.99 5.48
N VAL D 45 11.82 -0.96 4.16
CA VAL D 45 12.81 -0.28 3.32
C VAL D 45 12.19 1.02 2.80
N ILE D 46 12.88 2.13 3.00
CA ILE D 46 12.34 3.40 2.52
C ILE D 46 13.04 3.70 1.20
N GLY D 47 12.32 3.54 0.09
CA GLY D 47 12.88 3.81 -1.23
C GLY D 47 12.96 2.59 -2.12
N ALA D 48 12.47 2.72 -3.35
CA ALA D 48 12.51 1.61 -4.29
C ALA D 48 13.44 1.96 -5.46
N GLY D 49 14.21 3.03 -5.30
CA GLY D 49 15.15 3.43 -6.33
C GLY D 49 16.36 2.50 -6.40
N GLY D 50 17.48 3.03 -6.89
CA GLY D 50 18.68 2.23 -7.03
C GLY D 50 19.14 1.43 -5.81
N LEU D 51 19.24 2.12 -4.67
CA LEU D 51 19.69 1.46 -3.46
C LEU D 51 18.62 0.50 -2.93
N GLY D 52 17.37 0.98 -2.90
CA GLY D 52 16.26 0.19 -2.42
C GLY D 52 16.06 -1.15 -3.11
N CYS D 53 16.19 -1.17 -4.44
CA CYS D 53 16.04 -2.40 -5.21
C CYS D 53 17.11 -3.38 -4.79
N GLU D 54 18.34 -2.86 -4.76
CA GLU D 54 19.51 -3.64 -4.39
C GLU D 54 19.30 -4.15 -2.95
N LEU D 55 18.73 -3.30 -2.11
CA LEU D 55 18.47 -3.67 -0.72
C LEU D 55 17.50 -4.84 -0.62
N LEU D 56 16.34 -4.69 -1.25
CA LEU D 56 15.31 -5.74 -1.22
C LEU D 56 15.91 -7.08 -1.70
N LYS D 57 16.70 -7.04 -2.77
CA LYS D 57 17.33 -8.25 -3.26
C LYS D 57 18.18 -8.88 -2.14
N ASN D 58 19.11 -8.11 -1.59
CA ASN D 58 19.99 -8.60 -0.54
C ASN D 58 19.20 -9.12 0.64
N LEU D 59 18.24 -8.34 1.09
CA LEU D 59 17.42 -8.78 2.20
C LEU D 59 16.71 -10.10 1.85
N ALA D 60 16.11 -10.18 0.67
CA ALA D 60 15.41 -11.40 0.26
C ALA D 60 16.34 -12.63 0.21
N LEU D 61 17.49 -12.47 -0.44
CA LEU D 61 18.41 -13.58 -0.55
C LEU D 61 19.06 -13.96 0.77
N SER D 62 18.93 -13.11 1.79
CA SER D 62 19.50 -13.39 3.10
C SER D 62 18.54 -14.19 3.96
N GLY D 63 17.30 -14.30 3.52
CA GLY D 63 16.34 -15.07 4.29
C GLY D 63 15.13 -14.34 4.82
N PHE D 64 15.13 -13.01 4.72
CA PHE D 64 13.99 -12.22 5.20
C PHE D 64 12.77 -12.43 4.33
N ARG D 65 11.60 -12.54 4.95
CA ARG D 65 10.37 -12.73 4.18
C ARG D 65 9.38 -11.58 4.39
N GLN D 66 9.31 -11.06 5.61
CA GLN D 66 8.40 -9.94 5.87
C GLN D 66 9.14 -8.62 5.59
N ILE D 67 9.03 -8.14 4.36
CA ILE D 67 9.70 -6.90 3.97
C ILE D 67 8.73 -5.94 3.27
N HIS D 68 8.71 -4.69 3.72
CA HIS D 68 7.86 -3.65 3.11
C HIS D 68 8.73 -2.59 2.43
N VAL D 69 8.15 -1.89 1.46
CA VAL D 69 8.88 -0.84 0.74
C VAL D 69 7.98 0.35 0.55
N ILE D 70 8.49 1.55 0.83
CA ILE D 70 7.73 2.76 0.66
C ILE D 70 8.36 3.60 -0.44
N ASP D 71 7.54 4.06 -1.38
CA ASP D 71 8.04 4.91 -2.45
C ASP D 71 6.87 5.57 -3.17
N MET D 72 6.94 6.88 -3.34
CA MET D 72 5.88 7.63 -3.99
C MET D 72 6.14 7.84 -5.48
N ASP D 73 7.15 7.16 -6.03
CA ASP D 73 7.49 7.33 -7.44
C ASP D 73 7.12 6.22 -8.42
N THR D 74 7.02 6.64 -9.68
CA THR D 74 6.71 5.74 -10.79
C THR D 74 8.01 5.58 -11.58
N ILE D 75 8.17 4.45 -12.24
CA ILE D 75 9.38 4.17 -13.02
C ILE D 75 9.64 5.15 -14.17
N ASP D 76 10.89 5.59 -14.26
CA ASP D 76 11.31 6.52 -15.29
C ASP D 76 12.54 5.97 -16.04
N VAL D 77 12.77 6.45 -17.26
CA VAL D 77 13.89 6.00 -18.07
C VAL D 77 15.23 6.19 -17.37
N SER D 78 15.38 7.32 -16.67
CA SER D 78 16.64 7.61 -15.97
C SER D 78 16.90 6.69 -14.77
N ASN D 79 16.12 5.62 -14.68
CA ASN D 79 16.25 4.64 -13.61
C ASN D 79 16.75 3.31 -14.15
N LEU D 80 16.58 3.10 -15.45
CA LEU D 80 16.98 1.85 -16.08
C LEU D 80 18.49 1.69 -16.21
N ASN D 81 19.25 2.71 -15.81
CA ASN D 81 20.69 2.63 -15.89
C ASN D 81 21.30 2.01 -14.64
N ARG D 82 20.50 1.92 -13.58
CA ARG D 82 20.98 1.33 -12.32
C ARG D 82 19.96 0.48 -11.60
N GLN D 83 18.71 0.93 -11.57
CA GLN D 83 17.63 0.19 -10.92
C GLN D 83 17.32 -1.02 -11.81
N PHE D 84 17.84 -2.17 -11.42
CA PHE D 84 17.69 -3.40 -12.19
C PHE D 84 16.36 -4.17 -12.12
N LEU D 85 15.50 -3.83 -11.16
CA LEU D 85 14.21 -4.53 -11.04
C LEU D 85 13.17 -3.97 -12.01
N PHE D 86 13.57 -2.93 -12.74
CA PHE D 86 12.67 -2.29 -13.69
C PHE D 86 13.04 -2.59 -15.14
N ARG D 87 12.01 -2.74 -15.97
CA ARG D 87 12.18 -3.02 -17.40
C ARG D 87 11.50 -1.87 -18.14
N PRO D 88 11.73 -1.74 -19.45
CA PRO D 88 11.10 -0.66 -20.23
C PRO D 88 9.58 -0.70 -20.19
N LYS D 89 9.02 -1.89 -20.03
CA LYS D 89 7.59 -2.10 -19.99
C LYS D 89 6.92 -1.71 -18.67
N ASP D 90 7.71 -1.30 -17.69
CA ASP D 90 7.17 -0.92 -16.39
C ASP D 90 7.06 0.58 -16.22
N ILE D 91 7.71 1.33 -17.08
CA ILE D 91 7.69 2.79 -17.00
C ILE D 91 6.27 3.32 -16.76
N GLY D 92 6.16 4.28 -15.84
CA GLY D 92 4.87 4.85 -15.51
C GLY D 92 4.21 4.16 -14.32
N ARG D 93 4.61 2.91 -14.07
CA ARG D 93 4.07 2.14 -12.95
C ARG D 93 4.77 2.58 -11.68
N PRO D 94 4.18 2.28 -10.52
CA PRO D 94 4.83 2.67 -9.25
C PRO D 94 6.11 1.85 -9.07
N LYS D 95 7.15 2.48 -8.57
CA LYS D 95 8.42 1.81 -8.34
C LYS D 95 8.28 0.66 -7.36
N ALA D 96 7.70 0.97 -6.20
CA ALA D 96 7.52 -0.01 -5.14
C ALA D 96 6.76 -1.26 -5.56
N GLU D 97 5.72 -1.06 -6.36
CA GLU D 97 4.91 -2.17 -6.82
C GLU D 97 5.69 -3.09 -7.76
N VAL D 98 6.42 -2.50 -8.69
CA VAL D 98 7.19 -3.31 -9.62
C VAL D 98 8.30 -4.05 -8.90
N ALA D 99 8.98 -3.36 -7.98
CA ALA D 99 10.06 -3.98 -7.22
C ALA D 99 9.54 -5.20 -6.49
N ALA D 100 8.42 -5.03 -5.79
CA ALA D 100 7.79 -6.11 -5.04
C ALA D 100 7.37 -7.23 -5.97
N GLU D 101 6.75 -6.84 -7.08
CA GLU D 101 6.29 -7.79 -8.08
C GLU D 101 7.44 -8.68 -8.48
N PHE D 102 8.50 -8.03 -8.93
CA PHE D 102 9.70 -8.72 -9.40
C PHE D 102 10.28 -9.70 -8.39
N LEU D 103 10.50 -9.22 -7.17
CA LEU D 103 11.11 -10.06 -6.15
C LEU D 103 10.27 -11.20 -5.62
N ASN D 104 8.98 -10.98 -5.36
CA ASN D 104 8.13 -12.06 -4.84
C ASN D 104 8.06 -13.20 -5.85
N ASP D 105 8.43 -12.88 -7.10
CA ASP D 105 8.44 -13.85 -8.18
C ASP D 105 9.80 -14.56 -8.31
N ARG D 106 10.85 -13.77 -8.43
CA ARG D 106 12.20 -14.28 -8.57
C ARG D 106 12.67 -14.92 -7.27
N VAL D 107 12.25 -14.36 -6.14
CA VAL D 107 12.67 -14.91 -4.86
C VAL D 107 11.54 -15.62 -4.14
N PRO D 108 11.50 -16.95 -4.27
CA PRO D 108 10.51 -17.86 -3.68
C PRO D 108 10.27 -17.66 -2.18
N ASN D 109 8.99 -17.63 -1.82
CA ASN D 109 8.57 -17.48 -0.44
C ASN D 109 9.09 -16.25 0.26
N CYS D 110 9.24 -15.17 -0.50
CA CYS D 110 9.65 -13.89 0.05
C CYS D 110 8.37 -13.09 -0.12
N ASN D 111 7.99 -12.33 0.91
CA ASN D 111 6.76 -11.58 0.83
C ASN D 111 6.93 -10.06 0.93
N VAL D 112 7.26 -9.42 -0.19
CA VAL D 112 7.45 -7.98 -0.21
C VAL D 112 6.13 -7.24 -0.43
N VAL D 113 5.76 -6.42 0.54
CA VAL D 113 4.54 -5.62 0.47
C VAL D 113 4.91 -4.20 0.08
N PRO D 114 4.43 -3.76 -1.09
CA PRO D 114 4.70 -2.40 -1.59
C PRO D 114 3.72 -1.38 -1.00
N HIS D 115 4.14 -0.12 -0.94
CA HIS D 115 3.31 0.96 -0.41
C HIS D 115 3.51 2.19 -1.28
N PHE D 116 2.62 2.37 -2.25
CA PHE D 116 2.69 3.53 -3.13
C PHE D 116 2.24 4.71 -2.28
N ASN D 117 3.19 5.24 -1.52
CA ASN D 117 2.96 6.35 -0.61
C ASN D 117 4.25 7.13 -0.39
N LYS D 118 4.16 8.16 0.43
CA LYS D 118 5.31 8.94 0.81
C LYS D 118 5.44 8.65 2.31
N ILE D 119 6.65 8.63 2.85
CA ILE D 119 6.81 8.33 4.27
C ILE D 119 5.93 9.17 5.20
N GLN D 120 5.70 10.43 4.86
CA GLN D 120 4.89 11.27 5.73
C GLN D 120 3.40 10.92 5.76
N ASP D 121 2.98 10.02 4.88
CA ASP D 121 1.58 9.58 4.86
C ASP D 121 1.29 8.73 6.10
N PHE D 122 2.29 8.02 6.61
CA PHE D 122 2.11 7.14 7.77
C PHE D 122 2.46 7.74 9.11
N ASN D 123 1.72 7.33 10.15
CA ASN D 123 1.97 7.82 11.49
C ASN D 123 2.75 6.76 12.28
N ASP D 124 3.12 7.09 13.51
CA ASP D 124 3.90 6.17 14.34
C ASP D 124 3.34 4.75 14.47
N THR D 125 2.02 4.65 14.55
CA THR D 125 1.35 3.35 14.67
C THR D 125 1.88 2.39 13.61
N PHE D 126 2.11 2.94 12.42
CA PHE D 126 2.60 2.13 11.31
C PHE D 126 4.08 1.75 11.51
N TYR D 127 4.92 2.74 11.78
CA TYR D 127 6.35 2.50 11.96
C TYR D 127 6.67 1.66 13.19
N ARG D 128 5.89 1.83 14.26
CA ARG D 128 6.13 1.07 15.47
C ARG D 128 6.00 -0.42 15.20
N GLN D 129 5.43 -0.77 14.06
CA GLN D 129 5.24 -2.16 13.71
C GLN D 129 6.53 -2.87 13.33
N PHE D 130 7.48 -2.11 12.78
CA PHE D 130 8.73 -2.70 12.33
C PHE D 130 9.85 -2.91 13.34
N HIS D 131 10.67 -3.92 13.11
CA HIS D 131 11.82 -4.24 13.96
C HIS D 131 13.01 -3.41 13.52
N ILE D 132 13.21 -3.32 12.20
CA ILE D 132 14.33 -2.56 11.65
C ILE D 132 13.83 -1.74 10.47
N ILE D 133 14.46 -0.59 10.25
CA ILE D 133 14.08 0.28 9.13
C ILE D 133 15.31 0.73 8.36
N VAL D 134 15.33 0.47 7.05
CA VAL D 134 16.45 0.86 6.21
C VAL D 134 16.01 1.97 5.28
N CYS D 135 16.69 3.11 5.36
CA CYS D 135 16.36 4.23 4.50
C CYS D 135 17.42 4.31 3.41
N GLY D 136 16.99 4.13 2.17
CA GLY D 136 17.93 4.18 1.07
C GLY D 136 17.56 5.28 0.10
N LEU D 137 16.91 6.31 0.61
CA LEU D 137 16.48 7.41 -0.22
C LEU D 137 17.55 8.50 -0.21
N ASP D 138 17.63 9.29 -1.28
CA ASP D 138 18.62 10.37 -1.35
C ASP D 138 18.06 11.76 -1.06
N SER D 139 17.23 11.88 -0.04
CA SER D 139 16.66 13.17 0.31
C SER D 139 16.92 13.47 1.78
N ILE D 140 17.75 14.47 2.06
CA ILE D 140 18.04 14.83 3.45
C ILE D 140 16.75 14.96 4.21
N ILE D 141 15.74 15.54 3.57
CA ILE D 141 14.45 15.72 4.21
C ILE D 141 13.87 14.36 4.61
N ALA D 142 13.95 13.38 3.71
CA ALA D 142 13.44 12.05 4.02
C ALA D 142 14.14 11.42 5.22
N ARG D 143 15.48 11.39 5.16
CA ARG D 143 16.27 10.81 6.25
C ARG D 143 15.99 11.56 7.54
N ARG D 144 16.05 12.89 7.48
CA ARG D 144 15.79 13.68 8.66
C ARG D 144 14.38 13.39 9.17
N TRP D 145 13.41 13.29 8.27
CA TRP D 145 12.04 13.01 8.72
C TRP D 145 11.98 11.67 9.42
N ILE D 146 12.36 10.60 8.73
CA ILE D 146 12.30 9.27 9.30
C ILE D 146 13.11 9.19 10.59
N ASN D 147 14.22 9.91 10.64
CA ASN D 147 15.08 9.95 11.82
C ASN D 147 14.23 10.45 12.99
N GLY D 148 13.51 11.54 12.75
CA GLY D 148 12.66 12.12 13.79
C GLY D 148 11.54 11.21 14.20
N MET D 149 10.91 10.57 13.22
CA MET D 149 9.82 9.66 13.51
C MET D 149 10.28 8.56 14.46
N LEU D 150 11.43 7.94 14.17
CA LEU D 150 11.91 6.86 15.02
C LEU D 150 12.33 7.31 16.41
N ILE D 151 12.74 8.57 16.54
CA ILE D 151 13.10 9.08 17.85
C ILE D 151 11.80 9.24 18.65
N SER D 152 10.77 9.81 18.02
CA SER D 152 9.49 10.03 18.70
C SER D 152 8.92 8.72 19.26
N LEU D 153 9.21 7.60 18.59
CA LEU D 153 8.72 6.30 19.04
C LEU D 153 9.25 5.94 20.42
N LEU D 154 10.42 6.44 20.76
CA LEU D 154 11.04 6.14 22.04
C LEU D 154 10.19 6.44 23.26
N ASN D 155 10.11 5.44 24.13
CA ASN D 155 9.35 5.53 25.37
C ASN D 155 10.34 5.56 26.52
N TYR D 156 10.51 6.73 27.12
CA TYR D 156 11.42 6.87 28.26
C TYR D 156 10.68 6.64 29.56
N GLU D 157 11.18 5.70 30.35
CA GLU D 157 10.57 5.36 31.63
C GLU D 157 11.32 6.00 32.80
N ASP D 158 11.03 7.27 33.05
CA ASP D 158 11.66 7.98 34.15
C ASP D 158 13.17 8.03 33.98
N GLY D 159 13.61 8.44 32.78
CA GLY D 159 15.03 8.54 32.51
C GLY D 159 15.56 7.25 31.92
N VAL D 160 14.95 6.14 32.31
CA VAL D 160 15.38 4.86 31.81
C VAL D 160 14.67 4.55 30.50
N LEU D 161 15.40 4.66 29.40
CA LEU D 161 14.84 4.40 28.08
C LEU D 161 14.46 2.93 27.95
N ASP D 162 13.24 2.69 27.48
CA ASP D 162 12.78 1.33 27.29
C ASP D 162 13.47 0.81 26.04
N PRO D 163 14.34 -0.21 26.20
CA PRO D 163 15.05 -0.77 25.05
C PRO D 163 14.16 -1.29 23.91
N SER D 164 13.08 -2.00 24.26
CA SER D 164 12.18 -2.55 23.26
C SER D 164 11.48 -1.44 22.48
N SER D 165 11.68 -0.21 22.96
CA SER D 165 11.10 0.97 22.35
C SER D 165 11.92 1.47 21.15
N ILE D 166 13.18 1.05 21.10
CA ILE D 166 14.12 1.43 20.05
C ILE D 166 13.96 0.68 18.72
N VAL D 167 13.85 1.43 17.63
CA VAL D 167 13.74 0.81 16.32
C VAL D 167 15.03 1.19 15.56
N PRO D 168 15.93 0.22 15.38
CA PRO D 168 17.19 0.46 14.69
C PRO D 168 16.98 1.05 13.30
N LEU D 169 17.88 1.95 12.90
CA LEU D 169 17.77 2.60 11.61
C LEU D 169 19.08 2.53 10.82
N ILE D 170 19.06 1.84 9.69
CA ILE D 170 20.23 1.75 8.83
C ILE D 170 20.00 2.74 7.67
N ASP D 171 20.94 3.67 7.50
CA ASP D 171 20.82 4.69 6.48
C ASP D 171 22.00 4.61 5.53
N GLY D 172 21.69 4.46 4.24
CA GLY D 172 22.72 4.37 3.23
C GLY D 172 22.58 5.41 2.14
N GLY D 173 23.72 5.83 1.59
CA GLY D 173 23.69 6.84 0.57
C GLY D 173 24.85 6.77 -0.40
N THR D 174 24.62 7.35 -1.56
CA THR D 174 25.62 7.37 -2.61
C THR D 174 25.75 8.72 -3.25
N GLU D 175 26.85 8.87 -3.98
CA GLU D 175 27.17 10.07 -4.73
C GLU D 175 28.35 9.70 -5.60
N GLY D 176 28.03 9.27 -6.82
CA GLY D 176 29.07 8.89 -7.76
C GLY D 176 29.86 7.71 -7.25
N PHE D 177 31.12 7.93 -6.94
CA PHE D 177 31.95 6.84 -6.44
C PHE D 177 32.25 6.91 -4.95
N LYS D 178 31.37 7.58 -4.20
CA LYS D 178 31.50 7.70 -2.76
C LYS D 178 30.17 7.24 -2.17
N GLY D 179 30.21 6.58 -1.03
CA GLY D 179 28.99 6.12 -0.43
C GLY D 179 29.13 5.99 1.07
N ASN D 180 28.02 5.98 1.78
CA ASN D 180 28.07 5.84 3.22
C ASN D 180 26.95 4.95 3.73
N ALA D 181 27.19 4.35 4.88
CA ALA D 181 26.24 3.47 5.53
C ALA D 181 26.41 3.73 7.01
N ARG D 182 25.31 3.72 7.75
CA ARG D 182 25.40 3.94 9.18
C ARG D 182 24.26 3.30 9.96
N VAL D 183 24.57 2.90 11.19
CA VAL D 183 23.61 2.28 12.09
C VAL D 183 23.24 3.30 13.17
N ILE D 184 21.96 3.64 13.22
CA ILE D 184 21.48 4.59 14.20
C ILE D 184 20.56 3.83 15.14
N LEU D 185 20.77 4.02 16.44
CA LEU D 185 19.95 3.40 17.47
C LEU D 185 19.37 4.56 18.26
N PRO D 186 18.19 5.06 17.84
CA PRO D 186 17.53 6.18 18.51
C PRO D 186 17.65 6.19 20.04
N GLY D 187 18.04 7.34 20.57
CA GLY D 187 18.18 7.47 22.01
C GLY D 187 19.37 6.76 22.64
N MET D 188 20.29 6.26 21.83
CA MET D 188 21.47 5.57 22.33
C MET D 188 22.72 5.98 21.57
N THR D 189 22.58 6.03 20.25
CA THR D 189 23.69 6.38 19.38
C THR D 189 23.40 7.70 18.68
N ALA D 190 24.40 8.25 18.01
CA ALA D 190 24.26 9.47 17.26
C ALA D 190 23.14 9.25 16.24
N CYS D 191 22.40 10.30 15.92
CA CYS D 191 21.31 10.22 14.97
C CYS D 191 21.60 11.14 13.81
N ILE D 192 20.75 11.11 12.80
CA ILE D 192 20.95 11.95 11.62
C ILE D 192 21.16 13.39 12.05
N GLU D 193 20.29 13.86 12.95
CA GLU D 193 20.39 15.21 13.47
C GLU D 193 21.76 15.37 14.16
N CYS D 194 22.12 14.44 15.04
CA CYS D 194 23.41 14.51 15.74
C CYS D 194 24.58 14.89 14.85
N THR D 195 24.56 14.48 13.59
CA THR D 195 25.66 14.78 12.68
C THR D 195 25.24 15.48 11.39
N LEU D 196 24.39 16.49 11.51
CA LEU D 196 23.90 17.25 10.34
C LEU D 196 25.05 17.70 9.48
N GLU D 197 26.00 18.36 10.13
CA GLU D 197 27.18 18.87 9.49
C GLU D 197 28.05 17.74 8.94
N LEU D 198 27.39 16.86 8.20
CA LEU D 198 28.01 15.72 7.55
C LEU D 198 27.22 15.54 6.25
N TYR D 199 25.95 15.90 6.29
CA TYR D 199 25.07 15.85 5.12
C TYR D 199 24.80 17.29 4.72
N PRO D 200 25.58 17.82 3.75
CA PRO D 200 25.42 19.20 3.28
C PRO D 200 24.06 19.51 2.71
N PRO D 201 23.56 20.72 2.96
CA PRO D 201 22.25 21.08 2.41
C PRO D 201 22.56 21.13 0.93
N GLN D 202 21.55 21.02 0.07
CA GLN D 202 21.84 21.10 -1.34
C GLN D 202 22.65 22.35 -1.68
N VAL D 203 23.15 22.37 -2.91
CA VAL D 203 23.86 23.53 -3.37
C VAL D 203 22.69 24.41 -3.67
N ASN D 204 22.70 25.66 -3.23
CA ASN D 204 21.60 26.58 -3.51
C ASN D 204 22.27 27.96 -3.67
N PHE D 205 22.39 28.50 -4.88
CA PHE D 205 23.13 29.74 -5.00
C PHE D 205 22.52 31.06 -4.61
N PRO D 206 23.37 32.02 -4.20
CA PRO D 206 22.94 33.37 -3.80
C PRO D 206 22.04 34.16 -4.77
N MET D 207 20.97 34.68 -4.20
CA MET D 207 19.99 35.46 -4.95
C MET D 207 20.68 36.64 -5.61
N CYS D 208 21.86 37.00 -5.09
CA CYS D 208 22.65 38.10 -5.62
C CYS D 208 23.45 37.59 -6.81
N THR D 209 23.82 36.31 -6.74
CA THR D 209 24.59 35.72 -7.82
C THR D 209 23.76 35.36 -9.03
N ILE D 210 22.66 34.64 -8.80
CA ILE D 210 21.82 34.24 -9.91
C ILE D 210 21.10 35.39 -10.59
N ALA D 211 20.55 36.32 -9.81
CA ALA D 211 19.80 37.45 -10.34
C ALA D 211 20.60 38.64 -10.85
N SER D 212 21.58 39.10 -10.09
CA SER D 212 22.37 40.27 -10.51
C SER D 212 23.84 39.99 -10.73
N MET D 213 24.29 38.79 -10.37
CA MET D 213 25.71 38.47 -10.51
C MET D 213 26.07 37.17 -11.23
N PRO D 214 25.64 37.01 -12.47
CA PRO D 214 25.95 35.79 -13.22
C PRO D 214 27.45 35.64 -13.42
N ARG D 215 27.96 34.42 -13.27
CA ARG D 215 29.40 34.17 -13.42
C ARG D 215 29.75 32.90 -14.20
N LEU D 216 28.88 31.91 -14.14
CA LEU D 216 29.12 30.64 -14.83
C LEU D 216 27.84 30.03 -15.38
N PRO D 217 27.96 29.07 -16.30
CA PRO D 217 26.83 28.38 -16.94
C PRO D 217 25.75 27.91 -15.98
N GLU D 218 26.17 27.26 -14.89
CA GLU D 218 25.23 26.75 -13.89
C GLU D 218 24.30 27.86 -13.42
N HIS D 219 24.87 29.01 -13.12
CA HIS D 219 24.12 30.16 -12.64
C HIS D 219 22.96 30.56 -13.55
N CYS D 220 23.30 31.06 -14.74
CA CYS D 220 22.30 31.48 -15.70
C CYS D 220 21.14 30.50 -15.72
N ILE D 221 21.48 29.21 -15.72
CA ILE D 221 20.46 28.18 -15.73
C ILE D 221 19.39 28.39 -14.68
N GLU D 222 19.81 28.78 -13.47
CA GLU D 222 18.87 29.00 -12.38
C GLU D 222 17.97 30.21 -12.60
N TYR D 223 18.56 31.34 -12.99
CA TYR D 223 17.76 32.53 -13.23
C TYR D 223 16.49 32.16 -13.97
N VAL D 224 16.63 31.31 -14.97
CA VAL D 224 15.48 30.89 -15.75
C VAL D 224 14.47 30.13 -14.92
N ARG D 225 14.84 28.95 -14.43
CA ARG D 225 13.91 28.16 -13.66
C ARG D 225 13.44 28.79 -12.37
N MET D 226 14.24 29.71 -11.84
CA MET D 226 13.93 30.37 -10.57
C MET D 226 13.32 31.78 -10.67
N LEU D 227 13.62 32.51 -11.73
CA LEU D 227 13.09 33.86 -11.88
C LEU D 227 12.18 34.03 -13.10
N GLN D 228 12.71 33.66 -14.26
CA GLN D 228 11.95 33.79 -15.49
C GLN D 228 10.61 33.09 -15.52
N TRP D 229 10.63 31.76 -15.60
CA TRP D 229 9.41 30.95 -15.69
C TRP D 229 8.21 31.47 -14.88
N PRO D 230 8.41 31.76 -13.60
CA PRO D 230 7.31 32.24 -12.78
C PRO D 230 6.62 33.47 -13.34
N LYS D 231 7.39 34.54 -13.52
CA LYS D 231 6.82 35.77 -14.04
C LYS D 231 6.60 35.81 -15.53
N GLU D 232 7.37 35.04 -16.29
CA GLU D 232 7.24 35.04 -17.74
C GLU D 232 6.27 33.97 -18.23
N GLN D 233 5.60 33.34 -17.28
CA GLN D 233 4.55 32.32 -17.50
C GLN D 233 4.47 31.62 -18.86
N PRO D 234 5.60 31.14 -19.40
CA PRO D 234 5.57 30.47 -20.71
C PRO D 234 4.26 29.76 -21.10
N PHE D 235 4.12 28.49 -20.73
CA PHE D 235 2.92 27.74 -21.09
C PHE D 235 1.91 27.53 -19.98
N GLY D 236 0.70 28.07 -20.19
CA GLY D 236 -0.36 27.94 -19.22
C GLY D 236 -0.45 29.09 -18.23
N GLU D 237 -1.66 29.40 -17.79
CA GLU D 237 -1.87 30.48 -16.82
C GLU D 237 -1.67 29.92 -15.42
N GLY D 238 -1.40 28.62 -15.35
CA GLY D 238 -1.18 27.97 -14.07
C GLY D 238 -0.29 26.75 -14.22
N VAL D 239 -0.09 26.33 -15.47
CA VAL D 239 0.73 25.16 -15.71
C VAL D 239 2.20 25.37 -15.41
N PRO D 240 2.65 24.73 -14.34
CA PRO D 240 4.04 24.84 -13.93
C PRO D 240 4.93 23.81 -14.59
N LEU D 241 6.13 24.23 -14.98
CA LEU D 241 7.07 23.33 -15.63
C LEU D 241 7.53 22.15 -14.79
N ASP D 242 7.22 20.95 -15.25
CA ASP D 242 7.61 19.76 -14.51
C ASP D 242 9.02 19.38 -14.88
N GLY D 243 9.77 18.85 -13.92
CA GLY D 243 11.14 18.45 -14.19
C GLY D 243 11.23 17.43 -15.31
N ASP D 244 10.27 16.52 -15.35
CA ASP D 244 10.28 15.50 -16.39
C ASP D 244 9.58 15.96 -17.65
N ASP D 245 9.69 17.25 -17.94
CA ASP D 245 9.06 17.79 -19.11
C ASP D 245 9.93 18.02 -20.33
N PRO D 246 10.27 16.96 -21.03
CA PRO D 246 11.10 17.12 -22.21
C PRO D 246 10.70 18.30 -23.06
N GLU D 247 9.53 18.21 -23.68
CA GLU D 247 9.02 19.27 -24.53
C GLU D 247 9.21 20.65 -23.91
N HIS D 248 8.90 20.76 -22.63
CA HIS D 248 9.02 22.03 -21.94
C HIS D 248 10.44 22.33 -21.43
N ILE D 249 11.29 21.31 -21.38
CA ILE D 249 12.65 21.54 -20.93
C ILE D 249 13.36 22.43 -21.94
N GLN D 250 12.74 22.59 -23.10
CA GLN D 250 13.33 23.41 -24.15
C GLN D 250 13.59 24.83 -23.67
N TRP D 251 12.51 25.56 -23.42
CA TRP D 251 12.60 26.95 -22.95
C TRP D 251 13.76 27.13 -21.97
N ILE D 252 13.87 26.21 -21.03
CA ILE D 252 14.91 26.25 -20.01
C ILE D 252 16.26 26.37 -20.70
N PHE D 253 16.54 25.41 -21.59
CA PHE D 253 17.80 25.41 -22.30
C PHE D 253 17.91 26.54 -23.31
N GLN D 254 16.95 26.63 -24.21
CA GLN D 254 16.98 27.68 -25.21
C GLN D 254 17.21 29.04 -24.61
N LYS D 255 16.38 29.40 -23.63
CA LYS D 255 16.50 30.69 -22.99
C LYS D 255 17.77 30.82 -22.18
N SER D 256 18.21 29.71 -21.58
CA SER D 256 19.42 29.74 -20.78
C SER D 256 20.60 30.15 -21.65
N LEU D 257 20.78 29.43 -22.76
CA LEU D 257 21.84 29.73 -23.70
C LEU D 257 21.71 31.22 -24.02
N GLU D 258 20.47 31.60 -24.30
CA GLU D 258 20.13 32.97 -24.65
C GLU D 258 20.65 33.98 -23.63
N ARG D 259 20.51 33.67 -22.34
CA ARG D 259 20.97 34.58 -21.30
C ARG D 259 22.47 34.43 -21.04
N ALA D 260 22.97 33.20 -21.14
CA ALA D 260 24.39 32.93 -20.92
C ALA D 260 25.19 33.78 -21.89
N SER D 261 24.63 33.99 -23.08
CA SER D 261 25.28 34.77 -24.12
C SER D 261 25.29 36.25 -23.78
N GLN D 262 24.48 36.63 -22.79
CA GLN D 262 24.35 38.03 -22.38
C GLN D 262 25.50 38.52 -21.48
N TYR D 263 26.24 37.61 -20.86
CA TYR D 263 27.33 38.02 -19.99
C TYR D 263 28.71 37.48 -20.38
N ASN D 264 28.76 36.70 -21.44
CA ASN D 264 30.02 36.10 -21.94
C ASN D 264 30.34 34.79 -21.23
N ILE D 265 29.29 34.09 -20.80
CA ILE D 265 29.44 32.82 -20.11
C ILE D 265 29.46 31.63 -21.07
N ARG D 266 30.61 30.99 -21.16
CA ARG D 266 30.81 29.84 -22.04
C ARG D 266 29.96 28.62 -21.70
N GLY D 267 30.26 27.52 -22.39
CA GLY D 267 29.58 26.25 -22.21
C GLY D 267 28.25 26.12 -21.48
N VAL D 268 27.20 25.83 -22.24
CA VAL D 268 25.86 25.63 -21.69
C VAL D 268 25.19 24.53 -22.51
N THR D 269 25.01 23.37 -21.91
CA THR D 269 24.40 22.28 -22.65
C THR D 269 23.07 21.81 -22.11
N TYR D 270 22.35 21.06 -22.93
CA TYR D 270 21.04 20.52 -22.55
C TYR D 270 21.21 19.70 -21.28
N ARG D 271 22.35 19.01 -21.19
CA ARG D 271 22.67 18.18 -20.04
C ARG D 271 22.83 19.09 -18.81
N LEU D 272 23.69 20.09 -18.93
CA LEU D 272 23.95 21.02 -17.84
C LEU D 272 22.66 21.63 -17.31
N THR D 273 21.72 21.87 -18.21
CA THR D 273 20.44 22.45 -17.86
C THR D 273 19.61 21.54 -16.96
N GLN D 274 19.08 20.47 -17.52
CA GLN D 274 18.26 19.52 -16.77
C GLN D 274 18.88 19.11 -15.45
N GLY D 275 20.20 19.23 -15.36
CA GLY D 275 20.90 18.86 -14.14
C GLY D 275 20.58 19.79 -13.00
N VAL D 276 20.51 21.10 -13.26
CA VAL D 276 20.20 22.09 -12.23
C VAL D 276 18.73 21.95 -11.86
N VAL D 277 17.86 22.00 -12.87
CA VAL D 277 16.43 21.90 -12.65
C VAL D 277 16.10 20.67 -11.84
N LYS D 278 16.47 19.50 -12.38
CA LYS D 278 16.20 18.22 -11.71
C LYS D 278 17.21 18.07 -10.57
N ARG D 279 18.20 18.92 -10.57
CA ARG D 279 19.25 18.81 -9.55
C ARG D 279 19.82 17.41 -9.47
N ILE D 280 20.22 16.92 -10.66
CA ILE D 280 20.77 15.57 -10.82
C ILE D 280 22.06 15.24 -10.11
N ILE D 281 22.00 14.22 -9.28
CA ILE D 281 23.20 13.79 -8.54
C ILE D 281 23.71 12.55 -9.27
N PRO D 282 24.98 12.59 -9.72
CA PRO D 282 25.62 11.49 -10.45
C PRO D 282 25.48 10.18 -9.68
N ALA D 283 25.25 9.08 -10.38
CA ALA D 283 25.11 7.78 -9.74
C ALA D 283 25.33 6.59 -10.68
N VAL D 284 25.83 5.49 -10.13
CA VAL D 284 26.10 4.30 -10.91
C VAL D 284 25.62 3.08 -10.16
N ALA D 285 25.46 1.98 -10.87
CA ALA D 285 25.01 0.75 -10.25
C ALA D 285 25.97 0.27 -9.17
N SER D 286 27.24 0.17 -9.54
CA SER D 286 28.29 -0.34 -8.67
C SER D 286 28.30 0.18 -7.24
N THR D 287 28.32 1.49 -7.04
CA THR D 287 28.36 2.03 -5.69
C THR D 287 27.11 1.65 -4.88
N ASN D 288 25.93 1.80 -5.48
CA ASN D 288 24.70 1.47 -4.77
C ASN D 288 24.69 0.02 -4.30
N ALA D 289 25.24 -0.87 -5.12
CA ALA D 289 25.29 -2.29 -4.74
C ALA D 289 26.25 -2.48 -3.57
N VAL D 290 27.31 -1.67 -3.52
CA VAL D 290 28.26 -1.75 -2.44
C VAL D 290 27.60 -1.32 -1.12
N ILE D 291 27.04 -0.11 -1.10
CA ILE D 291 26.37 0.39 0.09
C ILE D 291 25.19 -0.46 0.52
N ALA D 292 24.40 -0.94 -0.45
CA ALA D 292 23.24 -1.76 -0.12
C ALA D 292 23.69 -3.06 0.52
N ALA D 293 24.86 -3.55 0.11
CA ALA D 293 25.37 -4.78 0.69
C ALA D 293 25.76 -4.54 2.15
N VAL D 294 26.45 -3.43 2.41
CA VAL D 294 26.86 -3.13 3.76
C VAL D 294 25.64 -2.98 4.65
N CYS D 295 24.62 -2.30 4.13
CA CYS D 295 23.40 -2.08 4.89
C CYS D 295 22.71 -3.40 5.17
N ALA D 296 22.56 -4.22 4.12
CA ALA D 296 21.88 -5.50 4.23
C ALA D 296 22.52 -6.38 5.29
N THR D 297 23.84 -6.45 5.26
CA THR D 297 24.60 -7.25 6.22
C THR D 297 24.32 -6.76 7.65
N GLU D 298 24.25 -5.44 7.81
CA GLU D 298 23.99 -4.88 9.12
C GLU D 298 22.58 -5.18 9.56
N VAL D 299 21.64 -5.17 8.62
CA VAL D 299 20.26 -5.48 8.94
C VAL D 299 20.23 -6.92 9.45
N PHE D 300 20.96 -7.80 8.78
CA PHE D 300 21.02 -9.19 9.18
C PHE D 300 21.67 -9.34 10.55
N LYS D 301 22.72 -8.58 10.80
CA LYS D 301 23.41 -8.65 12.08
C LYS D 301 22.46 -8.23 13.19
N ILE D 302 21.73 -7.13 12.98
CA ILE D 302 20.80 -6.66 14.00
C ILE D 302 19.61 -7.60 14.22
N ALA D 303 19.19 -8.30 13.18
CA ALA D 303 18.04 -9.20 13.31
C ALA D 303 18.36 -10.50 14.06
N THR D 304 19.41 -11.18 13.63
CA THR D 304 19.82 -12.44 14.23
C THR D 304 20.68 -12.22 15.45
N SER D 305 21.20 -11.01 15.58
CA SER D 305 22.07 -10.68 16.71
C SER D 305 23.30 -11.55 16.58
N ALA D 306 23.63 -11.90 15.33
CA ALA D 306 24.79 -12.74 15.03
C ALA D 306 26.10 -12.09 15.43
N TYR D 307 26.48 -11.03 14.73
CA TYR D 307 27.72 -10.33 15.04
C TYR D 307 27.45 -8.98 15.69
N ILE D 308 28.50 -8.20 15.87
CA ILE D 308 28.38 -6.88 16.47
C ILE D 308 28.13 -5.90 15.33
N PRO D 309 27.07 -5.08 15.46
CA PRO D 309 26.78 -4.11 14.40
C PRO D 309 27.93 -3.16 14.12
N LEU D 310 28.00 -2.70 12.88
CA LEU D 310 29.00 -1.75 12.45
C LEU D 310 28.91 -0.74 13.58
N ASN D 311 30.03 -0.20 14.09
CA ASN D 311 29.84 0.71 15.20
C ASN D 311 28.76 1.61 14.69
N ASN D 312 29.06 2.58 13.84
CA ASN D 312 27.91 3.32 13.34
C ASN D 312 28.01 4.07 12.04
N TYR D 313 29.20 4.19 11.47
CA TYR D 313 29.31 4.95 10.22
C TYR D 313 30.46 4.51 9.35
N LEU D 314 30.11 3.90 8.23
CA LEU D 314 31.10 3.44 7.27
C LEU D 314 31.06 4.35 6.05
N VAL D 315 32.23 4.58 5.48
CA VAL D 315 32.40 5.43 4.31
C VAL D 315 33.12 4.60 3.24
N PHE D 316 32.66 4.71 1.99
CA PHE D 316 33.26 3.98 0.87
C PHE D 316 33.70 4.96 -0.22
N ASN D 317 34.90 4.76 -0.75
CA ASN D 317 35.37 5.63 -1.80
C ASN D 317 36.04 4.80 -2.89
N ASP D 318 35.53 4.95 -4.11
CA ASP D 318 36.00 4.18 -5.26
C ASP D 318 36.82 4.96 -6.30
N VAL D 319 37.14 6.23 -6.02
CA VAL D 319 37.88 7.08 -6.95
C VAL D 319 39.36 6.74 -7.15
N ASP D 320 40.15 6.91 -6.11
CA ASP D 320 41.57 6.61 -6.18
C ASP D 320 41.74 5.27 -5.48
N GLY D 321 41.96 4.22 -6.25
CA GLY D 321 42.08 2.92 -5.61
C GLY D 321 40.75 2.58 -4.98
N LEU D 322 40.78 1.91 -3.83
CA LEU D 322 39.55 1.48 -3.18
C LEU D 322 39.68 1.44 -1.67
N TYR D 323 38.71 1.97 -0.94
CA TYR D 323 38.78 1.93 0.52
C TYR D 323 37.48 2.18 1.27
N THR D 324 37.40 1.60 2.47
CA THR D 324 36.25 1.79 3.34
C THR D 324 36.89 2.20 4.66
N TYR D 325 36.19 3.04 5.40
CA TYR D 325 36.68 3.51 6.69
C TYR D 325 35.47 3.60 7.61
N THR D 326 35.62 3.11 8.84
CA THR D 326 34.52 3.12 9.79
C THR D 326 34.85 3.98 11.00
N PHE D 327 34.02 4.97 11.26
CA PHE D 327 34.24 5.82 12.42
C PHE D 327 32.98 5.85 13.29
N GLU D 328 33.16 6.12 14.58
CA GLU D 328 32.04 6.17 15.51
C GLU D 328 31.54 7.60 15.64
N ALA D 329 30.29 7.83 15.25
CA ALA D 329 29.74 9.17 15.33
C ALA D 329 29.45 9.58 16.78
N GLU D 330 29.87 10.80 17.13
CA GLU D 330 29.67 11.33 18.46
C GLU D 330 28.26 11.86 18.63
N ARG D 331 27.61 11.46 19.70
CA ARG D 331 26.26 11.90 19.98
C ARG D 331 26.23 13.28 20.63
N LYS D 332 25.82 14.31 19.88
CA LYS D 332 25.73 15.68 20.42
C LYS D 332 24.58 15.76 21.42
N GLU D 333 24.89 16.08 22.67
CA GLU D 333 23.89 16.17 23.74
C GLU D 333 22.84 17.26 23.61
N ASN D 334 23.13 18.33 22.87
CA ASN D 334 22.13 19.37 22.70
C ASN D 334 21.25 19.00 21.53
N CYS D 335 21.65 17.95 20.80
CA CYS D 335 20.93 17.52 19.61
C CYS D 335 19.43 17.73 19.64
N PRO D 336 18.95 18.64 18.79
CA PRO D 336 17.55 19.07 18.59
C PRO D 336 16.62 17.89 18.34
N ALA D 337 17.21 16.70 18.14
CA ALA D 337 16.40 15.53 17.86
C ALA D 337 16.37 14.47 18.97
N CYS D 338 17.50 13.85 19.26
CA CYS D 338 17.50 12.80 20.28
C CYS D 338 17.73 13.20 21.73
N SER D 339 17.96 14.49 21.98
CA SER D 339 18.17 14.93 23.36
C SER D 339 16.83 15.20 24.04
N GLN D 340 16.66 14.62 25.23
CA GLN D 340 15.41 14.78 25.98
C GLN D 340 15.24 16.16 26.60
N LEU D 341 16.21 17.04 26.43
CA LEU D 341 16.13 18.37 27.03
C LEU D 341 15.89 19.49 26.03
N PRO D 342 14.63 19.95 25.89
CA PRO D 342 14.30 21.03 24.96
C PRO D 342 15.37 22.13 24.99
N GLN D 343 15.99 22.36 23.83
CA GLN D 343 17.05 23.35 23.68
C GLN D 343 16.89 24.57 24.58
N ASN D 344 18.01 25.04 25.13
CA ASN D 344 17.98 26.21 26.01
C ASN D 344 18.32 27.47 25.21
N ILE D 345 17.29 28.31 25.09
CA ILE D 345 17.26 29.57 24.35
C ILE D 345 18.15 30.76 24.74
N GLN D 346 18.06 31.78 23.89
CA GLN D 346 18.78 33.02 24.05
C GLN D 346 17.85 33.96 24.81
N LEU D 353 10.89 39.00 14.55
CA LEU D 353 10.74 37.58 14.27
C LEU D 353 11.78 37.05 13.30
N GLN D 354 13.04 37.43 13.46
CA GLN D 354 14.03 36.92 12.53
C GLN D 354 15.10 36.08 13.20
N GLU D 355 14.88 35.77 14.47
CA GLU D 355 15.78 34.90 15.21
C GLU D 355 15.03 33.58 15.19
N VAL D 356 13.71 33.70 15.01
CA VAL D 356 12.87 32.52 14.97
C VAL D 356 12.88 31.88 13.59
N LEU D 357 12.91 32.70 12.54
CA LEU D 357 12.93 32.18 11.18
C LEU D 357 14.36 32.01 10.67
N ASP D 358 15.19 33.01 10.90
CA ASP D 358 16.57 32.95 10.44
C ASP D 358 17.47 32.02 11.24
N TYR D 359 17.29 31.98 12.57
CA TYR D 359 18.12 31.09 13.36
C TYR D 359 17.70 29.66 13.11
N LEU D 360 16.41 29.39 13.31
CA LEU D 360 15.89 28.06 13.10
C LEU D 360 16.11 27.60 11.66
N THR D 361 16.24 28.55 10.74
CA THR D 361 16.44 28.21 9.33
C THR D 361 17.89 28.25 8.85
N ASN D 362 18.61 29.29 9.24
CA ASN D 362 19.99 29.42 8.79
C ASN D 362 21.07 28.86 9.72
N SER D 363 20.70 28.54 10.96
CA SER D 363 21.68 27.98 11.88
C SER D 363 22.09 26.59 11.40
N ALA D 364 23.28 26.14 11.81
CA ALA D 364 23.80 24.85 11.37
C ALA D 364 23.54 23.64 12.27
N SER D 365 22.95 23.83 13.44
CA SER D 365 22.67 22.70 14.34
C SER D 365 21.31 22.10 14.04
N LEU D 366 20.75 22.50 12.91
CA LEU D 366 19.44 22.03 12.50
C LEU D 366 18.87 23.02 11.51
N GLN D 367 19.06 22.77 10.22
CA GLN D 367 18.56 23.68 9.20
C GLN D 367 17.13 23.35 8.82
N MET D 368 16.20 24.23 9.17
CA MET D 368 14.81 24.01 8.83
C MET D 368 14.34 25.19 8.01
N LYS D 369 13.19 25.06 7.36
CA LYS D 369 12.69 26.13 6.52
C LYS D 369 11.48 26.89 7.03
N SER D 370 10.50 26.17 7.55
CA SER D 370 9.29 26.84 8.02
C SER D 370 8.89 26.51 9.45
N PRO D 371 9.36 27.32 10.40
CA PRO D 371 9.08 27.18 11.84
C PRO D 371 7.66 27.57 12.25
N ALA D 372 6.99 26.66 12.94
CA ALA D 372 5.64 26.92 13.44
C ALA D 372 5.82 27.18 14.93
N ILE D 373 5.70 28.44 15.34
CA ILE D 373 5.91 28.78 16.75
C ILE D 373 4.66 28.80 17.63
N THR D 374 4.75 28.07 18.75
CA THR D 374 3.65 27.99 19.69
C THR D 374 4.10 28.42 21.08
N ALA D 375 3.47 29.46 21.63
CA ALA D 375 3.83 29.97 22.95
C ALA D 375 3.19 29.20 24.10
N THR D 376 3.86 29.19 25.24
CA THR D 376 3.39 28.49 26.42
C THR D 376 1.89 28.20 26.46
N LYS D 380 -1.73 26.73 26.75
CA LYS D 380 -2.33 27.50 25.66
C LYS D 380 -2.14 26.78 24.33
N ASN D 381 -1.85 27.57 23.29
CA ASN D 381 -1.64 27.05 21.93
C ASN D 381 -1.71 28.23 20.96
N ARG D 382 -0.59 28.93 20.82
CA ARG D 382 -0.51 30.07 19.92
C ARG D 382 0.50 29.84 18.80
N THR D 383 0.00 29.53 17.60
CA THR D 383 0.88 29.30 16.46
C THR D 383 1.09 30.61 15.72
N LEU D 384 2.26 31.21 15.91
CA LEU D 384 2.61 32.48 15.29
C LEU D 384 2.79 32.38 13.77
N TYR D 385 3.60 31.43 13.31
CA TYR D 385 3.83 31.26 11.89
C TYR D 385 3.41 29.84 11.47
N LEU D 386 2.13 29.69 11.16
CA LEU D 386 1.58 28.39 10.75
C LEU D 386 2.00 27.91 9.37
N GLN D 387 2.62 28.78 8.58
CA GLN D 387 3.08 28.45 7.22
C GLN D 387 2.47 27.16 6.66
N VAL D 389 -2.16 29.89 7.86
CA VAL D 389 -0.78 30.35 7.74
C VAL D 389 -0.71 31.48 6.73
N THR D 390 -1.60 31.44 5.74
CA THR D 390 -1.65 32.52 4.77
C THR D 390 -1.98 33.67 5.70
N SER D 391 -2.66 33.30 6.79
CA SER D 391 -3.07 34.21 7.85
C SER D 391 -1.84 34.57 8.69
N ILE D 392 -0.98 33.58 8.93
CA ILE D 392 0.24 33.76 9.71
C ILE D 392 1.26 34.59 8.93
N GLU D 393 1.46 34.24 7.66
CA GLU D 393 2.40 34.96 6.79
C GLU D 393 1.99 36.42 6.66
N GLU D 394 0.70 36.64 6.48
CA GLU D 394 0.15 37.98 6.31
C GLU D 394 -0.07 38.76 7.61
N ARG D 395 -0.75 38.16 8.57
CA ARG D 395 -1.05 38.82 9.84
C ARG D 395 -0.07 38.62 10.99
N THR D 396 0.78 37.60 10.91
CA THR D 396 1.71 37.35 12.00
C THR D 396 3.11 37.95 11.85
N ARG D 397 3.30 38.86 10.92
CA ARG D 397 4.62 39.46 10.74
C ARG D 397 4.90 40.14 12.08
N PRO D 398 6.08 39.90 12.64
CA PRO D 398 6.50 40.46 13.94
C PRO D 398 6.21 39.52 15.10
N LEU D 415 7.98 28.09 23.41
CA LEU D 415 7.88 28.16 21.95
C LEU D 415 8.17 26.81 21.29
N ALA D 416 7.18 26.32 20.53
CA ALA D 416 7.31 25.04 19.83
C ALA D 416 7.44 25.36 18.36
N VAL D 417 8.30 24.64 17.65
CA VAL D 417 8.48 24.87 16.22
C VAL D 417 8.54 23.57 15.44
N ALA D 418 7.65 23.43 14.46
CA ALA D 418 7.58 22.24 13.61
C ALA D 418 7.97 22.60 12.18
N ASP D 419 8.83 21.78 11.59
CA ASP D 419 9.27 22.01 10.22
C ASP D 419 9.21 20.71 9.42
N VAL D 420 9.24 20.83 8.10
CA VAL D 420 9.18 19.67 7.22
C VAL D 420 10.52 18.92 7.22
N THR D 421 11.15 18.85 8.38
CA THR D 421 12.44 18.17 8.52
C THR D 421 12.37 17.11 9.62
N THR D 422 11.25 17.05 10.31
CA THR D 422 11.07 16.07 11.38
C THR D 422 9.59 15.90 11.70
N PRO D 423 9.18 14.67 11.98
CA PRO D 423 7.80 14.40 12.34
C PRO D 423 7.60 14.86 13.78
N GLN D 424 8.72 15.04 14.48
CA GLN D 424 8.71 15.44 15.88
C GLN D 424 8.58 16.95 16.09
N THR D 425 7.96 17.33 17.21
CA THR D 425 7.79 18.73 17.58
C THR D 425 8.79 19.07 18.68
N VAL D 426 9.73 19.97 18.38
CA VAL D 426 10.75 20.34 19.34
C VAL D 426 10.55 21.72 19.96
N LEU D 427 10.78 21.80 21.27
CA LEU D 427 10.64 23.06 22.00
C LEU D 427 12.02 23.62 22.27
N PHE D 428 12.51 24.45 21.36
CA PHE D 428 13.83 25.05 21.51
C PHE D 428 13.77 26.27 22.44
N LYS D 429 12.64 26.98 22.40
CA LYS D 429 12.46 28.17 23.24
C LYS D 429 11.16 28.17 24.03
N MET E 1 -30.41 20.46 6.84
CA MET E 1 -29.15 21.22 6.60
C MET E 1 -29.37 22.73 6.59
N ILE E 2 -28.67 23.44 7.46
CA ILE E 2 -28.79 24.89 7.53
C ILE E 2 -28.14 25.53 6.29
N LYS E 3 -26.90 25.15 6.00
CA LYS E 3 -26.16 25.69 4.85
C LYS E 3 -25.98 24.59 3.80
N LEU E 4 -26.05 24.96 2.52
CA LEU E 4 -25.88 24.00 1.45
C LEU E 4 -24.40 23.82 1.19
N PHE E 5 -24.01 22.65 0.71
CA PHE E 5 -22.59 22.37 0.44
C PHE E 5 -22.31 22.08 -1.02
N SER E 6 -21.17 22.54 -1.50
CA SER E 6 -20.77 22.30 -2.87
C SER E 6 -19.27 22.00 -2.92
N LEU E 7 -18.90 20.93 -3.61
CA LEU E 7 -17.50 20.55 -3.72
C LEU E 7 -16.79 21.32 -4.85
N LYS E 8 -15.63 21.90 -4.55
CA LYS E 8 -14.86 22.63 -5.56
C LYS E 8 -14.31 21.63 -6.56
N GLN E 9 -14.57 21.85 -7.84
CA GLN E 9 -14.07 20.95 -8.88
C GLN E 9 -12.69 21.36 -9.37
N GLN E 10 -11.78 21.45 -8.42
CA GLN E 10 -10.40 21.80 -8.66
C GLN E 10 -9.58 20.84 -7.82
N LYS E 11 -8.27 20.83 -8.03
CA LYS E 11 -7.41 19.96 -7.23
C LYS E 11 -7.24 20.59 -5.85
N LYS E 12 -6.84 19.78 -4.88
CA LYS E 12 -6.65 20.28 -3.53
C LYS E 12 -5.29 20.99 -3.43
N GLU E 13 -5.04 21.69 -2.32
CA GLU E 13 -3.77 22.40 -2.16
C GLU E 13 -2.62 21.48 -1.71
N LEU F 4 24.51 -3.13 26.25
CA LEU F 4 24.51 -3.41 24.79
C LEU F 4 23.09 -3.70 24.31
N PHE F 5 22.88 -3.56 23.00
CA PHE F 5 21.57 -3.76 22.36
C PHE F 5 21.41 -5.07 21.60
N SER F 6 20.25 -5.71 21.76
CA SER F 6 19.94 -6.96 21.09
C SER F 6 18.46 -6.92 20.71
N LEU F 7 18.14 -7.28 19.47
CA LEU F 7 16.76 -7.29 19.02
C LEU F 7 16.06 -8.56 19.49
N LYS F 8 14.88 -8.41 20.07
CA LYS F 8 14.13 -9.57 20.54
C LYS F 8 13.70 -10.39 19.33
N GLN F 9 13.54 -11.69 19.53
CA GLN F 9 13.12 -12.57 18.45
C GLN F 9 11.68 -13.12 18.62
N GLN F 10 10.71 -12.20 18.76
CA GLN F 10 9.31 -12.52 18.95
C GLN F 10 8.42 -11.47 18.28
N LYS F 11 7.14 -11.67 18.41
CA LYS F 11 6.24 -10.68 17.75
C LYS F 11 6.13 -9.33 18.44
N LYS F 12 5.87 -8.26 17.64
CA LYS F 12 5.66 -6.92 18.20
C LYS F 12 4.22 -6.98 18.64
N GLU F 13 3.96 -6.43 19.83
CA GLU F 13 2.62 -6.45 20.42
C GLU F 13 1.62 -5.61 19.62
#